data_7OR1
#
_entry.id   7OR1
#
_cell.length_a   1.00
_cell.length_b   1.00
_cell.length_c   1.00
_cell.angle_alpha   90.00
_cell.angle_beta   90.00
_cell.angle_gamma   90.00
#
_symmetry.space_group_name_H-M   'P 1'
#
loop_
_entity.id
_entity.type
_entity.pdbx_description
1 polymer 'Transient receptor potential cation channel subfamily A member 1'
2 branched 2-acetamido-2-deoxy-beta-D-glucopyranose-(1-4)-2-acetamido-2-deoxy-beta-D-glucopyranose
3 non-polymer ~{N}-[4-[4-[(azanylidene-$l^{4}-azanylidene)amino]phenyl]-1,3-thiazol-2-yl]-2-[1,3-dimethyl-2,6-bis(oxidanylidene)purin-7-yl]ethanamide
4 non-polymer 1,2-DIACYL-SN-GLYCERO-3-PHOSPHOCHOLINE
5 non-polymer 'CALCIUM ION'
6 non-polymer 2-acetamido-2-deoxy-beta-D-glucopyranose
7 non-polymer 'INOSITOL HEXAKISPHOSPHATE'
8 water water
#
_entity_poly.entity_id   1
_entity_poly.type   'polypeptide(L)'
_entity_poly.pdbx_seq_one_letter_code
;MKRSLRKMWRPGEKKEPQGVVYEDVPDDTEDFKESLKVVFEGSAYGLQNFNKQKKLKTCDDMDTFFLHYAAAEGQIELME
KITRDSSLEVLHEMDDYGNTPLHCAVEKNQIESVKFLLSRGANPNLRNFNMMAPLHIAVQGMNNEVMKVLLEHRTIDVNL
EGENGNTAVIIACTTNNSEALQILLNKGAKPCKSNKWGCFPIHQAAFSGSKECMEIILRFGEEHGYSRQLHINFMNNGKA
TPLHLAVQNGDLEMIKMCLDNGAQIDPVEKGRCTAIHFAATQGATEIVKLMISSYSGSVDIVNTTDGCHETMLHRASLFD
HHELADYLISVGADINKIDSEGRSPLILATASASWNIVNLLLSKGAQVDIKDNFGRNFLHLTVQQPYGLKNLRPEFMQMQ
QIKELVMDEDNDGCTPLHYACRQGGPGSVNNLLGFNVSIHSKSKDKKSPLHFAASYGRINTCQRLLQDISDTRLLNEGDL
HGMTPLHLAAKNGHDKVVQLLLKKGALFLSDHNGWTALHHASMGGYTQTMKVILDTNLKCTDRLDEDGNTALHFAAREGH
AKAVALLLSHNADIVLNKQQASFLHLALHNKRKEVVLTIIRSKRWDECLKIFSHNSPGNKCPITEMIEYLPECMKVLLDF
CMLHSTEDKSCRDYYIEYNFKYLQCPLEFTKKTPTQDVIYEPLTALNAMVQNNRIELLNHPVCKEYLLMKWLAYGFRAHM
MNLGSYCLGLIPMTILVVNIKPGMAFNSTGIINETSDHSEILDTTNSYLIKTCMILVFLSSIFGYCKEAGQIFQQKRNYF
MDISNVLEWIIYTTGIIFVLPLFVEIPAHLQWQCGAIAVYFYWMNFLLYLQRFENCGIFIVMLEVILKTLLRSTVVFIFL
LLAFGLSFYILLNLQDPFSSPLLSIIQTFSMMLGDINYRESFLEPYLRNELAHPVLSFAQLVSFTIFVPIVLMNLLIGLA
VGDIAEVQKHASLKRIAMQVELHTSLEKKLPLWFLRKVDQKSTIVYPNKPRSGGMLFHIFCFLFCTGEIRQEIPNADKSL
EMEILKQKYRLKDLTFLLEKQHELIKLIIQKMEIISETEDDDSHCSFQDRFKKEQMEQRNSRWNTVLRAVKAKTHHLEPA
ENLYFQ
;
_entity_poly.pdbx_strand_id   A,B,C,D
#
# COMPACT_ATOMS: atom_id res chain seq x y z
N LYS A 447 -42.43 16.37 -47.76
CA LYS A 447 -41.61 15.21 -47.39
C LYS A 447 -40.45 15.65 -46.51
N SER A 448 -39.57 16.46 -47.07
CA SER A 448 -38.46 17.01 -46.28
C SER A 448 -38.92 17.85 -45.10
N PRO A 449 -39.95 18.70 -45.21
CA PRO A 449 -40.40 19.43 -44.01
C PRO A 449 -41.01 18.52 -42.96
N LEU A 450 -41.79 17.52 -43.39
CA LEU A 450 -42.47 16.66 -42.41
C LEU A 450 -41.47 15.84 -41.63
N HIS A 451 -40.39 15.39 -42.26
CA HIS A 451 -39.38 14.63 -41.55
C HIS A 451 -38.73 15.47 -40.46
N PHE A 452 -38.39 16.71 -40.77
CA PHE A 452 -37.80 17.60 -39.76
C PHE A 452 -38.79 17.86 -38.63
N ALA A 453 -40.02 18.23 -38.98
CA ALA A 453 -41.01 18.57 -37.97
C ALA A 453 -41.27 17.40 -37.04
N ALA A 454 -41.33 16.18 -37.59
CA ALA A 454 -41.56 15.02 -36.74
C ALA A 454 -40.32 14.66 -35.95
N SER A 455 -39.15 14.82 -36.53
CA SER A 455 -37.92 14.48 -35.84
C SER A 455 -37.65 15.36 -34.65
N TYR A 456 -38.10 16.62 -34.67
CA TYR A 456 -37.83 17.53 -33.56
C TYR A 456 -39.09 17.92 -32.80
N GLY A 457 -40.17 17.18 -32.94
CA GLY A 457 -41.31 17.35 -32.08
C GLY A 457 -42.12 18.61 -32.29
N ARG A 458 -41.95 19.27 -33.43
CA ARG A 458 -42.72 20.48 -33.72
C ARG A 458 -44.13 20.04 -34.13
N ILE A 459 -45.05 20.11 -33.17
CA ILE A 459 -46.32 19.42 -33.32
C ILE A 459 -47.28 20.19 -34.22
N ASN A 460 -47.30 21.52 -34.10
CA ASN A 460 -48.25 22.31 -34.88
C ASN A 460 -47.93 22.25 -36.37
N THR A 461 -46.64 22.22 -36.71
CA THR A 461 -46.26 22.03 -38.10
C THR A 461 -46.78 20.70 -38.63
N CYS A 462 -46.72 19.66 -37.79
CA CYS A 462 -47.25 18.36 -38.21
C CYS A 462 -48.76 18.42 -38.42
N GLN A 463 -49.48 19.07 -37.51
CA GLN A 463 -50.92 19.18 -37.68
C GLN A 463 -51.27 19.94 -38.94
N ARG A 464 -50.49 20.95 -39.29
CA ARG A 464 -50.76 21.71 -40.50
C ARG A 464 -50.47 20.88 -41.75
N LEU A 465 -49.32 20.19 -41.78
CA LEU A 465 -48.97 19.41 -42.96
C LEU A 465 -49.95 18.27 -43.18
N LEU A 466 -50.36 17.61 -42.11
CA LEU A 466 -51.28 16.47 -42.22
C LEU A 466 -52.73 16.94 -42.25
N GLN A 467 -53.03 17.75 -43.26
CA GLN A 467 -54.39 18.21 -43.51
C GLN A 467 -54.88 17.67 -44.84
N ASP A 468 -56.20 17.64 -45.00
CA ASP A 468 -56.86 17.01 -46.15
C ASP A 468 -56.40 15.55 -46.26
N ILE A 469 -56.73 14.80 -45.21
CA ILE A 469 -56.35 13.40 -45.10
C ILE A 469 -57.01 12.59 -46.21
N SER A 470 -56.22 12.18 -47.20
CA SER A 470 -56.73 11.40 -48.31
C SER A 470 -55.59 10.64 -48.97
N ASP A 471 -54.41 11.26 -49.01
CA ASP A 471 -53.22 10.67 -49.61
C ASP A 471 -52.27 10.25 -48.49
N THR A 472 -52.27 8.97 -48.15
CA THR A 472 -51.39 8.43 -47.12
C THR A 472 -50.02 8.06 -47.67
N ARG A 473 -49.68 8.50 -48.89
CA ARG A 473 -48.37 8.21 -49.44
C ARG A 473 -47.30 9.05 -48.76
N LEU A 474 -47.66 10.27 -48.34
CA LEU A 474 -46.70 11.12 -47.65
C LEU A 474 -46.45 10.65 -46.23
N LEU A 475 -47.49 10.11 -45.59
CA LEU A 475 -47.39 9.69 -44.19
C LEU A 475 -46.48 8.48 -44.01
N ASN A 476 -46.55 7.51 -44.91
CA ASN A 476 -45.84 6.25 -44.74
C ASN A 476 -44.67 6.13 -45.71
N GLU A 477 -43.93 7.21 -45.92
CA GLU A 477 -42.79 7.21 -46.82
C GLU A 477 -41.53 7.54 -46.04
N GLY A 478 -40.51 6.70 -46.21
CA GLY A 478 -39.26 6.86 -45.49
C GLY A 478 -38.23 7.63 -46.28
N ASP A 479 -37.22 8.10 -45.57
CA ASP A 479 -36.13 8.85 -46.21
C ASP A 479 -35.17 7.89 -46.89
N LEU A 480 -33.88 8.24 -46.94
CA LEU A 480 -32.91 7.39 -47.61
C LEU A 480 -32.54 6.18 -46.77
N HIS A 481 -32.61 6.26 -45.46
CA HIS A 481 -32.41 5.12 -44.59
C HIS A 481 -33.70 4.37 -44.33
N GLY A 482 -34.77 4.72 -45.04
CA GLY A 482 -36.03 4.02 -44.90
C GLY A 482 -36.76 4.28 -43.61
N MET A 483 -36.52 5.41 -42.96
CA MET A 483 -37.16 5.73 -41.70
C MET A 483 -38.33 6.67 -41.92
N THR A 484 -39.54 6.18 -41.63
CA THR A 484 -40.75 6.97 -41.75
C THR A 484 -40.78 8.04 -40.66
N PRO A 485 -41.69 9.01 -40.77
CA PRO A 485 -41.83 9.99 -39.68
C PRO A 485 -42.03 9.36 -38.32
N LEU A 486 -42.75 8.24 -38.24
CA LEU A 486 -42.96 7.58 -36.96
C LEU A 486 -41.64 7.11 -36.37
N HIS A 487 -40.76 6.58 -37.20
CA HIS A 487 -39.45 6.14 -36.73
C HIS A 487 -38.68 7.28 -36.09
N LEU A 488 -38.69 8.45 -36.73
CA LEU A 488 -37.94 9.59 -36.22
C LEU A 488 -38.56 10.13 -34.94
N ALA A 489 -39.88 10.33 -34.94
CA ALA A 489 -40.55 10.82 -33.75
C ALA A 489 -40.32 9.92 -32.56
N ALA A 490 -40.31 8.60 -32.78
CA ALA A 490 -40.04 7.69 -31.68
C ALA A 490 -38.57 7.66 -31.31
N LYS A 491 -37.68 7.85 -32.29
CA LYS A 491 -36.26 7.83 -32.02
C LYS A 491 -35.87 8.96 -31.08
N ASN A 492 -36.44 10.15 -31.28
CA ASN A 492 -36.13 11.27 -30.41
C ASN A 492 -37.06 11.36 -29.21
N GLY A 493 -38.07 10.50 -29.13
CA GLY A 493 -38.88 10.39 -27.93
C GLY A 493 -39.93 11.45 -27.76
N HIS A 494 -40.69 11.73 -28.81
CA HIS A 494 -41.76 12.73 -28.78
C HIS A 494 -43.08 11.98 -28.83
N ASP A 495 -43.68 11.77 -27.66
CA ASP A 495 -44.84 10.91 -27.57
C ASP A 495 -46.08 11.55 -28.19
N LYS A 496 -46.21 12.88 -28.10
CA LYS A 496 -47.38 13.53 -28.67
C LYS A 496 -47.42 13.38 -30.18
N VAL A 497 -46.27 13.54 -30.83
CA VAL A 497 -46.22 13.38 -32.29
C VAL A 497 -46.52 11.95 -32.67
N VAL A 498 -46.02 10.99 -31.88
CA VAL A 498 -46.29 9.58 -32.16
C VAL A 498 -47.78 9.31 -32.05
N GLN A 499 -48.43 9.84 -31.02
CA GLN A 499 -49.86 9.66 -30.84
C GLN A 499 -50.63 10.26 -32.01
N LEU A 500 -50.24 11.46 -32.42
CA LEU A 500 -50.92 12.11 -33.54
C LEU A 500 -50.76 11.30 -34.82
N LEU A 501 -49.56 10.79 -35.08
CA LEU A 501 -49.34 10.01 -36.29
C LEU A 501 -50.10 8.70 -36.26
N LEU A 502 -50.18 8.06 -35.09
CA LEU A 502 -50.93 6.82 -34.99
C LEU A 502 -52.42 7.04 -35.18
N LYS A 503 -52.92 8.19 -34.72
CA LYS A 503 -54.33 8.50 -34.94
C LYS A 503 -54.66 8.63 -36.42
N LYS A 504 -53.62 8.77 -37.25
CA LYS A 504 -53.84 8.72 -38.70
C LYS A 504 -53.46 7.36 -39.26
N GLY A 505 -52.84 6.51 -38.45
CA GLY A 505 -52.40 5.20 -38.90
C GLY A 505 -51.10 5.24 -39.67
N ALA A 506 -50.06 4.61 -39.14
CA ALA A 506 -48.74 4.66 -39.76
C ALA A 506 -48.13 3.30 -40.05
N LEU A 507 -48.85 2.22 -39.76
CA LEU A 507 -48.59 0.86 -40.26
C LEU A 507 -47.43 0.12 -39.61
N PHE A 508 -46.49 0.79 -38.94
CA PHE A 508 -45.32 0.13 -38.36
C PHE A 508 -44.51 -0.60 -39.42
N LEU A 509 -43.82 0.16 -40.26
CA LEU A 509 -42.97 -0.45 -41.27
C LEU A 509 -41.63 -0.84 -40.66
N SER A 510 -40.59 -0.82 -41.48
CA SER A 510 -39.25 -1.18 -41.05
C SER A 510 -38.23 -0.51 -41.96
N ASP A 511 -37.13 -0.09 -41.37
CA ASP A 511 -36.10 0.62 -42.11
C ASP A 511 -35.11 -0.37 -42.71
N HIS A 512 -33.95 0.15 -43.13
CA HIS A 512 -32.95 -0.68 -43.79
C HIS A 512 -32.14 -1.51 -42.81
N ASN A 513 -32.62 -1.70 -41.59
CA ASN A 513 -32.01 -2.62 -40.63
C ASN A 513 -33.07 -3.43 -39.90
N GLY A 514 -34.31 -3.38 -40.35
CA GLY A 514 -35.36 -4.17 -39.75
C GLY A 514 -35.97 -3.60 -38.49
N TRP A 515 -35.46 -2.48 -38.00
CA TRP A 515 -35.99 -1.91 -36.77
C TRP A 515 -37.40 -1.38 -36.98
N THR A 516 -38.14 -1.27 -35.89
CA THR A 516 -39.44 -0.63 -35.89
C THR A 516 -39.41 0.57 -34.96
N ALA A 517 -40.55 1.24 -34.83
CA ALA A 517 -40.63 2.37 -33.91
C ALA A 517 -40.28 1.95 -32.49
N LEU A 518 -40.72 0.75 -32.09
CA LEU A 518 -40.46 0.29 -30.75
C LEU A 518 -38.98 0.01 -30.52
N HIS A 519 -38.28 -0.46 -31.56
CA HIS A 519 -36.84 -0.65 -31.43
C HIS A 519 -36.14 0.66 -31.12
N HIS A 520 -36.49 1.73 -31.82
CA HIS A 520 -35.86 3.03 -31.57
C HIS A 520 -36.24 3.56 -30.19
N ALA A 521 -37.53 3.51 -29.87
CA ALA A 521 -37.97 4.02 -28.57
C ALA A 521 -37.30 3.29 -27.42
N SER A 522 -37.03 2.00 -27.60
CA SER A 522 -36.38 1.24 -26.52
C SER A 522 -34.89 1.50 -26.49
N MET A 523 -34.26 1.62 -27.67
CA MET A 523 -32.85 1.99 -27.72
C MET A 523 -32.61 3.31 -27.02
N GLY A 524 -33.56 4.24 -27.11
CA GLY A 524 -33.44 5.51 -26.42
C GLY A 524 -33.79 5.44 -24.96
N GLY A 525 -34.80 4.65 -24.63
CA GLY A 525 -35.21 4.50 -23.25
C GLY A 525 -36.41 5.32 -22.87
N TYR A 526 -37.12 5.89 -23.84
CA TYR A 526 -38.25 6.76 -23.57
C TYR A 526 -39.46 5.90 -23.27
N THR A 527 -39.75 5.70 -21.98
CA THR A 527 -40.82 4.80 -21.60
C THR A 527 -42.18 5.33 -22.00
N GLN A 528 -42.32 6.64 -22.12
CA GLN A 528 -43.63 7.22 -22.40
C GLN A 528 -44.08 6.92 -23.84
N THR A 529 -43.19 7.13 -24.82
CA THR A 529 -43.56 6.79 -26.18
C THR A 529 -43.70 5.28 -26.36
N MET A 530 -42.97 4.49 -25.56
CA MET A 530 -43.17 3.05 -25.58
C MET A 530 -44.57 2.69 -25.10
N LYS A 531 -45.01 3.32 -24.02
CA LYS A 531 -46.35 3.08 -23.51
C LYS A 531 -47.40 3.52 -24.52
N VAL A 532 -47.12 4.59 -25.24
CA VAL A 532 -48.07 5.04 -26.27
C VAL A 532 -48.15 4.02 -27.40
N ILE A 533 -47.00 3.47 -27.81
CA ILE A 533 -47.00 2.50 -28.90
C ILE A 533 -47.70 1.22 -28.48
N LEU A 534 -47.46 0.76 -27.25
CA LEU A 534 -47.94 -0.54 -26.82
C LEU A 534 -49.44 -0.59 -26.57
N ASP A 535 -50.20 0.42 -26.97
CA ASP A 535 -51.64 0.40 -26.81
C ASP A 535 -52.40 0.54 -28.12
N THR A 536 -51.89 -0.03 -29.21
CA THR A 536 -52.52 0.13 -30.51
C THR A 536 -52.75 -1.20 -31.20
N ASN A 537 -51.72 -1.76 -31.82
CA ASN A 537 -51.85 -3.02 -32.53
C ASN A 537 -51.48 -4.19 -31.62
N LEU A 538 -50.57 -3.94 -30.68
CA LEU A 538 -50.13 -4.95 -29.71
C LEU A 538 -49.57 -6.19 -30.41
N LYS A 539 -49.06 -6.01 -31.63
CA LYS A 539 -48.48 -7.10 -32.38
C LYS A 539 -47.03 -6.86 -32.77
N CYS A 540 -46.47 -5.69 -32.45
CA CYS A 540 -45.09 -5.39 -32.79
C CYS A 540 -44.12 -5.73 -31.68
N THR A 541 -44.60 -6.24 -30.55
CA THR A 541 -43.75 -6.45 -29.40
C THR A 541 -42.66 -7.48 -29.69
N ASP A 542 -42.93 -8.40 -30.61
CA ASP A 542 -42.04 -9.54 -30.84
C ASP A 542 -41.52 -9.54 -32.28
N ARG A 543 -41.17 -8.37 -32.77
CA ARG A 543 -40.57 -8.25 -34.09
C ARG A 543 -39.07 -8.42 -33.99
N LEU A 544 -38.44 -8.74 -35.12
CA LEU A 544 -37.01 -9.02 -35.16
C LEU A 544 -36.35 -8.22 -36.27
N ASP A 545 -35.16 -7.72 -35.99
CA ASP A 545 -34.40 -6.98 -36.98
C ASP A 545 -33.55 -7.96 -37.79
N GLU A 546 -32.45 -7.45 -38.35
CA GLU A 546 -31.61 -8.28 -39.21
C GLU A 546 -30.83 -9.31 -38.42
N ASP A 547 -30.64 -9.09 -37.12
CA ASP A 547 -29.89 -9.99 -36.27
C ASP A 547 -30.76 -10.69 -35.25
N GLY A 548 -32.06 -10.72 -35.47
CA GLY A 548 -32.96 -11.41 -34.55
C GLY A 548 -33.02 -10.81 -33.17
N ASN A 549 -32.78 -9.51 -33.05
CA ASN A 549 -32.90 -8.81 -31.77
C ASN A 549 -34.31 -8.26 -31.61
N THR A 550 -34.86 -8.40 -30.42
CA THR A 550 -36.14 -7.78 -30.12
C THR A 550 -35.91 -6.42 -29.48
N ALA A 551 -37.00 -5.72 -29.16
CA ALA A 551 -36.87 -4.45 -28.46
C ALA A 551 -36.27 -4.66 -27.07
N LEU A 552 -36.59 -5.79 -26.44
CA LEU A 552 -36.05 -6.08 -25.12
C LEU A 552 -34.54 -6.20 -25.16
N HIS A 553 -33.99 -6.78 -26.24
CA HIS A 553 -32.55 -6.86 -26.38
C HIS A 553 -31.90 -5.49 -26.29
N PHE A 554 -32.45 -4.52 -27.01
CA PHE A 554 -31.86 -3.18 -27.02
C PHE A 554 -32.06 -2.48 -25.68
N ALA A 555 -33.27 -2.54 -25.14
CA ALA A 555 -33.51 -1.90 -23.85
C ALA A 555 -32.60 -2.44 -22.77
N ALA A 556 -32.23 -3.72 -22.86
CA ALA A 556 -31.34 -4.29 -21.86
C ALA A 556 -29.89 -3.99 -22.16
N ARG A 557 -29.51 -3.97 -23.43
CA ARG A 557 -28.12 -3.69 -23.77
C ARG A 557 -27.75 -2.26 -23.42
N GLU A 558 -28.68 -1.33 -23.55
CA GLU A 558 -28.37 0.06 -23.25
C GLU A 558 -28.50 0.41 -21.78
N GLY A 559 -29.10 -0.43 -20.97
CA GLY A 559 -29.17 -0.20 -19.54
C GLY A 559 -30.35 0.61 -19.07
N HIS A 560 -31.49 0.50 -19.73
CA HIS A 560 -32.68 1.27 -19.37
C HIS A 560 -33.59 0.35 -18.55
N ALA A 561 -33.49 0.47 -17.22
CA ALA A 561 -34.20 -0.45 -16.34
C ALA A 561 -35.71 -0.32 -16.47
N LYS A 562 -36.21 0.91 -16.49
CA LYS A 562 -37.65 1.10 -16.53
C LYS A 562 -38.24 0.61 -17.85
N ALA A 563 -37.51 0.76 -18.94
CA ALA A 563 -37.98 0.22 -20.22
C ALA A 563 -38.08 -1.29 -20.17
N VAL A 564 -37.10 -1.95 -19.54
CA VAL A 564 -37.14 -3.41 -19.43
C VAL A 564 -38.31 -3.84 -18.54
N ALA A 565 -38.52 -3.13 -17.43
CA ALA A 565 -39.64 -3.46 -16.56
C ALA A 565 -40.96 -3.30 -17.30
N LEU A 566 -41.10 -2.24 -18.09
CA LEU A 566 -42.33 -2.03 -18.84
C LEU A 566 -42.52 -3.09 -19.90
N LEU A 567 -41.44 -3.50 -20.56
CA LEU A 567 -41.58 -4.52 -21.61
C LEU A 567 -41.86 -5.88 -21.02
N LEU A 568 -41.43 -6.13 -19.78
CA LEU A 568 -41.73 -7.40 -19.14
C LEU A 568 -43.15 -7.42 -18.57
N SER A 569 -43.61 -6.28 -18.07
CA SER A 569 -44.97 -6.20 -17.54
C SER A 569 -45.99 -6.58 -18.61
N HIS A 570 -45.74 -6.18 -19.84
CA HIS A 570 -46.47 -6.74 -20.97
C HIS A 570 -45.81 -8.03 -21.41
N ASN A 571 -46.61 -8.95 -21.93
CA ASN A 571 -46.08 -10.28 -22.21
C ASN A 571 -45.17 -10.25 -23.43
N ALA A 572 -43.91 -9.89 -23.21
CA ALA A 572 -42.92 -9.90 -24.27
C ALA A 572 -42.24 -11.25 -24.29
N ASP A 573 -41.86 -11.69 -25.50
CA ASP A 573 -41.22 -12.98 -25.69
C ASP A 573 -39.76 -12.89 -25.28
N ILE A 574 -39.19 -14.02 -24.90
CA ILE A 574 -37.79 -14.11 -24.51
C ILE A 574 -37.12 -15.13 -25.40
N VAL A 575 -36.36 -14.66 -26.39
CA VAL A 575 -35.76 -15.51 -27.40
C VAL A 575 -34.27 -15.23 -27.45
N LEU A 576 -33.59 -15.97 -28.32
CA LEU A 576 -32.19 -15.74 -28.60
C LEU A 576 -32.07 -15.04 -29.96
N ASN A 577 -30.84 -14.68 -30.34
CA ASN A 577 -30.61 -14.05 -31.62
C ASN A 577 -29.65 -14.92 -32.42
N LYS A 578 -28.89 -14.30 -33.32
CA LYS A 578 -27.97 -15.07 -34.16
C LYS A 578 -26.77 -15.57 -33.37
N GLN A 579 -26.42 -14.91 -32.27
CA GLN A 579 -25.35 -15.39 -31.41
C GLN A 579 -25.88 -16.17 -30.21
N GLN A 580 -27.15 -16.59 -30.25
CA GLN A 580 -27.78 -17.34 -29.17
C GLN A 580 -27.64 -16.61 -27.84
N ALA A 581 -27.76 -15.28 -27.88
CA ALA A 581 -27.71 -14.45 -26.68
C ALA A 581 -29.09 -13.90 -26.39
N SER A 582 -29.56 -14.11 -25.17
CA SER A 582 -30.79 -13.51 -24.71
C SER A 582 -30.51 -12.10 -24.22
N PHE A 583 -31.56 -11.41 -23.78
CA PHE A 583 -31.35 -10.05 -23.29
C PHE A 583 -30.57 -10.05 -21.98
N LEU A 584 -30.67 -11.13 -21.21
CA LEU A 584 -29.89 -11.21 -19.97
C LEU A 584 -28.40 -11.31 -20.26
N HIS A 585 -28.02 -12.03 -21.30
CA HIS A 585 -26.61 -12.10 -21.67
C HIS A 585 -26.08 -10.73 -22.08
N LEU A 586 -26.89 -9.97 -22.82
CA LEU A 586 -26.45 -8.64 -23.24
C LEU A 586 -26.36 -7.70 -22.05
N ALA A 587 -27.27 -7.83 -21.09
CA ALA A 587 -27.18 -7.00 -19.90
C ALA A 587 -25.96 -7.36 -19.06
N LEU A 588 -25.58 -8.63 -19.05
CA LEU A 588 -24.45 -9.04 -18.23
C LEU A 588 -23.13 -8.66 -18.87
N HIS A 589 -23.01 -8.82 -20.20
CA HIS A 589 -21.75 -8.52 -20.86
C HIS A 589 -21.40 -7.04 -20.80
N ASN A 590 -22.40 -6.17 -20.59
CA ASN A 590 -22.17 -4.74 -20.50
C ASN A 590 -22.21 -4.23 -19.07
N LYS A 591 -22.35 -5.12 -18.09
CA LYS A 591 -22.28 -4.77 -16.68
C LYS A 591 -23.34 -3.75 -16.28
N ARG A 592 -24.55 -3.93 -16.83
CA ARG A 592 -25.67 -3.08 -16.49
C ARG A 592 -26.31 -3.64 -15.23
N LYS A 593 -25.92 -3.09 -14.08
CA LYS A 593 -26.32 -3.68 -12.81
C LYS A 593 -27.82 -3.52 -12.57
N GLU A 594 -28.36 -2.34 -12.84
CA GLU A 594 -29.73 -2.05 -12.43
C GLU A 594 -30.74 -2.85 -13.22
N VAL A 595 -30.49 -3.06 -14.51
CA VAL A 595 -31.42 -3.85 -15.30
C VAL A 595 -31.38 -5.30 -14.87
N VAL A 596 -30.21 -5.79 -14.45
CA VAL A 596 -30.12 -7.17 -13.98
C VAL A 596 -30.85 -7.32 -12.66
N LEU A 597 -30.69 -6.37 -11.75
CA LEU A 597 -31.46 -6.41 -10.51
C LEU A 597 -32.96 -6.36 -10.80
N THR A 598 -33.36 -5.60 -11.82
CA THR A 598 -34.77 -5.55 -12.19
C THR A 598 -35.26 -6.90 -12.69
N ILE A 599 -34.46 -7.56 -13.53
CA ILE A 599 -34.83 -8.89 -14.02
C ILE A 599 -34.95 -9.86 -12.86
N ILE A 600 -34.06 -9.75 -11.87
CA ILE A 600 -34.08 -10.68 -10.74
C ILE A 600 -35.32 -10.45 -9.88
N ARG A 601 -35.52 -9.21 -9.43
CA ARG A 601 -36.61 -8.92 -8.51
C ARG A 601 -37.99 -9.20 -9.10
N SER A 602 -38.09 -9.37 -10.40
CA SER A 602 -39.41 -9.48 -11.01
C SER A 602 -39.86 -10.93 -11.06
N LYS A 603 -41.12 -11.12 -11.47
CA LYS A 603 -41.54 -12.44 -11.90
C LYS A 603 -40.86 -12.77 -13.23
N ARG A 604 -41.24 -13.89 -13.80
CA ARG A 604 -40.68 -14.38 -15.05
C ARG A 604 -39.18 -14.63 -14.95
N TRP A 605 -38.59 -14.51 -13.76
CA TRP A 605 -37.16 -14.75 -13.60
C TRP A 605 -36.80 -16.19 -13.93
N ASP A 606 -37.75 -17.11 -13.72
CA ASP A 606 -37.49 -18.52 -13.98
C ASP A 606 -37.28 -18.78 -15.47
N GLU A 607 -38.19 -18.31 -16.31
CA GLU A 607 -38.02 -18.51 -17.74
C GLU A 607 -36.80 -17.76 -18.27
N CYS A 608 -36.55 -16.56 -17.75
CA CYS A 608 -35.33 -15.85 -18.12
C CYS A 608 -34.10 -16.69 -17.82
N LEU A 609 -34.11 -17.40 -16.69
CA LEU A 609 -32.98 -18.26 -16.34
C LEU A 609 -32.90 -19.47 -17.25
N LYS A 610 -34.05 -20.04 -17.64
CA LYS A 610 -34.05 -21.24 -18.44
C LYS A 610 -33.75 -21.00 -19.92
N ILE A 611 -33.87 -19.76 -20.40
CA ILE A 611 -33.88 -19.53 -21.84
C ILE A 611 -32.54 -19.81 -22.51
N PHE A 612 -31.43 -19.74 -21.78
CA PHE A 612 -30.12 -19.89 -22.40
C PHE A 612 -29.99 -21.22 -23.13
N SER A 613 -28.94 -21.34 -23.93
CA SER A 613 -28.67 -22.54 -24.70
C SER A 613 -27.20 -22.94 -24.55
N HIS A 614 -26.97 -24.25 -24.54
CA HIS A 614 -25.62 -24.79 -24.49
C HIS A 614 -24.93 -24.57 -25.82
N ASN A 615 -23.84 -25.33 -26.03
CA ASN A 615 -23.08 -25.35 -27.27
C ASN A 615 -22.52 -23.99 -27.66
N SER A 616 -22.69 -22.97 -26.82
CA SER A 616 -22.24 -21.64 -27.15
C SER A 616 -21.05 -21.26 -26.29
N PRO A 617 -19.87 -21.06 -26.88
CA PRO A 617 -18.70 -20.71 -26.07
C PRO A 617 -18.70 -19.28 -25.58
N GLY A 618 -19.68 -18.47 -25.99
CA GLY A 618 -19.67 -17.07 -25.61
C GLY A 618 -20.78 -16.69 -24.65
N ASN A 619 -21.91 -17.38 -24.71
CA ASN A 619 -23.09 -17.08 -23.90
C ASN A 619 -23.45 -18.33 -23.10
N LYS A 620 -22.78 -18.52 -21.97
CA LYS A 620 -22.99 -19.72 -21.17
C LYS A 620 -24.19 -19.57 -20.25
N CYS A 621 -24.25 -20.38 -19.20
CA CYS A 621 -25.38 -20.30 -18.28
C CYS A 621 -25.40 -18.93 -17.61
N PRO A 622 -26.57 -18.37 -17.34
CA PRO A 622 -26.62 -17.06 -16.69
C PRO A 622 -25.93 -16.99 -15.35
N ILE A 623 -25.88 -18.10 -14.60
CA ILE A 623 -25.26 -18.05 -13.27
C ILE A 623 -23.76 -17.91 -13.38
N THR A 624 -23.13 -18.66 -14.29
CA THR A 624 -21.70 -18.53 -14.47
C THR A 624 -21.32 -17.14 -14.96
N GLU A 625 -22.12 -16.59 -15.89
CA GLU A 625 -21.86 -15.24 -16.37
C GLU A 625 -22.04 -14.22 -15.25
N MET A 626 -23.03 -14.42 -14.38
CA MET A 626 -23.25 -13.48 -13.30
C MET A 626 -22.12 -13.53 -12.30
N ILE A 627 -21.55 -14.72 -12.09
CA ILE A 627 -20.39 -14.83 -11.22
C ILE A 627 -19.18 -14.17 -11.86
N GLU A 628 -19.09 -14.24 -13.18
CA GLU A 628 -17.90 -13.72 -13.85
C GLU A 628 -17.94 -12.20 -13.98
N TYR A 629 -19.11 -11.60 -14.16
CA TYR A 629 -19.21 -10.18 -14.46
C TYR A 629 -19.78 -9.35 -13.33
N LEU A 630 -20.92 -9.73 -12.77
CA LEU A 630 -21.60 -8.94 -11.74
C LEU A 630 -21.79 -9.77 -10.48
N PRO A 631 -20.75 -9.92 -9.68
CA PRO A 631 -20.88 -10.73 -8.46
C PRO A 631 -21.80 -10.10 -7.42
N GLU A 632 -21.93 -8.78 -7.42
CA GLU A 632 -22.80 -8.13 -6.44
C GLU A 632 -24.26 -8.43 -6.70
N CYS A 633 -24.60 -8.84 -7.93
CA CYS A 633 -25.95 -9.33 -8.18
C CYS A 633 -26.12 -10.78 -7.74
N MET A 634 -25.07 -11.58 -7.93
CA MET A 634 -25.10 -12.95 -7.41
C MET A 634 -25.25 -12.96 -5.91
N LYS A 635 -24.71 -11.95 -5.22
CA LYS A 635 -24.90 -11.88 -3.77
C LYS A 635 -26.37 -11.73 -3.41
N VAL A 636 -27.10 -10.90 -4.15
CA VAL A 636 -28.54 -10.75 -3.89
C VAL A 636 -29.26 -12.03 -4.24
N LEU A 637 -28.89 -12.65 -5.35
CA LEU A 637 -29.53 -13.89 -5.74
C LEU A 637 -29.34 -14.96 -4.68
N LEU A 638 -28.20 -14.94 -3.98
CA LEU A 638 -27.97 -15.90 -2.90
C LEU A 638 -28.73 -15.50 -1.64
N ASP A 639 -28.77 -14.21 -1.31
CA ASP A 639 -29.57 -13.76 -0.19
C ASP A 639 -31.02 -14.20 -0.32
N PHE A 640 -31.51 -14.31 -1.56
CA PHE A 640 -32.87 -14.82 -1.75
C PHE A 640 -33.04 -16.27 -1.35
N CYS A 641 -31.98 -16.97 -0.98
CA CYS A 641 -32.04 -18.41 -0.73
C CYS A 641 -31.96 -18.78 0.75
N MET A 642 -32.00 -17.80 1.64
CA MET A 642 -32.00 -18.06 3.08
C MET A 642 -33.35 -17.70 3.66
N LEU A 643 -34.12 -18.72 4.07
CA LEU A 643 -35.45 -18.52 4.62
C LEU A 643 -35.38 -18.64 6.13
N HIS A 644 -36.18 -17.84 6.83
CA HIS A 644 -36.22 -17.84 8.28
C HIS A 644 -37.56 -18.36 8.74
N SER A 645 -37.68 -18.65 10.04
CA SER A 645 -38.90 -19.22 10.59
C SER A 645 -39.73 -18.16 11.30
N THR A 646 -39.56 -18.05 12.62
CA THR A 646 -40.33 -17.06 13.38
C THR A 646 -39.68 -15.71 13.42
N GLU A 647 -38.48 -15.56 12.84
CA GLU A 647 -37.68 -14.35 12.83
C GLU A 647 -37.36 -13.88 14.25
N ASP A 648 -37.21 -14.80 15.20
CA ASP A 648 -36.88 -14.47 16.58
C ASP A 648 -35.64 -15.25 16.98
N LYS A 649 -34.54 -14.51 17.24
CA LYS A 649 -33.26 -15.16 17.50
C LYS A 649 -33.31 -16.04 18.75
N SER A 650 -34.17 -15.70 19.70
CA SER A 650 -34.18 -16.42 20.98
C SER A 650 -34.92 -17.75 20.85
N CYS A 651 -35.93 -17.81 19.98
CA CYS A 651 -36.75 -19.00 19.89
C CYS A 651 -35.94 -20.20 19.40
N ARG A 652 -36.28 -21.38 19.91
CA ARG A 652 -35.58 -22.59 19.50
C ARG A 652 -36.20 -23.20 18.26
N ASP A 653 -37.50 -23.03 18.07
CA ASP A 653 -38.13 -23.47 16.83
C ASP A 653 -37.73 -22.56 15.67
N TYR A 654 -37.11 -21.42 15.97
CA TYR A 654 -36.58 -20.56 14.93
C TYR A 654 -35.42 -21.24 14.21
N TYR A 655 -35.64 -21.60 12.95
CA TYR A 655 -34.66 -22.32 12.17
C TYR A 655 -34.48 -21.63 10.83
N ILE A 656 -33.24 -21.65 10.33
CA ILE A 656 -32.91 -21.09 9.03
C ILE A 656 -32.82 -22.22 8.04
N GLU A 657 -33.42 -22.06 6.87
CA GLU A 657 -33.30 -23.03 5.80
C GLU A 657 -32.48 -22.43 4.66
N TYR A 658 -31.50 -23.20 4.20
CA TYR A 658 -30.67 -22.85 3.07
C TYR A 658 -31.08 -23.69 1.88
N ASN A 659 -31.18 -23.05 0.71
CA ASN A 659 -31.62 -23.68 -0.51
C ASN A 659 -30.50 -23.62 -1.54
N PHE A 660 -30.08 -24.78 -2.02
CA PHE A 660 -28.98 -24.89 -2.98
C PHE A 660 -29.49 -24.95 -4.40
N LYS A 661 -30.39 -24.02 -4.74
CA LYS A 661 -31.11 -24.11 -6.01
C LYS A 661 -30.22 -23.71 -7.18
N TYR A 662 -29.37 -22.70 -6.99
CA TYR A 662 -28.61 -22.12 -8.09
C TYR A 662 -27.19 -22.65 -8.18
N LEU A 663 -26.75 -23.46 -7.23
CA LEU A 663 -25.42 -24.02 -7.25
C LEU A 663 -25.34 -25.35 -7.98
N GLN A 664 -26.48 -25.91 -8.39
CA GLN A 664 -26.51 -27.21 -9.03
C GLN A 664 -26.03 -27.12 -10.47
N CYS A 665 -26.17 -28.20 -11.22
CA CYS A 665 -25.61 -28.27 -12.56
C CYS A 665 -26.50 -27.50 -13.54
N PRO A 666 -25.91 -26.75 -14.46
CA PRO A 666 -26.74 -26.04 -15.45
C PRO A 666 -27.54 -26.97 -16.34
N LEU A 667 -27.08 -28.20 -16.52
CA LEU A 667 -27.81 -29.16 -17.35
C LEU A 667 -29.17 -29.50 -16.77
N GLU A 668 -29.47 -28.97 -15.57
CA GLU A 668 -30.77 -29.23 -14.96
C GLU A 668 -31.80 -28.20 -15.40
N PHE A 669 -31.38 -26.95 -15.58
CA PHE A 669 -32.34 -25.88 -15.85
C PHE A 669 -33.09 -26.10 -17.16
N THR A 670 -32.39 -26.46 -18.22
CA THR A 670 -33.00 -26.70 -19.53
C THR A 670 -33.85 -27.96 -19.46
N LYS A 671 -35.02 -27.91 -20.09
CA LYS A 671 -35.94 -29.05 -20.03
C LYS A 671 -35.51 -30.18 -20.95
N LYS A 672 -35.03 -29.85 -22.15
CA LYS A 672 -34.65 -30.88 -23.11
C LYS A 672 -33.42 -31.65 -22.63
N THR A 673 -32.30 -30.94 -22.45
CA THR A 673 -31.05 -31.53 -22.02
C THR A 673 -30.59 -32.66 -22.94
N PRO A 674 -30.03 -32.34 -24.11
CA PRO A 674 -29.52 -33.42 -24.98
C PRO A 674 -28.23 -34.04 -24.46
N THR A 675 -27.30 -33.21 -23.98
CA THR A 675 -26.03 -33.67 -23.43
C THR A 675 -25.26 -34.51 -24.47
N GLN A 676 -25.38 -34.12 -25.74
CA GLN A 676 -24.65 -34.82 -26.79
C GLN A 676 -23.16 -34.67 -26.62
N ASP A 677 -22.66 -33.43 -26.73
CA ASP A 677 -21.26 -33.13 -26.47
C ASP A 677 -21.07 -32.24 -25.25
N VAL A 678 -22.09 -32.09 -24.42
CA VAL A 678 -22.02 -31.19 -23.29
C VAL A 678 -21.74 -31.99 -22.03
N ILE A 679 -20.56 -31.76 -21.44
CA ILE A 679 -20.17 -32.36 -20.17
C ILE A 679 -19.80 -31.25 -19.21
N TYR A 680 -20.56 -31.13 -18.13
CA TYR A 680 -20.32 -30.12 -17.11
C TYR A 680 -19.59 -30.75 -15.94
N GLU A 681 -18.55 -30.08 -15.46
CA GLU A 681 -17.82 -30.55 -14.31
C GLU A 681 -18.67 -30.39 -13.05
N PRO A 682 -18.39 -31.17 -12.01
CA PRO A 682 -19.14 -31.03 -10.77
C PRO A 682 -18.81 -29.71 -10.08
N LEU A 683 -19.74 -29.27 -9.24
CA LEU A 683 -19.62 -28.02 -8.48
C LEU A 683 -19.25 -26.87 -9.42
N THR A 684 -20.14 -26.63 -10.38
CA THR A 684 -19.85 -25.64 -11.42
C THR A 684 -19.79 -24.23 -10.84
N ALA A 685 -20.76 -23.88 -10.01
CA ALA A 685 -20.80 -22.54 -9.46
C ALA A 685 -19.59 -22.25 -8.59
N LEU A 686 -19.22 -23.20 -7.73
CA LEU A 686 -18.11 -22.97 -6.83
C LEU A 686 -16.78 -22.92 -7.59
N ASN A 687 -16.63 -23.74 -8.62
CA ASN A 687 -15.42 -23.66 -9.42
C ASN A 687 -15.36 -22.33 -10.17
N ALA A 688 -16.50 -21.84 -10.63
CA ALA A 688 -16.52 -20.53 -11.28
C ALA A 688 -16.16 -19.43 -10.30
N MET A 689 -16.59 -19.56 -9.04
CA MET A 689 -16.20 -18.58 -8.04
C MET A 689 -14.71 -18.65 -7.75
N VAL A 690 -14.14 -19.84 -7.74
CA VAL A 690 -12.72 -19.98 -7.44
C VAL A 690 -11.86 -19.43 -8.57
N GLN A 691 -12.24 -19.70 -9.82
CA GLN A 691 -11.43 -19.24 -10.95
C GLN A 691 -11.51 -17.74 -11.17
N ASN A 692 -12.31 -17.02 -10.38
CA ASN A 692 -12.41 -15.57 -10.51
C ASN A 692 -12.14 -14.86 -9.19
N ASN A 693 -11.63 -15.56 -8.19
CA ASN A 693 -11.22 -14.95 -6.92
C ASN A 693 -12.38 -14.26 -6.22
N ARG A 694 -13.58 -14.80 -6.36
CA ARG A 694 -14.75 -14.23 -5.70
C ARG A 694 -14.80 -14.71 -4.26
N ILE A 695 -13.88 -14.17 -3.46
CA ILE A 695 -13.76 -14.61 -2.08
C ILE A 695 -14.98 -14.17 -1.27
N GLU A 696 -15.54 -13.01 -1.59
CA GLU A 696 -16.70 -12.53 -0.84
C GLU A 696 -17.92 -13.39 -1.08
N LEU A 697 -17.95 -14.11 -2.20
CA LEU A 697 -19.06 -15.01 -2.47
C LEU A 697 -18.84 -16.36 -1.81
N LEU A 698 -17.60 -16.84 -1.79
CA LEU A 698 -17.31 -18.13 -1.19
C LEU A 698 -17.53 -18.14 0.32
N ASN A 699 -17.56 -16.97 0.96
CA ASN A 699 -17.84 -16.88 2.38
C ASN A 699 -19.30 -16.63 2.69
N HIS A 700 -20.16 -16.62 1.69
CA HIS A 700 -21.58 -16.45 1.94
C HIS A 700 -22.12 -17.70 2.61
N PRO A 701 -22.99 -17.56 3.61
CA PRO A 701 -23.45 -18.74 4.37
C PRO A 701 -24.03 -19.85 3.51
N VAL A 702 -24.63 -19.53 2.38
CA VAL A 702 -25.21 -20.59 1.54
C VAL A 702 -24.11 -21.47 0.98
N CYS A 703 -23.04 -20.87 0.47
CA CYS A 703 -21.93 -21.67 -0.05
C CYS A 703 -21.23 -22.45 1.05
N LYS A 704 -21.12 -21.86 2.24
CA LYS A 704 -20.51 -22.55 3.37
C LYS A 704 -21.32 -23.80 3.73
N GLU A 705 -22.64 -23.66 3.81
CA GLU A 705 -23.47 -24.83 4.12
C GLU A 705 -23.45 -25.83 2.98
N TYR A 706 -23.32 -25.37 1.74
CA TYR A 706 -23.21 -26.29 0.62
C TYR A 706 -21.98 -27.17 0.76
N LEU A 707 -20.83 -26.54 1.04
CA LEU A 707 -19.60 -27.30 1.20
C LEU A 707 -19.67 -28.23 2.40
N LEU A 708 -20.22 -27.75 3.52
CA LEU A 708 -20.34 -28.60 4.70
C LEU A 708 -21.24 -29.80 4.44
N MET A 709 -22.30 -29.60 3.66
CA MET A 709 -23.17 -30.72 3.29
C MET A 709 -22.42 -31.73 2.44
N LYS A 710 -21.66 -31.27 1.44
CA LYS A 710 -20.86 -32.19 0.65
C LYS A 710 -19.88 -32.97 1.53
N TRP A 711 -19.20 -32.27 2.43
CA TRP A 711 -18.28 -32.91 3.36
C TRP A 711 -18.95 -34.03 4.11
N LEU A 712 -19.92 -33.70 4.97
CA LEU A 712 -20.64 -34.68 5.78
C LEU A 712 -21.39 -35.70 4.94
N ALA A 713 -21.58 -35.46 3.65
CA ALA A 713 -22.25 -36.43 2.79
C ALA A 713 -21.30 -37.53 2.34
N TYR A 714 -20.10 -37.18 1.90
CA TYR A 714 -19.20 -38.24 1.47
C TYR A 714 -17.70 -37.96 1.58
N GLY A 715 -17.29 -36.71 1.77
CA GLY A 715 -15.87 -36.41 1.73
C GLY A 715 -15.16 -36.90 2.98
N PHE A 716 -15.76 -36.62 4.13
CA PHE A 716 -15.19 -37.08 5.39
C PHE A 716 -15.00 -38.58 5.39
N ARG A 717 -15.98 -39.32 4.89
CA ARG A 717 -15.86 -40.77 4.86
C ARG A 717 -14.80 -41.21 3.87
N ALA A 718 -14.78 -40.62 2.67
CA ALA A 718 -13.82 -41.04 1.67
C ALA A 718 -12.39 -40.76 2.09
N HIS A 719 -12.18 -39.79 2.98
CA HIS A 719 -10.82 -39.52 3.43
C HIS A 719 -10.47 -40.25 4.72
N MET A 720 -11.44 -40.50 5.60
CA MET A 720 -11.16 -41.34 6.75
C MET A 720 -10.84 -42.76 6.32
N MET A 721 -11.41 -43.24 5.21
CA MET A 721 -11.00 -44.55 4.72
C MET A 721 -9.53 -44.56 4.31
N ASN A 722 -9.06 -43.49 3.68
CA ASN A 722 -7.65 -43.41 3.29
C ASN A 722 -6.74 -43.37 4.52
N LEU A 723 -7.08 -42.51 5.48
CA LEU A 723 -6.30 -42.43 6.70
C LEU A 723 -6.26 -43.77 7.43
N GLY A 724 -7.39 -44.48 7.47
CA GLY A 724 -7.40 -45.77 8.14
C GLY A 724 -6.55 -46.79 7.41
N SER A 725 -6.64 -46.80 6.08
CA SER A 725 -5.83 -47.75 5.31
C SER A 725 -4.34 -47.51 5.51
N TYR A 726 -3.95 -46.25 5.73
CA TYR A 726 -2.54 -45.98 5.98
C TYR A 726 -2.14 -46.30 7.41
N CYS A 727 -2.96 -45.90 8.38
CA CYS A 727 -2.64 -46.18 9.77
C CYS A 727 -2.60 -47.67 10.05
N LEU A 728 -3.31 -48.48 9.27
CA LEU A 728 -3.26 -49.92 9.45
C LEU A 728 -1.86 -50.47 9.28
N GLY A 729 -0.96 -49.75 8.63
CA GLY A 729 0.42 -50.17 8.54
C GLY A 729 1.32 -49.27 9.35
N LEU A 730 0.87 -48.04 9.60
CA LEU A 730 1.68 -47.09 10.36
C LEU A 730 1.75 -47.46 11.83
N ILE A 731 0.66 -47.95 12.41
CA ILE A 731 0.60 -48.14 13.86
C ILE A 731 1.32 -49.42 14.30
N PRO A 732 1.12 -50.57 13.66
CA PRO A 732 1.89 -51.75 14.08
C PRO A 732 3.39 -51.59 13.94
N MET A 733 3.85 -50.80 12.98
CA MET A 733 5.28 -50.51 12.89
C MET A 733 5.79 -49.85 14.16
N THR A 734 5.14 -48.77 14.57
CA THR A 734 5.54 -48.08 15.80
C THR A 734 5.42 -48.98 17.01
N ILE A 735 4.39 -49.84 17.04
CA ILE A 735 4.26 -50.75 18.17
C ILE A 735 5.43 -51.73 18.21
N LEU A 736 5.88 -52.19 17.04
CA LEU A 736 7.03 -53.08 17.01
C LEU A 736 8.29 -52.38 17.46
N VAL A 737 8.46 -51.11 17.09
CA VAL A 737 9.72 -50.43 17.38
C VAL A 737 9.88 -50.18 18.88
N VAL A 738 8.82 -49.72 19.54
CA VAL A 738 8.95 -49.30 20.94
C VAL A 738 8.75 -50.46 21.90
N ASN A 739 8.64 -51.67 21.37
CA ASN A 739 8.45 -52.85 22.22
C ASN A 739 9.59 -53.86 22.12
N ILE A 740 10.50 -53.71 21.18
CA ILE A 740 11.66 -54.58 21.05
C ILE A 740 12.90 -53.72 21.15
N LYS A 741 13.95 -54.24 21.79
CA LYS A 741 15.17 -53.47 21.93
C LYS A 741 15.92 -53.46 20.61
N PRO A 742 16.29 -52.29 20.09
CA PRO A 742 16.97 -52.23 18.81
C PRO A 742 18.27 -53.02 18.81
N GLY A 743 18.55 -53.68 17.69
CA GLY A 743 19.72 -54.50 17.55
C GLY A 743 19.49 -55.98 17.75
N MET A 744 18.36 -56.36 18.34
CA MET A 744 18.05 -57.77 18.58
C MET A 744 17.28 -58.35 17.40
N ALA A 745 17.58 -59.60 17.09
CA ALA A 745 16.83 -60.30 16.06
C ALA A 745 15.52 -60.81 16.64
N PHE A 746 14.48 -60.85 15.82
CA PHE A 746 13.18 -61.31 16.30
C PHE A 746 12.40 -61.91 15.14
N ASN A 747 11.63 -62.94 15.43
CA ASN A 747 10.69 -63.47 14.46
C ASN A 747 9.35 -63.72 15.12
N SER A 748 8.44 -64.36 14.39
CA SER A 748 7.08 -64.57 14.90
C SER A 748 7.07 -65.33 16.21
N THR A 749 8.11 -66.13 16.47
CA THR A 749 8.15 -66.89 17.72
C THR A 749 8.50 -66.00 18.90
N GLY A 750 9.31 -64.98 18.69
CA GLY A 750 9.69 -64.10 19.79
C GLY A 750 10.97 -63.36 19.48
N ILE A 751 11.75 -63.11 20.53
CA ILE A 751 12.97 -62.32 20.45
C ILE A 751 14.15 -63.22 20.73
N ILE A 752 15.12 -63.24 19.81
CA ILE A 752 16.30 -64.09 19.93
C ILE A 752 17.36 -63.34 20.72
N ASN A 753 17.56 -63.74 21.96
CA ASN A 753 18.54 -63.11 22.85
C ASN A 753 19.82 -63.92 22.80
N GLU A 754 20.75 -63.50 21.95
CA GLU A 754 21.99 -64.24 21.76
C GLU A 754 23.12 -63.67 22.59
N GLU A 760 22.04 -69.18 22.53
CA GLU A 760 20.84 -68.44 22.17
C GLU A 760 19.68 -68.73 23.12
N ILE A 761 19.04 -67.67 23.59
CA ILE A 761 17.83 -67.78 24.40
C ILE A 761 16.69 -67.21 23.57
N LEU A 762 15.45 -67.56 23.91
CA LEU A 762 14.31 -67.09 23.14
C LEU A 762 13.27 -66.54 24.09
N ASP A 763 13.10 -65.21 24.11
CA ASP A 763 12.06 -64.57 24.88
C ASP A 763 10.74 -64.70 24.14
N THR A 764 9.75 -65.31 24.80
CA THR A 764 8.51 -65.68 24.15
C THR A 764 7.29 -64.91 24.64
N THR A 765 7.41 -64.15 25.73
CA THR A 765 6.29 -63.34 26.19
C THR A 765 6.04 -62.21 25.19
N ASN A 766 4.77 -61.83 25.06
CA ASN A 766 4.31 -60.84 24.09
C ASN A 766 4.51 -61.28 22.66
N SER A 767 4.60 -62.59 22.40
CA SER A 767 4.78 -63.06 21.03
C SER A 767 3.54 -62.89 20.18
N TYR A 768 2.35 -62.91 20.81
CA TYR A 768 1.11 -62.72 20.07
C TYR A 768 1.05 -61.33 19.43
N LEU A 769 1.37 -60.29 20.21
CA LEU A 769 1.39 -58.94 19.67
C LEU A 769 2.43 -58.80 18.57
N ILE A 770 3.61 -59.40 18.76
CA ILE A 770 4.66 -59.31 17.76
C ILE A 770 4.21 -59.93 16.46
N LYS A 771 3.63 -61.13 16.53
CA LYS A 771 3.13 -61.81 15.34
C LYS A 771 2.06 -61.01 14.62
N THR A 772 1.08 -60.51 15.38
CA THR A 772 0.01 -59.71 14.77
C THR A 772 0.58 -58.50 14.03
N CYS A 773 1.50 -57.77 14.67
CA CYS A 773 2.04 -56.58 14.04
C CYS A 773 2.90 -56.92 12.82
N MET A 774 3.69 -57.98 12.89
CA MET A 774 4.48 -58.38 11.74
C MET A 774 3.60 -58.79 10.57
N ILE A 775 2.44 -59.39 10.82
CA ILE A 775 1.54 -59.71 9.72
C ILE A 775 0.88 -58.46 9.15
N LEU A 776 0.43 -57.54 10.01
CA LEU A 776 -0.20 -56.32 9.53
C LEU A 776 0.75 -55.43 8.74
N VAL A 777 2.05 -55.44 9.05
CA VAL A 777 2.96 -54.65 8.24
C VAL A 777 3.17 -55.29 6.88
N PHE A 778 3.28 -56.62 6.85
CA PHE A 778 3.50 -57.33 5.59
C PHE A 778 2.33 -57.12 4.64
N LEU A 779 1.10 -57.27 5.14
CA LEU A 779 -0.06 -57.10 4.26
C LEU A 779 -0.15 -55.69 3.72
N SER A 780 0.13 -54.69 4.56
CA SER A 780 0.09 -53.31 4.10
C SER A 780 1.13 -53.06 3.02
N SER A 781 2.33 -53.60 3.18
CA SER A 781 3.35 -53.41 2.15
C SER A 781 2.92 -54.06 0.84
N ILE A 782 2.34 -55.25 0.91
CA ILE A 782 1.93 -55.95 -0.31
C ILE A 782 0.82 -55.18 -1.03
N PHE A 783 -0.19 -54.74 -0.28
CA PHE A 783 -1.27 -53.99 -0.90
C PHE A 783 -0.78 -52.66 -1.44
N GLY A 784 0.18 -52.02 -0.79
CA GLY A 784 0.74 -50.79 -1.33
C GLY A 784 1.49 -51.03 -2.62
N TYR A 785 2.26 -52.11 -2.69
CA TYR A 785 2.92 -52.47 -3.94
C TYR A 785 1.91 -52.67 -5.06
N CYS A 786 0.83 -53.39 -4.76
CA CYS A 786 -0.18 -53.64 -5.78
C CYS A 786 -0.83 -52.35 -6.25
N LYS A 787 -1.22 -51.48 -5.31
CA LYS A 787 -1.85 -50.22 -5.68
C LYS A 787 -0.89 -49.34 -6.51
N GLU A 788 0.39 -49.31 -6.14
CA GLU A 788 1.34 -48.49 -6.87
C GLU A 788 1.62 -49.04 -8.26
N ALA A 789 1.67 -50.37 -8.41
CA ALA A 789 1.80 -50.93 -9.75
C ALA A 789 0.54 -50.68 -10.56
N GLY A 790 -0.60 -50.55 -9.87
CA GLY A 790 -1.83 -50.18 -10.57
C GLY A 790 -1.82 -48.75 -11.07
N GLN A 791 -1.23 -47.84 -10.29
CA GLN A 791 -1.13 -46.46 -10.73
C GLN A 791 -0.15 -46.30 -11.88
N ILE A 792 0.88 -47.13 -11.92
CA ILE A 792 1.87 -47.08 -13.01
C ILE A 792 1.23 -47.53 -14.31
N ASN A 798 5.76 -39.38 -15.56
CA ASN A 798 4.89 -38.65 -14.65
C ASN A 798 4.87 -39.29 -13.27
N TYR A 799 4.92 -40.63 -13.25
CA TYR A 799 4.87 -41.34 -11.98
C TYR A 799 6.13 -41.10 -11.15
N PHE A 800 7.30 -41.37 -11.73
CA PHE A 800 8.54 -41.24 -10.97
C PHE A 800 8.86 -39.78 -10.65
N MET A 801 8.16 -38.85 -11.31
CA MET A 801 8.42 -37.44 -11.08
C MET A 801 7.89 -36.98 -9.73
N ASP A 802 6.77 -37.55 -9.30
CA ASP A 802 6.16 -37.14 -8.04
C ASP A 802 7.04 -37.55 -6.87
N ILE A 803 6.84 -36.89 -5.72
CA ILE A 803 7.65 -37.19 -4.55
C ILE A 803 6.96 -38.24 -3.68
N SER A 804 5.64 -38.21 -3.64
CA SER A 804 4.90 -39.19 -2.85
C SER A 804 5.15 -40.60 -3.34
N ASN A 805 5.33 -40.76 -4.65
CA ASN A 805 5.62 -42.08 -5.20
C ASN A 805 6.96 -42.60 -4.67
N VAL A 806 7.98 -41.74 -4.67
CA VAL A 806 9.28 -42.16 -4.16
C VAL A 806 9.19 -42.51 -2.68
N LEU A 807 8.53 -41.66 -1.90
CA LEU A 807 8.42 -41.92 -0.47
C LEU A 807 7.73 -43.25 -0.21
N GLU A 808 6.65 -43.53 -0.94
CA GLU A 808 5.92 -44.76 -0.68
C GLU A 808 6.68 -45.98 -1.18
N TRP A 809 7.43 -45.86 -2.27
CA TRP A 809 8.27 -46.96 -2.69
C TRP A 809 9.30 -47.30 -1.63
N ILE A 810 9.96 -46.28 -1.08
CA ILE A 810 10.93 -46.53 0.00
C ILE A 810 10.26 -47.17 1.19
N ILE A 811 9.09 -46.65 1.59
CA ILE A 811 8.40 -47.16 2.78
C ILE A 811 8.09 -48.64 2.61
N TYR A 812 7.52 -49.01 1.47
CA TYR A 812 7.14 -50.41 1.28
C TYR A 812 8.35 -51.31 1.17
N THR A 813 9.37 -50.88 0.42
CA THR A 813 10.56 -51.73 0.26
C THR A 813 11.25 -51.98 1.58
N THR A 814 11.33 -50.98 2.46
CA THR A 814 12.03 -51.20 3.72
C THR A 814 11.15 -51.89 4.75
N GLY A 815 9.85 -51.60 4.74
CA GLY A 815 8.96 -52.28 5.66
C GLY A 815 8.81 -53.76 5.36
N ILE A 816 8.97 -54.14 4.10
CA ILE A 816 8.90 -55.57 3.79
C ILE A 816 10.14 -56.29 4.28
N ILE A 817 11.26 -55.58 4.41
CA ILE A 817 12.49 -56.22 4.87
C ILE A 817 12.53 -56.25 6.38
N PHE A 818 11.98 -55.22 7.03
CA PHE A 818 11.99 -55.18 8.49
C PHE A 818 11.30 -56.39 9.10
N VAL A 819 10.22 -56.86 8.50
CA VAL A 819 9.46 -57.99 9.03
C VAL A 819 9.65 -59.25 8.22
N LEU A 820 10.73 -59.35 7.45
CA LEU A 820 10.95 -60.52 6.60
C LEU A 820 11.20 -61.81 7.36
N PRO A 821 11.80 -61.83 8.57
CA PRO A 821 11.95 -63.10 9.28
C PRO A 821 10.66 -63.86 9.53
N LEU A 822 9.53 -63.30 9.09
CA LEU A 822 8.28 -64.05 9.13
C LEU A 822 8.36 -65.28 8.22
N PHE A 823 9.25 -65.24 7.23
CA PHE A 823 9.41 -66.33 6.26
C PHE A 823 10.85 -66.83 6.16
N VAL A 824 11.81 -65.94 5.95
CA VAL A 824 13.20 -66.32 5.71
C VAL A 824 14.09 -65.57 6.69
N GLU A 825 15.11 -66.24 7.20
CA GLU A 825 16.01 -65.64 8.17
C GLU A 825 16.79 -64.48 7.55
N ILE A 826 17.40 -63.68 8.41
CA ILE A 826 18.04 -62.44 7.99
C ILE A 826 18.96 -61.98 9.12
N PRO A 827 20.07 -61.30 8.82
CA PRO A 827 20.92 -60.79 9.90
C PRO A 827 20.25 -59.64 10.62
N ALA A 828 20.49 -59.57 11.94
CA ALA A 828 19.83 -58.55 12.76
C ALA A 828 20.24 -57.15 12.35
N HIS A 829 21.50 -56.99 11.93
CA HIS A 829 21.99 -55.67 11.54
C HIS A 829 21.16 -55.10 10.39
N LEU A 830 20.97 -55.90 9.33
CA LEU A 830 20.18 -55.46 8.19
C LEU A 830 18.75 -55.16 8.58
N GLN A 831 18.17 -56.04 9.41
CA GLN A 831 16.79 -55.85 9.84
C GLN A 831 16.60 -54.51 10.51
N TRP A 832 17.47 -54.18 11.47
CA TRP A 832 17.25 -52.94 12.20
C TRP A 832 17.69 -51.72 11.41
N GLN A 833 18.64 -51.86 10.50
CA GLN A 833 18.99 -50.71 9.67
C GLN A 833 17.92 -50.44 8.62
N CYS A 834 17.07 -51.41 8.30
CA CYS A 834 15.90 -51.11 7.48
C CYS A 834 14.76 -50.56 8.31
N GLY A 835 14.61 -51.04 9.54
CA GLY A 835 13.60 -50.48 10.42
C GLY A 835 13.83 -49.01 10.70
N ALA A 836 15.10 -48.60 10.82
CA ALA A 836 15.41 -47.20 11.11
C ALA A 836 14.97 -46.28 9.97
N ILE A 837 14.98 -46.78 8.74
CA ILE A 837 14.56 -45.97 7.61
C ILE A 837 13.04 -45.99 7.49
N ALA A 838 12.44 -47.15 7.71
CA ALA A 838 11.00 -47.26 7.57
C ALA A 838 10.28 -46.40 8.60
N VAL A 839 10.70 -46.46 9.85
CA VAL A 839 9.97 -45.76 10.91
C VAL A 839 10.13 -44.25 10.76
N TYR A 840 11.11 -43.82 9.98
CA TYR A 840 11.30 -42.40 9.76
C TYR A 840 10.46 -41.92 8.59
N PHE A 841 10.49 -42.65 7.48
CA PHE A 841 9.74 -42.19 6.32
C PHE A 841 8.24 -42.38 6.50
N TYR A 842 7.81 -43.32 7.34
CA TYR A 842 6.39 -43.44 7.64
C TYR A 842 5.85 -42.14 8.22
N TRP A 843 6.45 -41.66 9.29
CA TRP A 843 5.96 -40.46 9.94
C TRP A 843 6.26 -39.20 9.13
N MET A 844 7.25 -39.24 8.24
CA MET A 844 7.42 -38.08 7.36
C MET A 844 6.37 -38.04 6.27
N ASN A 845 5.89 -39.21 5.84
CA ASN A 845 4.90 -39.25 4.78
C ASN A 845 3.50 -39.00 5.34
N PHE A 846 3.31 -39.21 6.63
CA PHE A 846 2.01 -38.93 7.24
C PHE A 846 1.58 -37.46 7.08
N LEU A 847 2.53 -36.55 6.93
CA LEU A 847 2.17 -35.14 6.78
C LEU A 847 1.45 -34.89 5.48
N LEU A 848 1.80 -35.63 4.43
CA LEU A 848 1.11 -35.44 3.15
C LEU A 848 -0.34 -35.91 3.23
N TYR A 849 -0.64 -36.84 4.13
CA TYR A 849 -2.03 -37.16 4.39
C TYR A 849 -2.71 -36.07 5.21
N LEU A 850 -2.00 -35.52 6.19
CA LEU A 850 -2.60 -34.46 6.99
C LEU A 850 -2.89 -33.20 6.20
N GLN A 851 -2.19 -32.97 5.09
CA GLN A 851 -2.34 -31.67 4.43
C GLN A 851 -3.70 -31.49 3.77
N ARG A 852 -4.60 -32.46 3.86
CA ARG A 852 -5.92 -32.31 3.25
C ARG A 852 -6.84 -31.49 4.14
N PHE A 853 -6.85 -31.78 5.43
CA PHE A 853 -7.77 -31.13 6.36
C PHE A 853 -7.48 -29.65 6.45
N GLU A 854 -8.52 -28.87 6.73
CA GLU A 854 -8.42 -27.42 6.53
C GLU A 854 -7.81 -26.72 7.73
N ASN A 855 -8.03 -27.23 8.93
CA ASN A 855 -7.49 -26.56 10.10
C ASN A 855 -5.98 -26.66 10.20
N CYS A 856 -5.37 -27.59 9.47
CA CYS A 856 -3.94 -27.82 9.59
C CYS A 856 -3.24 -28.10 8.28
N GLY A 857 -3.75 -27.58 7.16
CA GLY A 857 -3.12 -27.80 5.89
C GLY A 857 -2.42 -26.60 5.30
N ILE A 858 -2.52 -25.45 5.95
CA ILE A 858 -1.79 -24.27 5.50
C ILE A 858 -0.36 -24.32 6.00
N PHE A 859 -0.11 -24.99 7.11
CA PHE A 859 1.24 -25.12 7.62
C PHE A 859 2.09 -26.01 6.72
N ILE A 860 1.48 -27.01 6.08
CA ILE A 860 2.24 -27.84 5.14
C ILE A 860 2.59 -27.03 3.90
N VAL A 861 1.71 -26.14 3.47
CA VAL A 861 2.02 -25.27 2.34
C VAL A 861 3.19 -24.36 2.68
N MET A 862 3.16 -23.76 3.87
CA MET A 862 4.27 -22.91 4.29
C MET A 862 5.57 -23.70 4.39
N LEU A 863 5.52 -24.88 4.98
CA LEU A 863 6.70 -25.72 5.10
C LEU A 863 7.29 -26.04 3.74
N GLU A 864 6.44 -26.41 2.78
CA GLU A 864 6.93 -26.72 1.45
C GLU A 864 7.56 -25.50 0.79
N VAL A 865 6.93 -24.34 0.89
CA VAL A 865 7.50 -23.15 0.25
C VAL A 865 8.87 -22.84 0.82
N ILE A 866 8.99 -22.84 2.15
CA ILE A 866 10.26 -22.52 2.78
C ILE A 866 11.32 -23.55 2.41
N LEU A 867 10.94 -24.82 2.35
CA LEU A 867 11.90 -25.86 2.01
C LEU A 867 12.39 -25.74 0.59
N LYS A 868 11.50 -25.41 -0.35
CA LYS A 868 11.93 -25.21 -1.73
C LYS A 868 12.88 -24.04 -1.84
N THR A 869 12.55 -22.92 -1.19
CA THR A 869 13.43 -21.76 -1.24
C THR A 869 14.79 -22.08 -0.65
N LEU A 870 14.84 -22.88 0.41
CA LEU A 870 16.11 -23.25 0.99
C LEU A 870 16.91 -24.16 0.06
N LEU A 871 16.25 -25.10 -0.61
CA LEU A 871 16.97 -26.01 -1.48
C LEU A 871 17.43 -25.35 -2.76
N ARG A 872 16.81 -24.25 -3.17
CA ARG A 872 17.28 -23.58 -4.37
C ARG A 872 18.56 -22.80 -4.16
N SER A 873 18.97 -22.59 -2.91
CA SER A 873 20.16 -21.80 -2.63
C SER A 873 21.35 -22.64 -2.20
N THR A 874 21.18 -23.95 -2.03
CA THR A 874 22.34 -24.78 -1.70
C THR A 874 23.30 -24.88 -2.87
N VAL A 875 22.80 -24.74 -4.10
CA VAL A 875 23.67 -24.73 -5.26
C VAL A 875 24.65 -23.58 -5.21
N VAL A 876 24.40 -22.59 -4.37
CA VAL A 876 25.30 -21.47 -4.17
C VAL A 876 26.04 -21.58 -2.86
N PHE A 877 25.32 -21.59 -1.76
CA PHE A 877 25.93 -21.53 -0.44
C PHE A 877 26.42 -22.86 0.06
N ILE A 878 26.81 -23.75 -0.85
CA ILE A 878 27.61 -24.92 -0.50
C ILE A 878 29.07 -24.72 -0.86
N PHE A 879 29.42 -23.58 -1.47
CA PHE A 879 30.82 -23.27 -1.73
C PHE A 879 31.42 -22.44 -0.61
N LEU A 880 30.60 -21.69 0.13
CA LEU A 880 31.06 -21.13 1.39
C LEU A 880 31.53 -22.23 2.33
N LEU A 881 30.74 -23.29 2.45
CA LEU A 881 31.12 -24.40 3.30
C LEU A 881 32.41 -25.05 2.82
N LEU A 882 32.56 -25.20 1.51
CA LEU A 882 33.79 -25.77 0.99
C LEU A 882 35.00 -24.91 1.32
N ALA A 883 34.88 -23.59 1.09
CA ALA A 883 35.97 -22.69 1.39
C ALA A 883 36.40 -22.80 2.85
N PHE A 884 35.44 -22.61 3.77
CA PHE A 884 35.78 -22.59 5.18
C PHE A 884 36.23 -23.97 5.66
N GLY A 885 35.61 -25.04 5.18
CA GLY A 885 35.99 -26.36 5.63
C GLY A 885 37.37 -26.75 5.17
N LEU A 886 37.71 -26.45 3.92
CA LEU A 886 39.03 -26.80 3.43
C LEU A 886 40.11 -25.91 4.01
N SER A 887 39.77 -24.69 4.45
CA SER A 887 40.81 -23.92 5.13
C SER A 887 40.98 -24.34 6.58
N PHE A 888 39.89 -24.67 7.27
CA PHE A 888 40.00 -25.20 8.63
C PHE A 888 40.68 -26.56 8.65
N TYR A 889 40.56 -27.34 7.58
CA TYR A 889 41.26 -28.62 7.54
C TYR A 889 42.77 -28.44 7.53
N ILE A 890 43.25 -27.33 7.00
CA ILE A 890 44.69 -27.05 6.97
C ILE A 890 45.14 -26.37 8.24
N LEU A 891 44.36 -25.41 8.73
CA LEU A 891 44.81 -24.62 9.87
C LEU A 891 44.74 -25.41 11.18
N LEU A 892 43.72 -26.23 11.36
CA LEU A 892 43.47 -26.94 12.60
C LEU A 892 43.57 -28.44 12.41
N ASN A 893 44.61 -28.90 11.73
CA ASN A 893 44.63 -30.29 11.28
C ASN A 893 44.98 -31.26 12.40
N LEU A 894 45.63 -30.79 13.47
CA LEU A 894 46.05 -31.66 14.54
C LEU A 894 44.93 -32.02 15.51
N GLN A 895 43.74 -31.46 15.34
CA GLN A 895 42.62 -31.71 16.22
C GLN A 895 41.68 -32.74 15.60
N ASP A 896 41.05 -33.55 16.44
CA ASP A 896 40.22 -34.63 15.92
C ASP A 896 39.03 -34.17 15.10
N PRO A 897 38.29 -33.12 15.47
CA PRO A 897 37.16 -32.72 14.63
C PRO A 897 37.54 -32.30 13.23
N PHE A 898 38.80 -31.93 12.99
CA PHE A 898 39.24 -31.44 11.69
C PHE A 898 40.33 -32.32 11.11
N SER A 899 40.32 -33.61 11.41
CA SER A 899 41.42 -34.49 11.01
C SER A 899 41.23 -35.12 9.64
N SER A 900 40.20 -34.73 8.89
CA SER A 900 39.88 -35.31 7.61
C SER A 900 39.04 -34.32 6.83
N PRO A 901 39.14 -34.30 5.50
CA PRO A 901 38.36 -33.31 4.73
C PRO A 901 36.87 -33.40 4.97
N LEU A 902 36.32 -34.61 4.98
CA LEU A 902 34.89 -34.77 5.12
C LEU A 902 34.43 -34.44 6.53
N LEU A 903 35.16 -34.91 7.54
CA LEU A 903 34.83 -34.54 8.92
C LEU A 903 34.93 -33.04 9.11
N SER A 904 35.91 -32.41 8.47
CA SER A 904 36.07 -30.97 8.59
C SER A 904 34.96 -30.21 7.90
N ILE A 905 34.38 -30.78 6.85
CA ILE A 905 33.24 -30.12 6.22
C ILE A 905 31.97 -30.33 7.04
N ILE A 906 31.83 -31.46 7.73
CA ILE A 906 30.65 -31.66 8.55
C ILE A 906 30.70 -30.80 9.82
N GLN A 907 31.88 -30.66 10.42
CA GLN A 907 32.00 -29.80 11.60
C GLN A 907 31.67 -28.35 11.26
N THR A 908 32.09 -27.90 10.08
CA THR A 908 31.79 -26.54 9.66
C THR A 908 30.30 -26.36 9.42
N PHE A 909 29.64 -27.40 8.92
CA PHE A 909 28.19 -27.34 8.77
C PHE A 909 27.50 -27.26 10.12
N SER A 910 28.05 -27.95 11.12
CA SER A 910 27.45 -27.92 12.45
C SER A 910 27.67 -26.58 13.15
N MET A 911 28.80 -25.92 12.87
CA MET A 911 29.09 -24.63 13.47
C MET A 911 28.25 -23.50 12.89
N MET A 912 27.33 -23.79 11.99
CA MET A 912 26.56 -22.77 11.30
C MET A 912 25.53 -22.09 12.19
N LEU A 913 25.13 -22.72 13.28
CA LEU A 913 24.09 -22.17 14.13
C LEU A 913 24.63 -21.37 15.31
N GLY A 914 25.93 -21.33 15.50
CA GLY A 914 26.51 -20.54 16.57
C GLY A 914 27.31 -21.36 17.55
N ASP A 915 27.36 -22.67 17.34
CA ASP A 915 28.10 -23.57 18.22
C ASP A 915 29.51 -23.70 17.68
N ILE A 916 30.35 -22.72 18.00
CA ILE A 916 31.66 -22.60 17.37
C ILE A 916 32.77 -23.29 18.16
N ASN A 917 32.59 -23.52 19.46
CA ASN A 917 33.63 -24.10 20.31
C ASN A 917 34.88 -23.21 20.32
N TYR A 918 34.69 -21.96 20.73
CA TYR A 918 35.81 -21.04 20.74
C TYR A 918 36.87 -21.46 21.76
N ARG A 919 36.43 -21.83 22.96
CA ARG A 919 37.40 -22.11 24.01
C ARG A 919 38.11 -23.43 23.79
N GLU A 920 37.43 -24.39 23.18
CA GLU A 920 38.00 -25.73 23.07
C GLU A 920 38.88 -25.89 21.84
N SER A 921 38.59 -25.17 20.76
CA SER A 921 39.32 -25.33 19.52
C SER A 921 40.32 -24.22 19.23
N PHE A 922 40.15 -23.03 19.82
CA PHE A 922 41.00 -21.90 19.50
C PHE A 922 41.79 -21.39 20.69
N LEU A 923 41.13 -21.06 21.79
CA LEU A 923 41.81 -20.41 22.90
C LEU A 923 42.74 -21.37 23.63
N GLU A 924 42.21 -22.51 24.06
CA GLU A 924 43.01 -23.43 24.85
C GLU A 924 44.16 -24.05 24.07
N PRO A 925 44.02 -24.44 22.80
CA PRO A 925 45.22 -24.85 22.06
C PRO A 925 46.22 -23.73 21.90
N TYR A 926 45.76 -22.48 21.81
CA TYR A 926 46.66 -21.36 21.63
C TYR A 926 47.49 -21.12 22.88
N LEU A 927 46.86 -21.23 24.06
CA LEU A 927 47.61 -21.02 25.29
C LEU A 927 48.54 -22.19 25.61
N ARG A 928 48.46 -23.28 24.87
CA ARG A 928 49.39 -24.40 25.02
C ARG A 928 50.45 -24.44 23.94
N ASN A 929 50.49 -23.43 23.06
CA ASN A 929 51.41 -23.41 21.93
C ASN A 929 51.18 -24.62 21.02
N GLU A 930 49.92 -24.86 20.65
CA GLU A 930 49.57 -26.00 19.82
C GLU A 930 48.88 -25.57 18.52
N LEU A 931 48.79 -24.28 18.26
CA LEU A 931 48.30 -23.77 16.99
C LEU A 931 49.49 -23.56 16.07
N ALA A 932 49.42 -24.13 14.87
CA ALA A 932 50.53 -23.98 13.93
C ALA A 932 50.52 -22.60 13.29
N HIS A 933 49.34 -22.03 13.06
CA HIS A 933 49.19 -20.72 12.44
C HIS A 933 48.24 -19.89 13.28
N PRO A 934 48.75 -19.24 14.34
CA PRO A 934 47.84 -18.55 15.26
C PRO A 934 47.09 -17.38 14.64
N VAL A 935 47.79 -16.49 13.94
CA VAL A 935 47.15 -15.28 13.43
C VAL A 935 46.11 -15.65 12.37
N LEU A 936 46.47 -16.56 11.47
CA LEU A 936 45.51 -16.99 10.47
C LEU A 936 44.33 -17.73 11.08
N SER A 937 44.58 -18.54 12.11
CA SER A 937 43.50 -19.26 12.77
C SER A 937 42.52 -18.31 13.45
N PHE A 938 43.01 -17.23 14.05
CA PHE A 938 42.10 -16.28 14.67
C PHE A 938 41.45 -15.34 13.66
N ALA A 939 42.06 -15.10 12.51
CA ALA A 939 41.40 -14.32 11.47
C ALA A 939 40.29 -15.10 10.78
N GLN A 940 40.52 -16.39 10.53
CA GLN A 940 39.48 -17.25 10.00
C GLN A 940 38.28 -17.35 10.91
N LEU A 941 38.48 -17.42 12.22
CA LEU A 941 37.37 -17.43 13.17
C LEU A 941 36.50 -16.20 13.02
N VAL A 942 37.10 -15.01 12.96
CA VAL A 942 36.32 -13.79 12.82
C VAL A 942 35.59 -13.73 11.49
N SER A 943 36.27 -14.06 10.39
CA SER A 943 35.58 -14.02 9.11
C SER A 943 34.46 -15.05 9.02
N PHE A 944 34.66 -16.23 9.60
CA PHE A 944 33.59 -17.22 9.62
C PHE A 944 32.40 -16.73 10.44
N THR A 945 32.66 -16.23 11.64
CA THR A 945 31.58 -15.74 12.48
C THR A 945 30.78 -14.65 11.78
N ILE A 946 31.46 -13.77 11.05
CA ILE A 946 30.75 -12.72 10.35
C ILE A 946 29.97 -13.28 9.17
N PHE A 947 30.55 -14.22 8.42
CA PHE A 947 29.95 -14.62 7.16
C PHE A 947 28.79 -15.58 7.33
N VAL A 948 28.92 -16.56 8.22
CA VAL A 948 27.99 -17.68 8.20
C VAL A 948 26.94 -17.58 9.30
N PRO A 949 27.30 -17.55 10.60
CA PRO A 949 26.24 -17.50 11.62
C PRO A 949 25.49 -16.18 11.66
N ILE A 950 25.97 -15.14 11.00
CA ILE A 950 25.32 -13.83 11.02
C ILE A 950 24.70 -13.50 9.66
N VAL A 951 25.52 -13.42 8.61
CA VAL A 951 25.01 -12.96 7.33
C VAL A 951 24.11 -14.01 6.69
N LEU A 952 24.58 -15.25 6.60
CA LEU A 952 23.82 -16.27 5.90
C LEU A 952 22.52 -16.61 6.61
N MET A 953 22.57 -16.71 7.94
CA MET A 953 21.35 -17.03 8.68
C MET A 953 20.34 -15.89 8.63
N ASN A 954 20.79 -14.64 8.64
CA ASN A 954 19.86 -13.54 8.51
C ASN A 954 19.26 -13.49 7.11
N LEU A 955 20.05 -13.86 6.10
CA LEU A 955 19.52 -13.97 4.75
C LEU A 955 18.39 -15.01 4.69
N LEU A 956 18.62 -16.17 5.30
CA LEU A 956 17.58 -17.20 5.31
C LEU A 956 16.35 -16.74 6.06
N ILE A 957 16.53 -16.04 7.18
CA ILE A 957 15.38 -15.57 7.96
C ILE A 957 14.57 -14.56 7.16
N GLY A 958 15.24 -13.64 6.47
CA GLY A 958 14.51 -12.68 5.65
C GLY A 958 13.74 -13.34 4.52
N LEU A 959 14.36 -14.32 3.86
CA LEU A 959 13.65 -15.05 2.83
C LEU A 959 12.41 -15.73 3.38
N ALA A 960 12.52 -16.36 4.55
CA ALA A 960 11.37 -17.04 5.13
C ALA A 960 10.26 -16.06 5.50
N VAL A 961 10.61 -14.90 6.04
CA VAL A 961 9.60 -13.91 6.38
C VAL A 961 8.84 -13.48 5.13
N GLY A 962 9.57 -13.23 4.04
CA GLY A 962 8.92 -12.86 2.80
C GLY A 962 7.99 -13.95 2.27
N ASP A 963 8.45 -15.19 2.26
CA ASP A 963 7.64 -16.29 1.75
C ASP A 963 6.38 -16.46 2.56
N ILE A 964 6.48 -16.37 3.89
CA ILE A 964 5.30 -16.59 4.72
C ILE A 964 4.32 -15.43 4.56
N ALA A 965 4.81 -14.21 4.41
CA ALA A 965 3.89 -13.11 4.14
C ALA A 965 3.15 -13.34 2.83
N GLU A 966 3.86 -13.78 1.81
CA GLU A 966 3.22 -14.01 0.51
C GLU A 966 2.17 -15.13 0.60
N VAL A 967 2.44 -16.16 1.40
CA VAL A 967 1.46 -17.23 1.54
C VAL A 967 0.25 -16.76 2.31
N GLN A 968 0.46 -15.97 3.37
CA GLN A 968 -0.65 -15.47 4.17
C GLN A 968 -1.51 -14.47 3.41
N LYS A 969 -0.97 -13.82 2.38
CA LYS A 969 -1.78 -12.85 1.64
C LYS A 969 -2.98 -13.51 0.98
N HIS A 970 -2.84 -14.77 0.57
CA HIS A 970 -3.89 -15.50 -0.11
C HIS A 970 -4.38 -16.71 0.68
N ALA A 971 -4.53 -16.58 1.99
CA ALA A 971 -4.79 -17.75 2.82
C ALA A 971 -6.22 -18.25 2.63
N SER A 972 -7.19 -17.35 2.69
CA SER A 972 -8.60 -17.77 2.69
C SER A 972 -8.98 -18.38 1.35
N LEU A 973 -8.62 -17.72 0.25
CA LEU A 973 -8.96 -18.24 -1.06
C LEU A 973 -8.32 -19.60 -1.31
N LYS A 974 -7.04 -19.75 -0.95
CA LYS A 974 -6.37 -21.03 -1.14
C LYS A 974 -7.00 -22.12 -0.28
N ARG A 975 -7.35 -21.77 0.95
CA ARG A 975 -7.99 -22.73 1.85
C ARG A 975 -9.31 -23.23 1.27
N ILE A 976 -10.12 -22.33 0.72
CA ILE A 976 -11.40 -22.76 0.16
C ILE A 976 -11.19 -23.54 -1.12
N ALA A 977 -10.23 -23.12 -1.95
CA ALA A 977 -9.99 -23.79 -3.22
C ALA A 977 -9.53 -25.22 -3.00
N MET A 978 -8.79 -25.47 -1.92
CA MET A 978 -8.38 -26.84 -1.63
C MET A 978 -9.60 -27.74 -1.42
N GLN A 979 -10.58 -27.29 -0.64
CA GLN A 979 -11.77 -28.10 -0.40
C GLN A 979 -12.58 -28.28 -1.67
N VAL A 980 -12.73 -27.21 -2.45
CA VAL A 980 -13.49 -27.32 -3.69
C VAL A 980 -12.86 -28.34 -4.62
N GLU A 981 -11.53 -28.32 -4.72
CA GLU A 981 -10.84 -29.25 -5.60
C GLU A 981 -10.93 -30.67 -5.07
N LEU A 982 -10.83 -30.84 -3.75
CA LEU A 982 -11.02 -32.15 -3.14
C LEU A 982 -12.34 -32.77 -3.56
N HIS A 983 -13.44 -32.05 -3.33
CA HIS A 983 -14.74 -32.63 -3.65
C HIS A 983 -14.96 -32.77 -5.14
N THR A 984 -14.44 -31.85 -5.95
CA THR A 984 -14.56 -32.00 -7.40
C THR A 984 -13.89 -33.28 -7.87
N SER A 985 -12.67 -33.56 -7.38
CA SER A 985 -12.00 -34.79 -7.77
C SER A 985 -12.77 -36.01 -7.27
N LEU A 986 -13.33 -35.94 -6.07
CA LEU A 986 -14.09 -37.06 -5.55
C LEU A 986 -15.33 -37.35 -6.39
N GLU A 987 -15.93 -36.31 -6.98
CA GLU A 987 -17.17 -36.53 -7.73
C GLU A 987 -16.92 -37.28 -9.04
N LYS A 988 -15.75 -37.09 -9.64
CA LYS A 988 -15.48 -37.72 -10.93
C LYS A 988 -15.17 -39.19 -10.83
N LYS A 989 -15.29 -39.80 -9.64
CA LYS A 989 -14.96 -41.21 -9.47
C LYS A 989 -16.06 -42.01 -8.80
N LEU A 990 -17.01 -41.36 -8.15
CA LEU A 990 -18.09 -42.10 -7.51
C LEU A 990 -19.13 -42.51 -8.54
N PRO A 991 -19.92 -43.55 -8.25
CA PRO A 991 -20.96 -43.97 -9.19
C PRO A 991 -22.15 -43.01 -9.17
N LEU A 992 -22.89 -43.00 -10.28
CA LEU A 992 -23.96 -42.03 -10.48
C LEU A 992 -25.06 -42.22 -9.44
N TRP A 993 -25.53 -43.46 -9.26
CA TRP A 993 -26.64 -43.70 -8.35
C TRP A 993 -26.30 -43.29 -6.94
N PHE A 994 -25.02 -43.45 -6.54
CA PHE A 994 -24.63 -43.08 -5.18
C PHE A 994 -24.72 -41.57 -4.99
N LEU A 995 -24.23 -40.81 -5.97
CA LEU A 995 -24.37 -39.36 -5.90
C LEU A 995 -25.82 -38.95 -5.86
N ARG A 996 -26.67 -39.62 -6.64
CA ARG A 996 -28.10 -39.36 -6.55
C ARG A 996 -28.62 -39.62 -5.14
N LYS A 997 -28.16 -40.70 -4.51
CA LYS A 997 -28.71 -41.10 -3.22
C LYS A 997 -28.29 -40.14 -2.11
N VAL A 998 -27.03 -39.71 -2.08
CA VAL A 998 -26.54 -38.94 -0.94
C VAL A 998 -26.69 -37.43 -1.12
N ASP A 999 -26.94 -36.95 -2.33
CA ASP A 999 -27.06 -35.52 -2.55
C ASP A 999 -28.32 -34.95 -1.92
N GLN A 1000 -28.27 -33.69 -1.52
CA GLN A 1000 -29.41 -33.00 -0.95
C GLN A 1000 -29.69 -31.72 -1.72
N LYS A 1001 -30.88 -31.16 -1.50
CA LYS A 1001 -31.31 -29.94 -2.17
C LYS A 1001 -31.44 -28.76 -1.24
N SER A 1002 -31.46 -28.98 0.07
CA SER A 1002 -31.60 -27.90 1.03
C SER A 1002 -31.15 -28.42 2.39
N THR A 1003 -31.08 -27.51 3.35
CA THR A 1003 -30.68 -27.88 4.70
C THR A 1003 -31.37 -26.97 5.69
N ILE A 1004 -31.56 -27.49 6.90
CA ILE A 1004 -32.24 -26.79 7.99
C ILE A 1004 -31.28 -26.71 9.16
N VAL A 1005 -31.18 -25.54 9.78
CA VAL A 1005 -30.25 -25.30 10.87
C VAL A 1005 -30.99 -24.62 12.02
N TYR A 1006 -30.87 -25.19 13.22
CA TYR A 1006 -31.34 -24.57 14.43
C TYR A 1006 -30.14 -23.98 15.17
N PRO A 1007 -30.01 -22.67 15.26
CA PRO A 1007 -28.82 -22.11 15.93
C PRO A 1007 -28.75 -22.44 17.41
N ASN A 1008 -29.88 -22.54 18.09
CA ASN A 1008 -29.88 -22.75 19.54
C ASN A 1008 -29.43 -24.15 19.91
N LYS A 1009 -30.02 -25.17 19.26
CA LYS A 1009 -29.69 -26.56 19.54
C LYS A 1009 -28.21 -26.82 19.28
N PRO A 1010 -27.60 -27.78 19.99
CA PRO A 1010 -26.18 -28.13 19.83
C PRO A 1010 -25.81 -28.50 18.40
N LYS A 1038 -8.50 -3.27 -3.33
CA LYS A 1038 -9.39 -3.89 -4.30
C LYS A 1038 -10.71 -3.12 -4.39
N SER A 1039 -10.95 -2.23 -3.43
CA SER A 1039 -12.14 -1.40 -3.48
C SER A 1039 -11.88 -0.13 -4.29
N LEU A 1040 -10.71 0.47 -4.10
CA LEU A 1040 -10.37 1.70 -4.82
C LEU A 1040 -10.41 1.50 -6.32
N GLU A 1041 -9.90 0.36 -6.78
CA GLU A 1041 -9.92 0.08 -8.21
C GLU A 1041 -11.36 -0.01 -8.73
N MET A 1042 -12.23 -0.67 -7.96
CA MET A 1042 -13.63 -0.76 -8.38
C MET A 1042 -14.28 0.62 -8.42
N GLU A 1043 -13.99 1.47 -7.44
CA GLU A 1043 -14.57 2.81 -7.42
C GLU A 1043 -14.13 3.60 -8.63
N ILE A 1044 -12.83 3.59 -8.93
CA ILE A 1044 -12.36 4.39 -10.05
C ILE A 1044 -12.86 3.82 -11.37
N LEU A 1045 -13.11 2.51 -11.42
CA LEU A 1045 -13.69 1.93 -12.63
C LEU A 1045 -15.12 2.43 -12.83
N LYS A 1046 -15.92 2.40 -11.77
CA LYS A 1046 -17.29 2.88 -11.87
C LYS A 1046 -17.32 4.34 -12.29
N GLN A 1047 -16.46 5.16 -11.71
CA GLN A 1047 -16.50 6.56 -12.06
C GLN A 1047 -15.94 6.81 -13.46
N LYS A 1048 -15.07 5.94 -13.95
CA LYS A 1048 -14.68 6.03 -15.36
C LYS A 1048 -15.87 5.80 -16.27
N TYR A 1049 -16.68 4.79 -15.97
CA TYR A 1049 -17.88 4.55 -16.77
C TYR A 1049 -18.80 5.76 -16.73
N ARG A 1050 -18.99 6.34 -15.55
CA ARG A 1050 -19.82 7.53 -15.43
C ARG A 1050 -19.29 8.68 -16.29
N LEU A 1051 -17.98 8.88 -16.27
CA LEU A 1051 -17.37 9.95 -17.05
C LEU A 1051 -17.58 9.73 -18.55
N LYS A 1052 -17.50 8.48 -19.00
CA LYS A 1052 -17.74 8.23 -20.42
C LYS A 1052 -19.18 8.54 -20.82
N ASP A 1053 -20.13 8.16 -19.98
CA ASP A 1053 -21.53 8.53 -20.27
C ASP A 1053 -21.71 10.03 -20.32
N LEU A 1054 -21.05 10.74 -19.41
CA LEU A 1054 -21.11 12.20 -19.41
C LEU A 1054 -20.60 12.78 -20.73
N THR A 1055 -19.46 12.28 -21.21
CA THR A 1055 -18.92 12.75 -22.48
C THR A 1055 -19.90 12.53 -23.62
N PHE A 1056 -20.50 11.35 -23.68
CA PHE A 1056 -21.45 11.06 -24.75
C PHE A 1056 -22.61 12.05 -24.76
N LEU A 1057 -23.19 12.30 -23.58
CA LEU A 1057 -24.31 13.21 -23.50
C LEU A 1057 -23.90 14.63 -23.91
N LEU A 1058 -22.72 15.06 -23.48
CA LEU A 1058 -22.28 16.41 -23.81
C LEU A 1058 -22.10 16.57 -25.32
N GLU A 1059 -21.63 15.53 -26.00
CA GLU A 1059 -21.45 15.65 -27.44
C GLU A 1059 -22.80 15.75 -28.16
N LYS A 1060 -23.78 14.95 -27.74
CA LYS A 1060 -25.12 15.10 -28.32
C LYS A 1060 -25.64 16.52 -28.13
N GLN A 1061 -25.44 17.07 -26.94
CA GLN A 1061 -25.92 18.43 -26.66
C GLN A 1061 -25.24 19.45 -27.56
N HIS A 1062 -23.94 19.30 -27.78
CA HIS A 1062 -23.21 20.22 -28.65
C HIS A 1062 -23.79 20.20 -30.07
N GLU A 1063 -24.10 19.01 -30.57
CA GLU A 1063 -24.73 18.93 -31.89
C GLU A 1063 -26.05 19.67 -31.93
N LEU A 1064 -26.88 19.51 -30.90
CA LEU A 1064 -28.16 20.21 -30.87
C LEU A 1064 -27.96 21.73 -30.90
N ILE A 1065 -26.96 22.23 -30.17
CA ILE A 1065 -26.75 23.68 -30.14
C ILE A 1065 -26.34 24.20 -31.50
N LYS A 1066 -25.45 23.46 -32.18
CA LYS A 1066 -25.07 23.88 -33.52
C LYS A 1066 -26.28 23.92 -34.46
N LEU A 1067 -27.19 22.96 -34.30
CA LEU A 1067 -28.42 23.00 -35.11
C LEU A 1067 -29.23 24.25 -34.82
N ILE A 1068 -29.38 24.61 -33.53
CA ILE A 1068 -30.08 25.83 -33.18
C ILE A 1068 -29.49 27.01 -33.92
N ILE A 1069 -28.17 27.16 -33.86
CA ILE A 1069 -27.55 28.33 -34.49
C ILE A 1069 -27.79 28.33 -35.99
N GLN A 1070 -27.79 27.15 -36.61
CA GLN A 1070 -27.94 27.17 -38.06
C GLN A 1070 -29.39 27.25 -38.51
N LYS A 1071 -30.37 27.18 -37.61
CA LYS A 1071 -31.76 27.31 -37.99
C LYS A 1071 -32.45 28.59 -37.54
N MET A 1072 -31.86 29.35 -36.62
CA MET A 1072 -32.57 30.44 -35.97
C MET A 1072 -32.88 31.58 -36.93
N GLU A 1073 -33.62 32.55 -36.44
CA GLU A 1073 -33.93 33.77 -37.17
C GLU A 1073 -32.99 34.89 -36.73
N ILE A 1074 -32.46 35.64 -37.70
CA ILE A 1074 -31.58 36.76 -37.42
C ILE A 1074 -32.02 37.90 -38.32
N ILE A 1075 -32.47 39.00 -37.72
CA ILE A 1075 -33.03 40.10 -38.50
C ILE A 1075 -32.46 41.43 -38.04
N SER A 1076 -32.65 41.75 -36.77
CA SER A 1076 -32.19 43.05 -36.28
C SER A 1076 -30.69 43.05 -36.01
N GLU A 1077 -30.13 41.91 -35.64
CA GLU A 1077 -28.72 41.81 -35.32
C GLU A 1077 -27.89 41.33 -36.49
N THR A 1078 -28.31 41.59 -37.72
CA THR A 1078 -27.52 41.19 -38.87
C THR A 1078 -26.45 42.22 -39.17
N GLU A 1079 -25.40 41.80 -39.85
CA GLU A 1079 -24.27 42.67 -40.13
C GLU A 1079 -24.38 43.31 -41.50
N LYS B 447 -55.23 29.34 -20.17
CA LYS B 447 -54.83 28.35 -19.18
C LYS B 447 -53.51 27.70 -19.57
N SER B 448 -53.53 26.98 -20.69
CA SER B 448 -52.30 26.39 -21.21
C SER B 448 -51.22 27.43 -21.52
N PRO B 449 -51.52 28.59 -22.12
CA PRO B 449 -50.43 29.58 -22.32
C PRO B 449 -49.90 30.15 -21.02
N LEU B 450 -50.78 30.41 -20.05
CA LEU B 450 -50.34 31.04 -18.81
C LEU B 450 -49.42 30.11 -18.02
N HIS B 451 -49.71 28.81 -18.05
CA HIS B 451 -48.84 27.86 -17.35
C HIS B 451 -47.44 27.87 -17.94
N PHE B 452 -47.33 27.85 -19.27
CA PHE B 452 -46.02 27.91 -19.90
C PHE B 452 -45.30 29.21 -19.58
N ALA B 453 -45.99 30.33 -19.77
CA ALA B 453 -45.37 31.63 -19.53
C ALA B 453 -44.87 31.77 -18.11
N ALA B 454 -45.64 31.28 -17.14
CA ALA B 454 -45.22 31.37 -15.76
C ALA B 454 -44.11 30.37 -15.45
N SER B 455 -44.16 29.19 -16.06
CA SER B 455 -43.15 28.17 -15.79
C SER B 455 -41.79 28.56 -16.31
N TYR B 456 -41.72 29.36 -17.38
CA TYR B 456 -40.43 29.72 -17.94
C TYR B 456 -40.12 31.21 -17.80
N GLY B 457 -40.80 31.91 -16.90
CA GLY B 457 -40.40 33.25 -16.54
C GLY B 457 -40.63 34.31 -17.59
N ARG B 458 -41.46 34.04 -18.59
CA ARG B 458 -41.76 35.02 -19.62
C ARG B 458 -42.73 36.04 -19.03
N ILE B 459 -42.20 37.17 -18.60
CA ILE B 459 -42.94 38.06 -17.71
C ILE B 459 -43.94 38.90 -18.49
N ASN B 460 -43.57 39.37 -19.68
CA ASN B 460 -44.46 40.26 -20.43
C ASN B 460 -45.70 39.50 -20.90
N THR B 461 -45.54 38.24 -21.27
CA THR B 461 -46.70 37.42 -21.61
C THR B 461 -47.64 37.32 -20.42
N CYS B 462 -47.09 37.19 -19.21
CA CYS B 462 -47.93 37.13 -18.02
C CYS B 462 -48.66 38.45 -17.80
N GLN B 463 -47.97 39.57 -17.96
CA GLN B 463 -48.62 40.85 -17.79
C GLN B 463 -49.74 41.04 -18.80
N ARG B 464 -49.55 40.54 -20.02
CA ARG B 464 -50.61 40.68 -21.03
C ARG B 464 -51.80 39.78 -20.70
N LEU B 465 -51.55 38.53 -20.35
CA LEU B 465 -52.65 37.61 -20.05
C LEU B 465 -53.45 38.07 -18.85
N LEU B 466 -52.78 38.56 -17.81
CA LEU B 466 -53.45 38.98 -16.59
C LEU B 466 -53.91 40.44 -16.71
N GLN B 467 -54.76 40.66 -17.70
CA GLN B 467 -55.40 41.96 -17.89
C GLN B 467 -56.89 41.84 -17.69
N ASP B 468 -57.52 42.97 -17.43
CA ASP B 468 -58.94 43.03 -17.04
C ASP B 468 -59.19 42.13 -15.83
N ILE B 469 -58.51 42.49 -14.74
CA ILE B 469 -58.56 41.75 -13.49
C ILE B 469 -59.98 41.77 -12.94
N SER B 470 -60.67 40.63 -13.02
CA SER B 470 -62.03 40.51 -12.53
C SER B 470 -62.37 39.05 -12.29
N ASP B 471 -61.84 38.17 -13.14
CA ASP B 471 -62.07 36.74 -13.04
C ASP B 471 -60.79 36.07 -12.54
N THR B 472 -60.75 35.77 -11.23
CA THR B 472 -59.61 35.10 -10.63
C THR B 472 -59.68 33.59 -10.76
N ARG B 473 -60.57 33.07 -11.61
CA ARG B 473 -60.64 31.64 -11.80
C ARG B 473 -59.45 31.13 -12.62
N LEU B 474 -58.95 31.96 -13.53
CA LEU B 474 -57.80 31.57 -14.33
C LEU B 474 -56.51 31.62 -13.51
N LEU B 475 -56.43 32.57 -12.58
CA LEU B 475 -55.22 32.75 -11.79
C LEU B 475 -54.98 31.61 -10.83
N ASN B 476 -56.02 31.10 -10.17
CA ASN B 476 -55.86 30.10 -9.12
C ASN B 476 -56.34 28.73 -9.56
N GLU B 477 -56.04 28.34 -10.79
CA GLU B 477 -56.43 27.05 -11.33
C GLU B 477 -55.19 26.24 -11.67
N GLY B 478 -55.13 25.02 -11.18
CA GLY B 478 -54.00 24.15 -11.38
C GLY B 478 -54.18 23.23 -12.57
N ASP B 479 -53.06 22.68 -13.03
CA ASP B 479 -53.08 21.74 -14.15
C ASP B 479 -53.54 20.36 -13.69
N LEU B 480 -53.04 19.31 -14.33
CA LEU B 480 -53.46 17.97 -13.95
C LEU B 480 -52.83 17.48 -12.65
N HIS B 481 -51.63 17.98 -12.33
CA HIS B 481 -51.01 17.69 -11.04
C HIS B 481 -51.42 18.68 -9.98
N GLY B 482 -52.38 19.55 -10.28
CA GLY B 482 -52.87 20.51 -9.31
C GLY B 482 -51.92 21.63 -8.99
N MET B 483 -50.99 21.96 -9.89
CA MET B 483 -50.02 23.01 -9.65
C MET B 483 -50.45 24.31 -10.33
N THR B 484 -50.74 25.31 -9.53
CA THR B 484 -51.12 26.63 -10.02
C THR B 484 -49.93 27.31 -10.67
N PRO B 485 -50.16 28.41 -11.40
CA PRO B 485 -49.02 29.16 -11.93
C PRO B 485 -47.99 29.54 -10.89
N LEU B 486 -48.43 29.86 -9.68
CA LEU B 486 -47.49 30.22 -8.62
C LEU B 486 -46.56 29.06 -8.31
N HIS B 487 -47.10 27.84 -8.27
CA HIS B 487 -46.28 26.67 -8.00
C HIS B 487 -45.18 26.53 -9.04
N LEU B 488 -45.52 26.70 -10.31
CA LEU B 488 -44.54 26.54 -11.38
C LEU B 488 -43.49 27.65 -11.34
N ALA B 489 -43.94 28.89 -11.23
CA ALA B 489 -43.01 30.01 -11.19
C ALA B 489 -42.03 29.87 -10.03
N ALA B 490 -42.50 29.37 -8.89
CA ALA B 490 -41.60 29.16 -7.76
C ALA B 490 -40.74 27.93 -7.96
N LYS B 491 -41.25 26.91 -8.63
CA LYS B 491 -40.48 25.70 -8.85
C LYS B 491 -39.25 25.98 -9.69
N ASN B 492 -39.39 26.81 -10.73
CA ASN B 492 -38.26 27.15 -11.57
C ASN B 492 -37.49 28.36 -11.08
N GLY B 493 -37.97 29.02 -10.04
CA GLY B 493 -37.20 30.07 -9.38
C GLY B 493 -37.22 31.42 -10.08
N HIS B 494 -38.39 31.87 -10.49
CA HIS B 494 -38.54 33.16 -11.16
C HIS B 494 -39.24 34.10 -10.19
N ASP B 495 -38.43 34.92 -9.50
CA ASP B 495 -38.96 35.73 -8.42
C ASP B 495 -39.85 36.86 -8.92
N LYS B 496 -39.53 37.41 -10.09
CA LYS B 496 -40.34 38.51 -10.60
C LYS B 496 -41.76 38.06 -10.93
N VAL B 497 -41.90 36.88 -11.53
CA VAL B 497 -43.23 36.37 -11.83
C VAL B 497 -43.98 36.06 -10.56
N VAL B 498 -43.29 35.54 -9.54
CA VAL B 498 -43.94 35.27 -8.26
C VAL B 498 -44.44 36.56 -7.63
N GLN B 499 -43.63 37.61 -7.68
CA GLN B 499 -44.04 38.89 -7.13
C GLN B 499 -45.25 39.43 -7.87
N LEU B 500 -45.24 39.35 -9.20
CA LEU B 500 -46.37 39.83 -9.98
C LEU B 500 -47.64 39.05 -9.67
N LEU B 501 -47.54 37.74 -9.54
CA LEU B 501 -48.72 36.93 -9.24
C LEU B 501 -49.24 37.22 -7.85
N LEU B 502 -48.34 37.44 -6.88
CA LEU B 502 -48.79 37.74 -5.52
C LEU B 502 -49.47 39.10 -5.47
N LYS B 503 -48.99 40.06 -6.27
CA LYS B 503 -49.64 41.36 -6.30
C LYS B 503 -51.07 41.26 -6.80
N LYS B 504 -51.43 40.13 -7.42
CA LYS B 504 -52.82 39.89 -7.77
C LYS B 504 -53.48 38.94 -6.77
N GLY B 505 -52.68 38.36 -5.87
CA GLY B 505 -53.21 37.42 -4.90
C GLY B 505 -53.43 36.03 -5.47
N ALA B 506 -52.69 35.05 -4.95
CA ALA B 506 -52.75 33.69 -5.48
C ALA B 506 -53.08 32.63 -4.45
N LEU B 507 -53.31 33.01 -3.20
CA LEU B 507 -53.95 32.20 -2.15
C LEU B 507 -53.08 31.11 -1.52
N PHE B 508 -52.00 30.67 -2.16
CA PHE B 508 -51.17 29.59 -1.62
C PHE B 508 -51.98 28.31 -1.46
N LEU B 509 -52.34 27.69 -2.57
CA LEU B 509 -53.07 26.43 -2.50
C LEU B 509 -52.11 25.28 -2.26
N SER B 510 -52.46 24.10 -2.76
CA SER B 510 -51.66 22.91 -2.60
C SER B 510 -51.97 21.92 -3.72
N ASP B 511 -50.93 21.24 -4.19
CA ASP B 511 -51.07 20.32 -5.29
C ASP B 511 -51.47 18.94 -4.79
N HIS B 512 -51.32 17.93 -5.66
CA HIS B 512 -51.71 16.57 -5.32
C HIS B 512 -50.70 15.86 -4.43
N ASN B 513 -49.81 16.60 -3.77
CA ASN B 513 -48.93 16.04 -2.77
C ASN B 513 -48.80 16.95 -1.56
N GLY B 514 -49.66 17.95 -1.45
CA GLY B 514 -49.68 18.83 -0.30
C GLY B 514 -48.64 19.93 -0.32
N TRP B 515 -47.76 19.98 -1.31
CA TRP B 515 -46.73 20.99 -1.35
C TRP B 515 -47.33 22.37 -1.59
N THR B 516 -46.58 23.39 -1.19
CA THR B 516 -46.93 24.77 -1.49
C THR B 516 -45.83 25.39 -2.33
N ALA B 517 -45.99 26.66 -2.65
CA ALA B 517 -44.95 27.37 -3.40
C ALA B 517 -43.63 27.34 -2.65
N LEU B 518 -43.68 27.47 -1.32
CA LEU B 518 -42.45 27.48 -0.54
C LEU B 518 -41.78 26.13 -0.55
N HIS B 519 -42.54 25.04 -0.58
CA HIS B 519 -41.95 23.72 -0.69
C HIS B 519 -41.12 23.60 -1.96
N HIS B 520 -41.66 24.04 -3.10
CA HIS B 520 -40.94 23.95 -4.35
C HIS B 520 -39.72 24.87 -4.35
N ALA B 521 -39.90 26.12 -3.91
CA ALA B 521 -38.79 27.06 -3.89
C ALA B 521 -37.66 26.56 -3.02
N SER B 522 -37.98 25.86 -1.93
CA SER B 522 -36.93 25.34 -1.05
C SER B 522 -36.31 24.08 -1.61
N MET B 523 -37.11 23.22 -2.22
CA MET B 523 -36.57 22.04 -2.89
C MET B 523 -35.56 22.46 -3.96
N GLY B 524 -35.80 23.57 -4.63
CA GLY B 524 -34.87 24.06 -5.62
C GLY B 524 -33.69 24.79 -5.04
N GLY B 525 -33.92 25.55 -3.97
CA GLY B 525 -32.85 26.28 -3.33
C GLY B 525 -32.78 27.74 -3.70
N TYR B 526 -33.80 28.27 -4.36
CA TYR B 526 -33.79 29.64 -4.83
C TYR B 526 -34.15 30.55 -3.67
N THR B 527 -33.12 31.12 -3.03
CA THR B 527 -33.36 31.91 -1.84
C THR B 527 -34.11 33.19 -2.15
N GLN B 528 -34.00 33.71 -3.38
CA GLN B 528 -34.62 34.99 -3.70
C GLN B 528 -36.14 34.87 -3.76
N THR B 529 -36.66 33.86 -4.44
CA THR B 529 -38.11 33.67 -4.47
C THR B 529 -38.62 33.27 -3.09
N MET B 530 -37.80 32.59 -2.29
CA MET B 530 -38.20 32.32 -0.91
C MET B 530 -38.36 33.61 -0.13
N LYS B 531 -37.40 34.52 -0.27
CA LYS B 531 -37.49 35.81 0.40
C LYS B 531 -38.69 36.59 -0.07
N VAL B 532 -39.04 36.47 -1.34
CA VAL B 532 -40.21 37.17 -1.86
C VAL B 532 -41.48 36.59 -1.25
N ILE B 533 -41.55 35.26 -1.13
CA ILE B 533 -42.73 34.62 -0.56
C ILE B 533 -42.88 34.98 0.92
N LEU B 534 -41.77 34.98 1.66
CA LEU B 534 -41.82 35.12 3.11
C LEU B 534 -42.17 36.53 3.57
N ASP B 535 -42.59 37.42 2.67
CA ASP B 535 -42.98 38.77 3.07
C ASP B 535 -44.42 39.11 2.71
N THR B 536 -45.34 38.14 2.81
CA THR B 536 -46.71 38.39 2.38
C THR B 536 -47.70 37.97 3.47
N ASN B 537 -48.00 36.67 3.54
CA ASN B 537 -48.96 36.20 4.53
C ASN B 537 -48.25 35.76 5.81
N LEU B 538 -47.01 35.29 5.67
CA LEU B 538 -46.17 34.86 6.79
C LEU B 538 -46.86 33.75 7.60
N LYS B 539 -47.74 32.99 6.95
CA LYS B 539 -48.45 31.90 7.60
C LYS B 539 -48.20 30.56 6.93
N CYS B 540 -47.47 30.52 5.82
CA CYS B 540 -47.22 29.27 5.13
C CYS B 540 -45.91 28.61 5.56
N THR B 541 -45.18 29.22 6.50
CA THR B 541 -43.86 28.72 6.86
C THR B 541 -43.94 27.32 7.46
N ASP B 542 -45.06 27.01 8.09
CA ASP B 542 -45.19 25.78 8.88
C ASP B 542 -46.30 24.89 8.33
N ARG B 543 -46.37 24.79 7.01
CA ARG B 543 -47.32 23.91 6.37
C ARG B 543 -46.70 22.52 6.22
N LEU B 544 -47.56 21.53 6.03
CA LEU B 544 -47.14 20.15 5.96
C LEU B 544 -47.73 19.47 4.73
N ASP B 545 -46.93 18.63 4.08
CA ASP B 545 -47.41 17.89 2.92
C ASP B 545 -48.03 16.58 3.38
N GLU B 546 -48.02 15.58 2.50
CA GLU B 546 -48.66 14.31 2.82
C GLU B 546 -47.87 13.51 3.83
N ASP B 547 -46.57 13.80 3.98
CA ASP B 547 -45.72 13.08 4.91
C ASP B 547 -45.27 13.94 6.08
N GLY B 548 -45.95 15.05 6.33
CA GLY B 548 -45.60 15.91 7.44
C GLY B 548 -44.25 16.56 7.32
N ASN B 549 -43.77 16.80 6.10
CA ASN B 549 -42.51 17.49 5.87
C ASN B 549 -42.77 18.97 5.72
N THR B 550 -41.93 19.79 6.35
CA THR B 550 -41.99 21.23 6.15
C THR B 550 -41.04 21.63 5.04
N ALA B 551 -41.01 22.93 4.73
CA ALA B 551 -40.06 23.42 3.75
C ALA B 551 -38.62 23.23 4.22
N LEU B 552 -38.40 23.35 5.53
CA LEU B 552 -37.07 23.15 6.08
C LEU B 552 -36.58 21.73 5.84
N HIS B 553 -37.48 20.75 5.92
CA HIS B 553 -37.09 19.37 5.64
C HIS B 553 -36.49 19.24 4.25
N PHE B 554 -37.13 19.83 3.25
CA PHE B 554 -36.64 19.72 1.88
C PHE B 554 -35.36 20.51 1.69
N ALA B 555 -35.32 21.75 2.18
CA ALA B 555 -34.11 22.55 2.03
C ALA B 555 -32.92 21.88 2.66
N ALA B 556 -33.13 21.11 3.74
CA ALA B 556 -32.01 20.43 4.37
C ALA B 556 -31.68 19.12 3.67
N ARG B 557 -32.69 18.42 3.17
CA ARG B 557 -32.43 17.15 2.50
C ARG B 557 -31.67 17.36 1.21
N GLU B 558 -31.94 18.47 0.51
CA GLU B 558 -31.26 18.70 -0.76
C GLU B 558 -29.90 19.36 -0.60
N GLY B 559 -29.57 19.88 0.57
CA GLY B 559 -28.25 20.43 0.80
C GLY B 559 -28.10 21.89 0.46
N HIS B 560 -29.14 22.69 0.62
CA HIS B 560 -29.08 24.11 0.29
C HIS B 560 -28.87 24.89 1.58
N ALA B 561 -27.60 25.23 1.86
CA ALA B 561 -27.26 25.83 3.13
C ALA B 561 -27.91 27.19 3.31
N LYS B 562 -27.85 28.03 2.28
CA LYS B 562 -28.38 29.39 2.42
C LYS B 562 -29.89 29.37 2.60
N ALA B 563 -30.58 28.43 1.96
CA ALA B 563 -32.02 28.31 2.18
C ALA B 563 -32.32 27.95 3.62
N VAL B 564 -31.55 27.04 4.20
CA VAL B 564 -31.76 26.65 5.59
C VAL B 564 -31.47 27.82 6.52
N ALA B 565 -30.40 28.56 6.26
CA ALA B 565 -30.10 29.73 7.08
C ALA B 565 -31.21 30.75 7.00
N LEU B 566 -31.76 30.98 5.80
CA LEU B 566 -32.84 31.94 5.66
C LEU B 566 -34.10 31.47 6.37
N LEU B 567 -34.40 30.16 6.30
CA LEU B 567 -35.60 29.66 6.95
C LEU B 567 -35.45 29.66 8.47
N LEU B 568 -34.23 29.55 8.97
CA LEU B 568 -34.02 29.61 10.41
C LEU B 568 -34.04 31.05 10.91
N SER B 569 -33.51 31.98 10.12
CA SER B 569 -33.52 33.39 10.50
C SER B 569 -34.94 33.87 10.77
N HIS B 570 -35.89 33.41 9.96
CA HIS B 570 -37.29 33.56 10.30
C HIS B 570 -37.71 32.42 11.21
N ASN B 571 -38.67 32.70 12.08
CA ASN B 571 -39.01 31.73 13.10
C ASN B 571 -39.77 30.56 12.51
N ALA B 572 -39.04 29.60 11.95
CA ALA B 572 -39.64 28.39 11.41
C ALA B 572 -39.69 27.34 12.52
N ASP B 573 -40.73 26.52 12.47
CA ASP B 573 -40.94 25.47 13.45
C ASP B 573 -40.02 24.30 13.17
N ILE B 574 -39.70 23.54 14.21
CA ILE B 574 -38.83 22.37 14.08
C ILE B 574 -39.62 21.17 14.60
N VAL B 575 -40.14 20.35 13.70
CA VAL B 575 -41.01 19.24 14.05
C VAL B 575 -40.44 17.97 13.45
N LEU B 576 -41.14 16.86 13.70
CA LEU B 576 -40.83 15.59 13.08
C LEU B 576 -41.86 15.30 12.00
N ASN B 577 -41.69 14.20 11.28
CA ASN B 577 -42.63 13.81 10.24
C ASN B 577 -43.18 12.44 10.60
N LYS B 578 -43.59 11.69 9.58
CA LYS B 578 -44.17 10.37 9.83
C LYS B 578 -43.13 9.35 10.26
N GLN B 579 -41.86 9.57 9.91
CA GLN B 579 -40.78 8.71 10.38
C GLN B 579 -40.06 9.29 11.58
N GLN B 580 -40.65 10.29 12.24
CA GLN B 580 -40.05 10.94 13.40
C GLN B 580 -38.65 11.44 13.10
N ALA B 581 -38.45 11.95 11.89
CA ALA B 581 -37.18 12.51 11.48
C ALA B 581 -37.30 14.02 11.37
N SER B 582 -36.42 14.74 12.05
CA SER B 582 -36.33 16.18 11.91
C SER B 582 -35.49 16.51 10.68
N PHE B 583 -35.32 17.80 10.42
CA PHE B 583 -34.51 18.20 9.27
C PHE B 583 -33.05 17.87 9.48
N LEU B 584 -32.60 17.85 10.74
CA LEU B 584 -31.22 17.48 11.02
C LEU B 584 -30.95 16.03 10.68
N HIS B 585 -31.91 15.15 10.95
CA HIS B 585 -31.73 13.74 10.59
C HIS B 585 -31.63 13.58 9.08
N LEU B 586 -32.44 14.32 8.33
CA LEU B 586 -32.38 14.23 6.87
C LEU B 586 -31.07 14.79 6.34
N ALA B 587 -30.56 15.85 6.96
CA ALA B 587 -29.28 16.39 6.53
C ALA B 587 -28.14 15.42 6.85
N LEU B 588 -28.25 14.68 7.95
CA LEU B 588 -27.18 13.76 8.32
C LEU B 588 -27.20 12.50 7.47
N HIS B 589 -28.39 11.96 7.19
CA HIS B 589 -28.46 10.72 6.43
C HIS B 589 -27.97 10.89 5.00
N ASN B 590 -27.97 12.12 4.49
CA ASN B 590 -27.50 12.41 3.14
C ASN B 590 -26.11 13.03 3.12
N LYS B 591 -25.46 13.16 4.27
CA LYS B 591 -24.07 13.62 4.36
C LYS B 591 -23.90 15.01 3.77
N ARG B 592 -24.88 15.88 4.04
CA ARG B 592 -24.81 17.27 3.61
C ARG B 592 -24.02 18.04 4.66
N LYS B 593 -22.72 18.19 4.41
CA LYS B 593 -21.85 18.74 5.44
C LYS B 593 -22.13 20.22 5.69
N GLU B 594 -22.34 21.00 4.64
CA GLU B 594 -22.40 22.44 4.81
C GLU B 594 -23.66 22.87 5.53
N VAL B 595 -24.78 22.20 5.28
CA VAL B 595 -26.01 22.56 5.98
C VAL B 595 -25.90 22.19 7.45
N VAL B 596 -25.19 21.11 7.76
CA VAL B 596 -25.02 20.72 9.16
C VAL B 596 -24.14 21.73 9.88
N LEU B 597 -23.05 22.15 9.23
CA LEU B 597 -22.22 23.20 9.82
C LEU B 597 -23.02 24.48 10.01
N THR B 598 -23.93 24.78 9.09
CA THR B 598 -24.77 25.95 9.25
C THR B 598 -25.69 25.82 10.47
N ILE B 599 -26.30 24.64 10.64
CA ILE B 599 -27.16 24.42 11.80
C ILE B 599 -26.36 24.56 13.09
N ILE B 600 -25.12 24.08 13.08
CA ILE B 600 -24.29 24.14 14.28
C ILE B 600 -23.92 25.57 14.61
N ARG B 601 -23.32 26.29 13.64
CA ARG B 601 -22.83 27.64 13.90
C ARG B 601 -23.93 28.61 14.30
N SER B 602 -25.18 28.28 14.08
CA SER B 602 -26.25 29.24 14.29
C SER B 602 -26.75 29.19 15.72
N LYS B 603 -27.64 30.13 16.05
CA LYS B 603 -28.46 29.98 17.23
C LYS B 603 -29.47 28.87 16.98
N ARG B 604 -30.37 28.69 17.93
CA ARG B 604 -31.40 27.66 17.89
C ARG B 604 -30.81 26.25 17.80
N TRP B 605 -29.49 26.12 17.92
CA TRP B 605 -28.87 24.79 17.87
C TRP B 605 -29.33 23.92 19.02
N ASP B 606 -29.68 24.55 20.15
CA ASP B 606 -30.12 23.80 21.32
C ASP B 606 -31.44 23.08 21.06
N GLU B 607 -32.44 23.81 20.57
CA GLU B 607 -33.72 23.17 20.28
C GLU B 607 -33.59 22.16 19.16
N CYS B 608 -32.78 22.46 18.14
CA CYS B 608 -32.51 21.47 17.10
C CYS B 608 -31.97 20.18 17.70
N LEU B 609 -31.09 20.30 18.70
CA LEU B 609 -30.55 19.11 19.34
C LEU B 609 -31.59 18.39 20.17
N LYS B 610 -32.48 19.13 20.83
CA LYS B 610 -33.47 18.51 21.70
C LYS B 610 -34.64 17.88 20.96
N ILE B 611 -34.86 18.25 19.69
CA ILE B 611 -36.12 17.90 19.04
C ILE B 611 -36.29 16.41 18.79
N PHE B 612 -35.21 15.64 18.71
CA PHE B 612 -35.32 14.23 18.36
C PHE B 612 -36.21 13.48 19.34
N SER B 613 -36.58 12.26 18.96
CA SER B 613 -37.42 11.41 19.78
C SER B 613 -36.84 10.01 19.87
N HIS B 614 -37.01 9.39 21.04
CA HIS B 614 -36.58 8.02 21.25
C HIS B 614 -37.49 7.06 20.48
N ASN B 615 -37.44 5.80 20.87
CA ASN B 615 -38.29 4.74 20.36
C ASN B 615 -38.14 4.54 18.85
N SER B 616 -37.23 5.25 18.20
CA SER B 616 -37.09 5.19 16.75
C SER B 616 -35.80 4.47 16.41
N PRO B 617 -35.85 3.30 15.78
CA PRO B 617 -34.61 2.60 15.44
C PRO B 617 -33.87 3.19 14.26
N GLY B 618 -34.42 4.20 13.60
CA GLY B 618 -33.78 4.76 12.43
C GLY B 618 -33.25 6.16 12.62
N ASN B 619 -33.87 6.93 13.50
CA ASN B 619 -33.50 8.34 13.72
C ASN B 619 -33.17 8.50 15.21
N LYS B 620 -31.95 8.17 15.58
CA LYS B 620 -31.54 8.21 16.98
C LYS B 620 -31.12 9.62 17.38
N CYS B 621 -30.37 9.73 18.47
CA CYS B 621 -29.92 11.04 18.94
C CYS B 621 -29.04 11.68 17.88
N PRO B 622 -29.11 13.00 17.71
CA PRO B 622 -28.27 13.65 16.69
C PRO B 622 -26.78 13.44 16.89
N ILE B 623 -26.31 13.26 18.13
CA ILE B 623 -24.88 13.12 18.36
C ILE B 623 -24.39 11.77 17.86
N THR B 624 -25.14 10.70 18.13
CA THR B 624 -24.76 9.39 17.63
C THR B 624 -24.76 9.36 16.12
N GLU B 625 -25.78 9.96 15.51
CA GLU B 625 -25.84 10.02 14.05
C GLU B 625 -24.69 10.84 13.49
N MET B 626 -24.31 11.92 14.15
CA MET B 626 -23.21 12.74 13.67
C MET B 626 -21.89 11.99 13.77
N ILE B 627 -21.74 11.16 14.80
CA ILE B 627 -20.55 10.34 14.91
C ILE B 627 -20.55 9.27 13.83
N GLU B 628 -21.72 8.77 13.47
CA GLU B 628 -21.78 7.68 12.51
C GLU B 628 -21.60 8.15 11.08
N TYR B 629 -22.07 9.34 10.74
CA TYR B 629 -22.09 9.78 9.35
C TYR B 629 -21.08 10.89 9.05
N LEU B 630 -21.08 11.98 9.83
CA LEU B 630 -20.23 13.13 9.57
C LEU B 630 -19.33 13.42 10.76
N PRO B 631 -18.26 12.66 10.92
CA PRO B 631 -17.37 12.89 12.07
C PRO B 631 -16.63 14.22 12.00
N GLU B 632 -16.41 14.75 10.80
CA GLU B 632 -15.70 16.03 10.71
C GLU B 632 -16.54 17.18 11.24
N CYS B 633 -17.85 16.99 11.33
CA CYS B 633 -18.69 17.98 12.00
C CYS B 633 -18.66 17.80 13.50
N MET B 634 -18.61 16.55 13.96
CA MET B 634 -18.44 16.30 15.39
C MET B 634 -17.13 16.88 15.89
N LYS B 635 -16.10 16.91 15.05
CA LYS B 635 -14.85 17.52 15.47
C LYS B 635 -15.03 19.00 15.76
N VAL B 636 -15.79 19.72 14.94
CA VAL B 636 -16.06 21.13 15.19
C VAL B 636 -16.91 21.29 16.43
N LEU B 637 -17.92 20.42 16.58
CA LEU B 637 -18.76 20.48 17.77
C LEU B 637 -17.95 20.29 19.04
N LEU B 638 -16.89 19.47 18.98
CA LEU B 638 -16.04 19.28 20.13
C LEU B 638 -15.09 20.46 20.32
N ASP B 639 -14.54 20.99 19.24
CA ASP B 639 -13.71 22.20 19.35
C ASP B 639 -14.46 23.33 20.04
N PHE B 640 -15.79 23.37 19.88
CA PHE B 640 -16.55 24.38 20.58
C PHE B 640 -16.56 24.20 22.10
N CYS B 641 -15.99 23.12 22.62
CA CYS B 641 -16.09 22.80 24.03
C CYS B 641 -14.80 23.04 24.81
N MET B 642 -13.80 23.66 24.19
CA MET B 642 -12.55 23.99 24.87
C MET B 642 -12.45 25.50 25.01
N LEU B 643 -12.57 25.98 26.26
CA LEU B 643 -12.52 27.41 26.54
C LEU B 643 -11.15 27.76 27.10
N HIS B 644 -10.64 28.93 26.74
CA HIS B 644 -9.33 29.39 27.20
C HIS B 644 -9.53 30.58 28.13
N SER B 645 -8.45 30.97 28.81
CA SER B 645 -8.53 32.05 29.78
C SER B 645 -7.97 33.35 29.20
N THR B 646 -6.69 33.62 29.47
CA THR B 646 -6.08 34.85 28.97
C THR B 646 -5.52 34.70 27.56
N GLU B 647 -5.57 33.49 27.00
CA GLU B 647 -5.03 33.16 25.69
C GLU B 647 -3.53 33.43 25.61
N ASP B 648 -2.81 33.29 26.72
CA ASP B 648 -1.36 33.50 26.76
C ASP B 648 -0.71 32.24 27.32
N LYS B 649 0.09 31.57 26.48
CA LYS B 649 0.65 30.28 26.87
C LYS B 649 1.58 30.41 28.07
N SER B 650 2.21 31.58 28.25
CA SER B 650 3.19 31.73 29.30
C SER B 650 2.53 31.94 30.66
N CYS B 651 1.37 32.58 30.68
CA CYS B 651 0.72 32.92 31.94
C CYS B 651 0.34 31.66 32.72
N ARG B 652 0.42 31.75 34.05
CA ARG B 652 0.06 30.61 34.88
C ARG B 652 -1.42 30.61 35.20
N ASP B 653 -2.04 31.80 35.28
CA ASP B 653 -3.48 31.85 35.44
C ASP B 653 -4.20 31.44 34.16
N TYR B 654 -3.46 31.33 33.06
CA TYR B 654 -4.03 30.82 31.81
C TYR B 654 -4.39 29.35 31.97
N TYR B 655 -5.69 29.07 31.97
CA TYR B 655 -6.18 27.71 32.18
C TYR B 655 -7.19 27.38 31.10
N ILE B 656 -7.19 26.11 30.69
CA ILE B 656 -8.12 25.61 29.69
C ILE B 656 -9.23 24.87 30.42
N GLU B 657 -10.47 25.13 30.05
CA GLU B 657 -11.60 24.39 30.59
C GLU B 657 -12.21 23.51 29.51
N TYR B 658 -12.41 22.25 29.86
CA TYR B 658 -13.07 21.27 29.00
C TYR B 658 -14.49 21.03 29.51
N ASN B 659 -15.43 20.98 28.58
CA ASN B 659 -16.84 20.82 28.90
C ASN B 659 -17.35 19.53 28.26
N PHE B 660 -17.88 18.64 29.10
CA PHE B 660 -18.35 17.34 28.66
C PHE B 660 -19.85 17.36 28.41
N LYS B 661 -20.29 18.36 27.64
CA LYS B 661 -21.72 18.60 27.49
C LYS B 661 -22.37 17.59 26.57
N TYR B 662 -21.68 17.20 25.50
CA TYR B 662 -22.27 16.37 24.46
C TYR B 662 -21.94 14.89 24.59
N LEU B 663 -21.09 14.53 25.54
CA LEU B 663 -20.73 13.13 25.75
C LEU B 663 -21.65 12.43 26.74
N GLN B 664 -22.55 13.17 27.39
CA GLN B 664 -23.41 12.60 28.41
C GLN B 664 -24.52 11.77 27.77
N CYS B 665 -25.48 11.33 28.58
CA CYS B 665 -26.50 10.41 28.10
C CYS B 665 -27.55 11.18 27.30
N PRO B 666 -28.02 10.60 26.18
CA PRO B 666 -29.07 11.29 25.41
C PRO B 666 -30.36 11.46 26.18
N LEU B 667 -30.62 10.60 27.17
CA LEU B 667 -31.83 10.70 27.97
C LEU B 667 -31.88 12.00 28.76
N GLU B 668 -30.80 12.79 28.71
CA GLU B 668 -30.77 14.06 29.43
C GLU B 668 -31.34 15.19 28.57
N PHE B 669 -31.08 15.15 27.26
CA PHE B 669 -31.46 16.27 26.40
C PHE B 669 -32.96 16.49 26.37
N THR B 670 -33.75 15.43 26.22
CA THR B 670 -35.20 15.53 26.19
C THR B 670 -35.71 15.92 27.57
N LYS B 671 -36.72 16.81 27.59
CA LYS B 671 -37.23 17.30 28.86
C LYS B 671 -38.14 16.27 29.54
N LYS B 672 -38.99 15.60 28.76
CA LYS B 672 -39.93 14.64 29.34
C LYS B 672 -39.21 13.44 29.91
N THR B 673 -38.49 12.71 29.07
CA THR B 673 -37.75 11.51 29.45
C THR B 673 -38.66 10.48 30.13
N PRO B 674 -39.44 9.73 29.34
CA PRO B 674 -40.26 8.68 29.96
C PRO B 674 -39.46 7.46 30.40
N THR B 675 -38.50 7.03 29.57
CA THR B 675 -37.65 5.89 29.89
C THR B 675 -38.46 4.63 30.17
N GLN B 676 -39.58 4.49 29.45
CA GLN B 676 -40.42 3.31 29.62
C GLN B 676 -39.67 2.05 29.19
N ASP B 677 -39.34 1.96 27.90
CA ASP B 677 -38.52 0.86 27.39
C ASP B 677 -37.16 1.33 26.90
N VAL B 678 -36.75 2.55 27.23
CA VAL B 678 -35.51 3.11 26.73
C VAL B 678 -34.44 2.96 27.80
N ILE B 679 -33.42 2.15 27.49
CA ILE B 679 -32.25 1.98 28.35
C ILE B 679 -31.02 2.28 27.53
N TYR B 680 -30.29 3.32 27.91
CA TYR B 680 -29.06 3.72 27.25
C TYR B 680 -27.87 3.21 28.02
N GLU B 681 -26.91 2.62 27.31
CA GLU B 681 -25.70 2.15 27.93
C GLU B 681 -24.84 3.33 28.36
N PRO B 682 -23.96 3.14 29.33
CA PRO B 682 -23.08 4.22 29.75
C PRO B 682 -22.05 4.55 28.67
N LEU B 683 -21.54 5.77 28.73
CA LEU B 683 -20.56 6.28 27.78
C LEU B 683 -21.03 6.04 26.34
N THR B 684 -22.18 6.63 26.03
CA THR B 684 -22.80 6.38 24.73
C THR B 684 -21.97 6.94 23.59
N ALA B 685 -21.49 8.17 23.74
CA ALA B 685 -20.73 8.80 22.66
C ALA B 685 -19.43 8.05 22.40
N LEU B 686 -18.72 7.67 23.46
CA LEU B 686 -17.43 6.99 23.27
C LEU B 686 -17.63 5.60 22.70
N ASN B 687 -18.68 4.89 23.11
CA ASN B 687 -18.95 3.59 22.52
C ASN B 687 -19.31 3.74 21.05
N ALA B 688 -20.05 4.80 20.70
CA ALA B 688 -20.38 5.03 19.30
C ALA B 688 -19.13 5.34 18.49
N MET B 689 -18.18 6.05 19.09
CA MET B 689 -16.91 6.31 18.41
C MET B 689 -16.11 5.02 18.22
N VAL B 690 -16.15 4.13 19.21
CA VAL B 690 -15.39 2.89 19.11
C VAL B 690 -15.98 1.97 18.06
N GLN B 691 -17.31 1.86 18.01
CA GLN B 691 -17.94 0.95 17.07
C GLN B 691 -17.84 1.42 15.63
N ASN B 692 -17.27 2.60 15.38
CA ASN B 692 -17.13 3.12 14.03
C ASN B 692 -15.69 3.48 13.69
N ASN B 693 -14.73 3.09 14.54
CA ASN B 693 -13.31 3.28 14.28
C ASN B 693 -12.95 4.75 14.11
N ARG B 694 -13.64 5.63 14.84
CA ARG B 694 -13.35 7.06 14.77
C ARG B 694 -12.17 7.37 15.67
N ILE B 695 -10.98 6.95 15.20
CA ILE B 695 -9.78 7.11 16.01
C ILE B 695 -9.41 8.59 16.13
N GLU B 696 -9.66 9.37 15.07
CA GLU B 696 -9.30 10.78 15.12
C GLU B 696 -10.15 11.54 16.11
N LEU B 697 -11.33 11.01 16.44
CA LEU B 697 -12.17 11.65 17.45
C LEU B 697 -11.77 11.22 18.86
N LEU B 698 -11.40 9.95 19.02
CA LEU B 698 -11.02 9.46 20.34
C LEU B 698 -9.74 10.10 20.85
N ASN B 699 -8.93 10.69 19.98
CA ASN B 699 -7.72 11.37 20.39
C ASN B 699 -7.93 12.86 20.58
N HIS B 700 -9.15 13.36 20.45
CA HIS B 700 -9.41 14.76 20.69
C HIS B 700 -9.27 15.06 22.18
N PRO B 701 -8.65 16.18 22.55
CA PRO B 701 -8.38 16.44 23.97
C PRO B 701 -9.59 16.36 24.87
N VAL B 702 -10.78 16.67 24.37
CA VAL B 702 -11.97 16.61 25.21
C VAL B 702 -12.26 15.18 25.62
N CYS B 703 -12.20 14.25 24.66
CA CYS B 703 -12.43 12.85 24.99
C CYS B 703 -11.34 12.30 25.90
N LYS B 704 -10.10 12.73 25.68
CA LYS B 704 -9.00 12.29 26.54
C LYS B 704 -9.23 12.73 27.98
N GLU B 705 -9.62 14.00 28.18
CA GLU B 705 -9.89 14.46 29.53
C GLU B 705 -11.12 13.80 30.11
N TYR B 706 -12.10 13.46 29.28
CA TYR B 706 -13.27 12.74 29.76
C TYR B 706 -12.87 11.39 30.34
N LEU B 707 -12.07 10.63 29.59
CA LEU B 707 -11.63 9.33 30.07
C LEU B 707 -10.75 9.46 31.31
N LEU B 708 -9.85 10.43 31.33
CA LEU B 708 -9.00 10.61 32.50
C LEU B 708 -9.82 10.98 33.73
N MET B 709 -10.88 11.77 33.55
CA MET B 709 -11.76 12.09 34.66
C MET B 709 -12.46 10.84 35.17
N LYS B 710 -12.98 10.01 34.27
CA LYS B 710 -13.61 8.76 34.71
C LYS B 710 -12.61 7.90 35.48
N TRP B 711 -11.40 7.77 34.95
CA TRP B 711 -10.36 7.00 35.61
C TRP B 711 -10.15 7.49 37.04
N LEU B 712 -9.66 8.71 37.20
CA LEU B 712 -9.41 9.29 38.51
C LEU B 712 -10.65 9.40 39.38
N ALA B 713 -11.84 9.26 38.82
CA ALA B 713 -13.07 9.32 39.59
C ALA B 713 -13.37 7.98 40.25
N TYR B 714 -13.24 6.87 39.53
CA TYR B 714 -13.52 5.60 40.18
C TYR B 714 -12.81 4.38 39.62
N GLY B 715 -12.23 4.44 38.42
CA GLY B 715 -11.67 3.24 37.83
C GLY B 715 -10.39 2.82 38.49
N PHE B 716 -9.51 3.79 38.72
CA PHE B 716 -8.26 3.51 39.41
C PHE B 716 -8.49 2.86 40.75
N ARG B 717 -9.46 3.36 41.51
CA ARG B 717 -9.76 2.78 42.81
C ARG B 717 -10.36 1.39 42.68
N ALA B 718 -11.31 1.22 41.76
CA ALA B 718 -11.95 -0.08 41.63
C ALA B 718 -10.98 -1.15 41.18
N HIS B 719 -9.90 -0.78 40.50
CA HIS B 719 -8.94 -1.79 40.10
C HIS B 719 -7.79 -1.95 41.08
N MET B 720 -7.40 -0.90 41.79
CA MET B 720 -6.44 -1.08 42.86
C MET B 720 -7.00 -1.96 43.97
N MET B 721 -8.32 -1.91 44.20
CA MET B 721 -8.88 -2.84 45.17
C MET B 721 -8.71 -4.29 44.74
N ASN B 722 -8.89 -4.57 43.45
CA ASN B 722 -8.70 -5.92 42.94
C ASN B 722 -7.25 -6.36 43.07
N LEU B 723 -6.33 -5.51 42.64
CA LEU B 723 -4.91 -5.83 42.76
C LEU B 723 -4.53 -6.07 44.21
N GLY B 724 -5.04 -5.26 45.13
CA GLY B 724 -4.72 -5.47 46.53
C GLY B 724 -5.28 -6.77 47.07
N SER B 725 -6.52 -7.09 46.69
CA SER B 725 -7.12 -8.34 47.15
C SER B 725 -6.34 -9.54 46.65
N TYR B 726 -5.73 -9.44 45.47
CA TYR B 726 -4.93 -10.56 44.98
C TYR B 726 -3.56 -10.60 45.63
N CYS B 727 -2.89 -9.44 45.73
CA CYS B 727 -1.57 -9.42 46.35
C CYS B 727 -1.61 -9.84 47.80
N LEU B 728 -2.76 -9.67 48.47
CA LEU B 728 -2.87 -10.13 49.85
C LEU B 728 -2.63 -11.62 50.00
N GLY B 729 -2.73 -12.38 48.93
CA GLY B 729 -2.39 -13.79 48.98
C GLY B 729 -1.14 -14.08 48.18
N LEU B 730 -0.82 -13.21 47.23
CA LEU B 730 0.36 -13.43 46.40
C LEU B 730 1.64 -13.18 47.18
N ILE B 731 1.66 -12.18 48.05
CA ILE B 731 2.92 -11.76 48.68
C ILE B 731 3.31 -12.68 49.83
N PRO B 732 2.41 -13.05 50.75
CA PRO B 732 2.83 -13.98 51.80
C PRO B 732 3.29 -15.33 51.28
N MET B 733 2.76 -15.78 50.14
CA MET B 733 3.26 -17.01 49.53
C MET B 733 4.74 -16.88 49.19
N THR B 734 5.10 -15.83 48.47
CA THR B 734 6.50 -15.62 48.11
C THR B 734 7.37 -15.44 49.34
N ILE B 735 6.84 -14.78 50.37
CA ILE B 735 7.62 -14.61 51.60
C ILE B 735 7.88 -15.96 52.25
N LEU B 736 6.89 -16.86 52.21
CA LEU B 736 7.10 -18.19 52.77
C LEU B 736 8.12 -18.98 51.98
N VAL B 737 8.11 -18.84 50.66
CA VAL B 737 8.99 -19.66 49.82
C VAL B 737 10.44 -19.29 50.03
N VAL B 738 10.77 -18.00 50.04
CA VAL B 738 12.15 -17.57 50.03
C VAL B 738 12.71 -17.47 51.45
N ASN B 739 11.94 -17.91 52.44
CA ASN B 739 12.39 -17.87 53.83
C ASN B 739 12.51 -19.24 54.48
N ILE B 740 12.02 -20.30 53.84
CA ILE B 740 12.15 -21.66 54.35
C ILE B 740 12.89 -22.47 53.31
N LYS B 741 13.73 -23.39 53.75
CA LYS B 741 14.47 -24.21 52.81
C LYS B 741 13.56 -25.27 52.22
N PRO B 742 13.47 -25.39 50.90
CA PRO B 742 12.57 -26.36 50.30
C PRO B 742 12.88 -27.78 50.75
N GLY B 743 11.84 -28.57 50.95
CA GLY B 743 11.97 -29.93 51.40
C GLY B 743 11.75 -30.12 52.89
N MET B 744 11.78 -29.05 53.67
CA MET B 744 11.60 -29.15 55.11
C MET B 744 10.13 -28.99 55.47
N ALA B 745 9.68 -29.74 56.46
CA ALA B 745 8.33 -29.59 56.96
C ALA B 745 8.27 -28.39 57.91
N PHE B 746 7.13 -27.71 57.94
CA PHE B 746 7.00 -26.55 58.79
C PHE B 746 5.54 -26.37 59.17
N ASN B 747 5.30 -25.91 60.38
CA ASN B 747 3.95 -25.52 60.78
C ASN B 747 4.01 -24.19 61.52
N SER B 748 2.88 -23.79 62.10
CA SER B 748 2.80 -22.48 62.75
C SER B 748 3.83 -22.33 63.85
N THR B 749 4.27 -23.44 64.45
CA THR B 749 5.26 -23.35 65.51
C THR B 749 6.65 -23.03 64.98
N GLY B 750 6.97 -23.51 63.78
CA GLY B 750 8.28 -23.25 63.23
C GLY B 750 8.63 -24.26 62.15
N ILE B 751 9.92 -24.57 62.07
CA ILE B 751 10.45 -25.45 61.04
C ILE B 751 10.96 -26.72 61.69
N ILE B 752 10.49 -27.87 61.20
CA ILE B 752 10.84 -29.17 61.78
C ILE B 752 12.11 -29.66 61.08
N ASN B 753 13.24 -29.60 61.78
CA ASN B 753 14.53 -30.02 61.24
C ASN B 753 14.78 -31.45 61.71
N GLU B 754 14.44 -32.41 60.84
CA GLU B 754 14.57 -33.82 61.20
C GLU B 754 15.86 -34.42 60.66
N GLU B 760 14.25 -35.19 65.99
CA GLU B 760 13.63 -33.98 65.47
C GLU B 760 14.01 -32.76 66.29
N ILE B 761 14.42 -31.70 65.59
CA ILE B 761 14.69 -30.40 66.21
C ILE B 761 13.64 -29.43 65.69
N LEU B 762 13.42 -28.32 66.39
CA LEU B 762 12.40 -27.37 65.97
C LEU B 762 12.99 -25.98 65.98
N ASP B 763 13.22 -25.41 64.80
CA ASP B 763 13.68 -24.04 64.68
C ASP B 763 12.49 -23.11 64.87
N THR B 764 12.58 -22.22 65.85
CA THR B 764 11.46 -21.40 66.28
C THR B 764 11.63 -19.91 65.99
N THR B 765 12.82 -19.47 65.59
CA THR B 765 13.00 -18.07 65.23
C THR B 765 12.22 -17.78 63.95
N ASN B 766 11.73 -16.54 63.84
CA ASN B 766 10.88 -16.11 62.73
C ASN B 766 9.56 -16.85 62.66
N SER B 767 9.09 -17.41 63.77
CA SER B 767 7.83 -18.13 63.75
C SER B 767 6.64 -17.20 63.60
N TYR B 768 6.76 -15.96 64.08
CA TYR B 768 5.67 -15.00 63.95
C TYR B 768 5.37 -14.69 62.48
N LEU B 769 6.40 -14.42 61.70
CA LEU B 769 6.21 -14.17 60.27
C LEU B 769 5.62 -15.39 59.57
N ILE B 770 6.11 -16.57 59.91
CA ILE B 770 5.60 -17.80 59.29
C ILE B 770 4.12 -17.97 59.58
N LYS B 771 3.72 -17.80 60.84
CA LYS B 771 2.32 -17.92 61.21
C LYS B 771 1.45 -16.90 60.50
N THR B 772 1.87 -15.64 60.48
CA THR B 772 1.10 -14.61 59.80
C THR B 772 0.89 -14.95 58.33
N CYS B 773 1.96 -15.36 57.64
CA CYS B 773 1.83 -15.67 56.22
C CYS B 773 0.98 -16.90 55.98
N MET B 774 1.12 -17.94 56.80
CA MET B 774 0.28 -19.10 56.65
C MET B 774 -1.19 -18.79 56.86
N ILE B 775 -1.52 -17.86 57.74
CA ILE B 775 -2.91 -17.46 57.91
C ILE B 775 -3.41 -16.64 56.72
N LEU B 776 -2.60 -15.70 56.25
CA LEU B 776 -3.01 -14.88 55.12
C LEU B 776 -3.20 -15.69 53.83
N VAL B 777 -2.44 -16.77 53.65
CA VAL B 777 -2.67 -17.59 52.46
C VAL B 777 -3.96 -18.39 52.59
N PHE B 778 -4.23 -18.91 53.78
CA PHE B 778 -5.44 -19.69 54.02
C PHE B 778 -6.68 -18.85 53.78
N LEU B 779 -6.71 -17.65 54.35
CA LEU B 779 -7.90 -16.80 54.19
C LEU B 779 -8.12 -16.44 52.74
N SER B 780 -7.05 -16.13 52.01
CA SER B 780 -7.20 -15.79 50.60
C SER B 780 -7.74 -16.96 49.80
N SER B 781 -7.26 -18.18 50.09
CA SER B 781 -7.79 -19.33 49.36
C SER B 781 -9.27 -19.54 49.66
N ILE B 782 -9.66 -19.36 50.93
CA ILE B 782 -11.07 -19.58 51.28
C ILE B 782 -11.96 -18.55 50.59
N PHE B 783 -11.56 -17.27 50.64
CA PHE B 783 -12.37 -16.25 50.00
C PHE B 783 -12.41 -16.42 48.49
N GLY B 784 -11.32 -16.90 47.89
CA GLY B 784 -11.35 -17.18 46.47
C GLY B 784 -12.30 -18.30 46.12
N TYR B 785 -12.30 -19.36 46.93
CA TYR B 785 -13.26 -20.45 46.73
C TYR B 785 -14.68 -19.93 46.80
N CYS B 786 -14.97 -19.09 47.80
CA CYS B 786 -16.32 -18.55 47.95
C CYS B 786 -16.71 -17.70 46.75
N LYS B 787 -15.82 -16.80 46.32
CA LYS B 787 -16.12 -15.94 45.19
C LYS B 787 -16.34 -16.77 43.92
N GLU B 788 -15.53 -17.80 43.70
CA GLU B 788 -15.66 -18.62 42.51
C GLU B 788 -16.93 -19.45 42.53
N ALA B 789 -17.33 -19.97 43.70
CA ALA B 789 -18.61 -20.65 43.79
C ALA B 789 -19.76 -19.66 43.59
N GLY B 790 -19.53 -18.40 43.93
CA GLY B 790 -20.54 -17.39 43.65
C GLY B 790 -20.69 -17.08 42.18
N GLN B 791 -19.57 -17.11 41.44
CA GLN B 791 -19.64 -16.88 40.01
C GLN B 791 -20.29 -18.06 39.28
N ILE B 792 -20.13 -19.26 39.82
CA ILE B 792 -20.73 -20.44 39.22
C ILE B 792 -22.24 -20.40 39.37
N ASN B 798 -19.99 -22.28 30.43
CA ASN B 798 -19.34 -20.99 30.24
C ASN B 798 -18.24 -20.78 31.26
N TYR B 799 -18.47 -21.23 32.48
CA TYR B 799 -17.49 -21.05 33.55
C TYR B 799 -16.23 -21.87 33.28
N PHE B 800 -16.37 -23.18 33.10
CA PHE B 800 -15.20 -24.03 32.94
C PHE B 800 -14.50 -23.76 31.60
N MET B 801 -15.16 -23.03 30.70
CA MET B 801 -14.56 -22.75 29.40
C MET B 801 -13.43 -21.74 29.52
N ASP B 802 -13.57 -20.77 30.42
CA ASP B 802 -12.57 -19.73 30.57
C ASP B 802 -11.27 -20.30 31.11
N ILE B 803 -10.17 -19.59 30.89
CA ILE B 803 -8.87 -20.07 31.35
C ILE B 803 -8.56 -19.52 32.74
N SER B 804 -9.01 -18.30 33.02
CA SER B 804 -8.76 -17.71 34.33
C SER B 804 -9.40 -18.53 35.43
N ASN B 805 -10.57 -19.13 35.14
CA ASN B 805 -11.22 -19.97 36.13
C ASN B 805 -10.37 -21.19 36.47
N VAL B 806 -9.80 -21.83 35.45
CA VAL B 806 -8.95 -23.00 35.69
C VAL B 806 -7.73 -22.59 36.49
N LEU B 807 -7.08 -21.49 36.09
CA LEU B 807 -5.89 -21.05 36.79
C LEU B 807 -6.19 -20.77 38.26
N GLU B 808 -7.29 -20.10 38.54
CA GLU B 808 -7.58 -19.76 39.92
C GLU B 808 -8.01 -20.97 40.73
N TRP B 809 -8.70 -21.93 40.11
CA TRP B 809 -9.01 -23.16 40.82
C TRP B 809 -7.74 -23.89 41.22
N ILE B 810 -6.78 -24.00 40.31
CA ILE B 810 -5.51 -24.63 40.64
C ILE B 810 -4.80 -23.87 41.75
N ILE B 811 -4.76 -22.55 41.65
CA ILE B 811 -4.06 -21.74 42.64
C ILE B 811 -4.62 -21.98 44.02
N TYR B 812 -5.95 -21.91 44.16
CA TYR B 812 -6.55 -22.06 45.47
C TYR B 812 -6.40 -23.48 46.00
N THR B 813 -6.60 -24.49 45.15
CA THR B 813 -6.49 -25.86 45.61
C THR B 813 -5.09 -26.18 46.10
N THR B 814 -4.05 -25.68 45.42
CA THR B 814 -2.71 -26.01 45.85
C THR B 814 -2.24 -25.13 46.99
N GLY B 815 -2.67 -23.86 47.03
CA GLY B 815 -2.30 -23.00 48.13
C GLY B 815 -2.93 -23.42 49.44
N ILE B 816 -4.11 -24.07 49.38
CA ILE B 816 -4.70 -24.54 50.62
C ILE B 816 -3.96 -25.75 51.16
N ILE B 817 -3.28 -26.50 50.30
CA ILE B 817 -2.54 -27.67 50.74
C ILE B 817 -1.16 -27.28 51.22
N PHE B 818 -0.56 -26.26 50.59
CA PHE B 818 0.77 -25.83 50.99
C PHE B 818 0.81 -25.42 52.46
N VAL B 819 -0.23 -24.76 52.96
CA VAL B 819 -0.26 -24.28 54.34
C VAL B 819 -1.20 -25.09 55.21
N LEU B 820 -1.51 -26.32 54.82
CA LEU B 820 -2.45 -27.13 55.59
C LEU B 820 -1.94 -27.53 56.97
N PRO B 821 -0.62 -27.73 57.22
CA PRO B 821 -0.19 -28.06 58.59
C PRO B 821 -0.60 -27.07 59.66
N LEU B 822 -1.30 -26.00 59.26
CA LEU B 822 -1.88 -25.09 60.24
C LEU B 822 -2.93 -25.82 61.08
N PHE B 823 -3.49 -26.90 60.54
CA PHE B 823 -4.53 -27.68 61.21
C PHE B 823 -4.21 -29.16 61.33
N VAL B 824 -3.86 -29.81 60.22
CA VAL B 824 -3.64 -31.25 60.20
C VAL B 824 -2.27 -31.53 59.59
N GLU B 825 -1.56 -32.52 60.15
CA GLU B 825 -0.23 -32.85 59.68
C GLU B 825 -0.26 -33.37 58.25
N ILE B 826 0.91 -33.42 57.62
CA ILE B 826 1.02 -33.72 56.20
C ILE B 826 2.48 -34.08 55.91
N PRO B 827 2.76 -34.96 54.95
CA PRO B 827 4.16 -35.24 54.61
C PRO B 827 4.81 -34.06 53.92
N ALA B 828 6.10 -33.86 54.21
CA ALA B 828 6.81 -32.71 53.67
C ALA B 828 6.89 -32.76 52.15
N HIS B 829 7.01 -33.96 51.59
CA HIS B 829 7.11 -34.11 50.14
C HIS B 829 5.88 -33.53 49.46
N LEU B 830 4.68 -33.91 49.91
CA LEU B 830 3.46 -33.41 49.32
C LEU B 830 3.34 -31.90 49.50
N GLN B 831 3.69 -31.41 50.68
CA GLN B 831 3.61 -29.98 50.96
C GLN B 831 4.44 -29.18 49.96
N TRP B 832 5.69 -29.58 49.76
CA TRP B 832 6.53 -28.78 48.88
C TRP B 832 6.23 -29.02 47.41
N GLN B 833 5.74 -30.20 47.05
CA GLN B 833 5.35 -30.39 45.67
C GLN B 833 4.06 -29.65 45.32
N CYS B 834 3.26 -29.28 46.32
CA CYS B 834 2.15 -28.37 46.04
C CYS B 834 2.60 -26.92 46.05
N GLY B 835 3.55 -26.58 46.91
CA GLY B 835 4.11 -25.23 46.88
C GLY B 835 4.75 -24.90 45.55
N ALA B 836 5.40 -25.87 44.92
CA ALA B 836 6.07 -25.62 43.65
C ALA B 836 5.08 -25.27 42.55
N ILE B 837 3.86 -25.80 42.63
CA ILE B 837 2.85 -25.49 41.62
C ILE B 837 2.16 -24.17 41.95
N ALA B 838 1.91 -23.93 43.23
CA ALA B 838 1.22 -22.71 43.62
C ALA B 838 2.07 -21.48 43.29
N VAL B 839 3.36 -21.51 43.64
CA VAL B 839 4.19 -20.32 43.48
C VAL B 839 4.43 -20.03 42.01
N TYR B 840 4.18 -21.01 41.14
CA TYR B 840 4.35 -20.80 39.71
C TYR B 840 3.09 -20.23 39.10
N PHE B 841 1.93 -20.82 39.43
CA PHE B 841 0.70 -20.34 38.82
C PHE B 841 0.27 -18.99 39.39
N TYR B 842 0.68 -18.65 40.62
CA TYR B 842 0.40 -17.32 41.14
C TYR B 842 0.99 -16.24 40.23
N TRP B 843 2.30 -16.33 39.98
CA TRP B 843 2.95 -15.32 39.17
C TRP B 843 2.58 -15.43 37.70
N MET B 844 2.14 -16.59 37.24
CA MET B 844 1.65 -16.65 35.86
C MET B 844 0.28 -16.01 35.73
N ASN B 845 -0.53 -16.07 36.78
CA ASN B 845 -1.87 -15.49 36.72
C ASN B 845 -1.82 -13.99 36.96
N PHE B 846 -0.76 -13.49 37.60
CA PHE B 846 -0.63 -12.06 37.82
C PHE B 846 -0.63 -11.26 36.51
N LEU B 847 -0.22 -11.87 35.41
CA LEU B 847 -0.19 -11.14 34.15
C LEU B 847 -1.59 -10.80 33.67
N LEU B 848 -2.57 -11.65 33.95
CA LEU B 848 -3.93 -11.36 33.55
C LEU B 848 -4.50 -10.17 34.32
N TYR B 849 -3.99 -9.92 35.53
CA TYR B 849 -4.34 -8.68 36.21
C TYR B 849 -3.62 -7.50 35.61
N LEU B 850 -2.35 -7.67 35.25
CA LEU B 850 -1.62 -6.55 34.64
C LEU B 850 -2.17 -6.14 33.30
N GLN B 851 -2.87 -7.02 32.58
CA GLN B 851 -3.27 -6.67 31.22
C GLN B 851 -4.32 -5.57 31.15
N ARG B 852 -4.78 -5.04 32.29
CA ARG B 852 -5.78 -3.98 32.25
C ARG B 852 -5.15 -2.63 31.97
N PHE B 853 -4.03 -2.34 32.64
CA PHE B 853 -3.40 -1.03 32.54
C PHE B 853 -2.90 -0.80 31.12
N GLU B 854 -2.85 0.47 30.72
CA GLU B 854 -2.71 0.77 29.30
C GLU B 854 -1.25 0.79 28.87
N ASN B 855 -0.35 1.19 29.76
CA ASN B 855 1.05 1.26 29.38
C ASN B 855 1.68 -0.11 29.17
N CYS B 856 1.05 -1.16 29.67
CA CYS B 856 1.63 -2.50 29.60
C CYS B 856 0.64 -3.59 29.29
N GLY B 857 -0.45 -3.30 28.58
CA GLY B 857 -1.41 -4.32 28.26
C GLY B 857 -1.43 -4.74 26.82
N ILE B 858 -0.65 -4.09 25.97
CA ILE B 858 -0.55 -4.52 24.58
C ILE B 858 0.43 -5.67 24.45
N PHE B 859 1.39 -5.78 25.36
CA PHE B 859 2.31 -6.90 25.33
C PHE B 859 1.63 -8.20 25.69
N ILE B 860 0.62 -8.17 26.55
CA ILE B 860 -0.12 -9.38 26.86
C ILE B 860 -0.95 -9.81 25.66
N VAL B 861 -1.47 -8.86 24.90
CA VAL B 861 -2.20 -9.19 23.69
C VAL B 861 -1.27 -9.87 22.68
N MET B 862 -0.08 -9.30 22.49
CA MET B 862 0.89 -9.91 21.59
C MET B 862 1.28 -11.30 22.05
N LEU B 863 1.55 -11.46 23.35
CA LEU B 863 1.93 -12.75 23.90
C LEU B 863 0.84 -13.79 23.64
N GLU B 864 -0.41 -13.41 23.89
CA GLU B 864 -1.51 -14.34 23.65
C GLU B 864 -1.63 -14.73 22.18
N VAL B 865 -1.52 -13.76 21.27
CA VAL B 865 -1.63 -14.07 19.85
C VAL B 865 -0.55 -15.06 19.43
N ILE B 866 0.69 -14.78 19.82
CA ILE B 866 1.80 -15.63 19.42
C ILE B 866 1.64 -17.02 20.02
N LEU B 867 1.18 -17.09 21.27
CA LEU B 867 1.02 -18.39 21.91
C LEU B 867 -0.07 -19.22 21.25
N LYS B 868 -1.19 -18.59 20.86
CA LYS B 868 -2.23 -19.31 20.16
C LYS B 868 -1.73 -19.84 18.82
N THR B 869 -1.03 -18.99 18.07
CA THR B 869 -0.51 -19.44 16.79
C THR B 869 0.46 -20.59 16.95
N LEU B 870 1.27 -20.57 18.01
CA LEU B 870 2.19 -21.68 18.24
C LEU B 870 1.44 -22.95 18.61
N LEU B 871 0.40 -22.84 19.44
CA LEU B 871 -0.31 -24.04 19.85
C LEU B 871 -1.16 -24.63 18.73
N ARG B 872 -1.54 -23.83 17.73
CA ARG B 872 -2.32 -24.41 16.64
C ARG B 872 -1.48 -25.25 15.70
N SER B 873 -0.16 -25.18 15.79
CA SER B 873 0.71 -25.92 14.88
C SER B 873 1.35 -27.15 15.52
N THR B 874 1.17 -27.35 16.82
CA THR B 874 1.72 -28.56 17.44
C THR B 874 1.00 -29.80 16.95
N VAL B 875 -0.28 -29.67 16.57
CA VAL B 875 -1.01 -30.79 16.00
C VAL B 875 -0.36 -31.31 14.74
N VAL B 876 0.52 -30.52 14.13
CA VAL B 876 1.27 -30.91 12.95
C VAL B 876 2.70 -31.23 13.29
N PHE B 877 3.44 -30.26 13.80
CA PHE B 877 4.86 -30.39 14.01
C PHE B 877 5.22 -31.12 15.28
N ILE B 878 4.35 -32.02 15.73
CA ILE B 878 4.72 -33.00 16.74
C ILE B 878 4.98 -34.37 16.11
N PHE B 879 4.79 -34.50 14.81
CA PHE B 879 5.13 -35.74 14.13
C PHE B 879 6.55 -35.69 13.56
N LEU B 880 7.07 -34.50 13.28
CA LEU B 880 8.50 -34.37 13.05
C LEU B 880 9.29 -34.86 14.24
N LEU B 881 8.89 -34.45 15.44
CA LEU B 881 9.57 -34.90 16.64
C LEU B 881 9.46 -36.40 16.80
N LEU B 882 8.30 -36.98 16.50
CA LEU B 882 8.16 -38.43 16.60
C LEU B 882 9.09 -39.14 15.63
N ALA B 883 9.12 -38.68 14.37
CA ALA B 883 9.99 -39.30 13.38
C ALA B 883 11.43 -39.28 13.83
N PHE B 884 11.95 -38.09 14.15
CA PHE B 884 13.35 -37.99 14.50
C PHE B 884 13.67 -38.68 15.80
N GLY B 885 12.78 -38.59 16.79
CA GLY B 885 13.05 -39.22 18.07
C GLY B 885 13.06 -40.73 17.99
N LEU B 886 12.12 -41.30 17.25
CA LEU B 886 12.09 -42.75 17.13
C LEU B 886 13.20 -43.27 16.23
N SER B 887 13.73 -42.46 15.32
CA SER B 887 14.88 -42.94 14.58
C SER B 887 16.18 -42.81 15.38
N PHE B 888 16.33 -41.73 16.13
CA PHE B 888 17.48 -41.59 17.02
C PHE B 888 17.47 -42.62 18.13
N TYR B 889 16.30 -43.08 18.54
CA TYR B 889 16.25 -44.13 19.56
C TYR B 889 16.85 -45.43 19.05
N ILE B 890 16.76 -45.68 17.76
CA ILE B 890 17.32 -46.89 17.17
C ILE B 890 18.79 -46.71 16.82
N LEU B 891 19.15 -45.57 16.25
CA LEU B 891 20.51 -45.39 15.79
C LEU B 891 21.50 -45.18 16.93
N LEU B 892 21.11 -44.47 17.97
CA LEU B 892 22.01 -44.11 19.06
C LEU B 892 21.55 -44.73 20.37
N ASN B 893 21.21 -46.01 20.35
CA ASN B 893 20.54 -46.61 21.49
C ASN B 893 21.48 -46.89 22.65
N LEU B 894 22.77 -47.01 22.39
CA LEU B 894 23.72 -47.36 23.44
C LEU B 894 24.10 -46.17 24.32
N GLN B 895 23.64 -44.98 24.01
CA GLN B 895 23.97 -43.79 24.77
C GLN B 895 22.84 -43.45 25.74
N ASP B 896 23.20 -42.89 26.88
CA ASP B 896 22.20 -42.63 27.93
C ASP B 896 21.11 -41.65 27.51
N PRO B 897 21.39 -40.55 26.81
CA PRO B 897 20.31 -39.64 26.45
C PRO B 897 19.26 -40.26 25.54
N PHE B 898 19.59 -41.35 24.84
CA PHE B 898 18.68 -41.99 23.90
C PHE B 898 18.36 -43.42 24.29
N SER B 899 18.36 -43.73 25.57
CA SER B 899 18.23 -45.11 26.01
C SER B 899 16.78 -45.53 26.23
N SER B 900 15.81 -44.71 25.86
CA SER B 900 14.40 -44.98 26.08
C SER B 900 13.61 -44.13 25.11
N PRO B 901 12.44 -44.61 24.67
CA PRO B 901 11.66 -43.82 23.69
C PRO B 901 11.30 -42.44 24.19
N LEU B 902 10.86 -42.32 25.44
CA LEU B 902 10.43 -41.04 25.94
C LEU B 902 11.61 -40.10 26.17
N LEU B 903 12.70 -40.61 26.75
CA LEU B 903 13.89 -39.81 26.90
C LEU B 903 14.42 -39.35 25.55
N SER B 904 14.33 -40.22 24.55
CA SER B 904 14.81 -39.89 23.22
C SER B 904 13.92 -38.85 22.56
N ILE B 905 12.64 -38.81 22.90
CA ILE B 905 11.78 -37.76 22.35
C ILE B 905 12.02 -36.44 23.08
N ILE B 906 12.36 -36.47 24.36
CA ILE B 906 12.63 -35.23 25.06
C ILE B 906 13.97 -34.63 24.65
N GLN B 907 14.99 -35.46 24.43
CA GLN B 907 16.27 -34.96 23.97
C GLN B 907 16.14 -34.31 22.61
N THR B 908 15.32 -34.89 21.72
CA THR B 908 15.13 -34.31 20.41
C THR B 908 14.39 -32.98 20.50
N PHE B 909 13.48 -32.86 21.46
CA PHE B 909 12.82 -31.58 21.69
C PHE B 909 13.81 -30.54 22.18
N SER B 910 14.77 -30.95 23.00
CA SER B 910 15.76 -30.00 23.51
C SER B 910 16.76 -29.58 22.44
N MET B 911 17.05 -30.46 21.49
CA MET B 911 17.98 -30.15 20.41
C MET B 911 17.39 -29.20 19.38
N MET B 912 16.16 -28.73 19.59
CA MET B 912 15.47 -27.91 18.60
C MET B 912 16.04 -26.51 18.47
N LEU B 913 16.75 -26.03 19.48
CA LEU B 913 17.25 -24.67 19.46
C LEU B 913 18.68 -24.55 18.96
N GLY B 914 19.35 -25.67 18.68
CA GLY B 914 20.69 -25.62 18.15
C GLY B 914 21.70 -26.32 19.03
N ASP B 915 21.26 -26.83 20.17
CA ASP B 915 22.14 -27.53 21.10
C ASP B 915 22.15 -29.00 20.74
N ILE B 916 22.94 -29.36 19.74
CA ILE B 916 22.89 -30.69 19.15
C ILE B 916 23.85 -31.67 19.78
N ASN B 917 24.93 -31.20 20.42
CA ASN B 917 25.95 -32.07 20.99
C ASN B 917 26.60 -32.91 19.90
N TYR B 918 27.17 -32.23 18.90
CA TYR B 918 27.78 -32.95 17.80
C TYR B 918 29.01 -33.73 18.27
N ARG B 919 29.86 -33.10 19.07
CA ARG B 919 31.11 -33.76 19.42
C ARG B 919 30.90 -34.88 20.43
N GLU B 920 29.88 -34.75 21.28
CA GLU B 920 29.73 -35.71 22.36
C GLU B 920 28.90 -36.92 21.93
N SER B 921 27.97 -36.75 21.01
CA SER B 921 27.07 -37.83 20.61
C SER B 921 27.42 -38.46 19.27
N PHE B 922 28.13 -37.77 18.40
CA PHE B 922 28.39 -38.27 17.06
C PHE B 922 29.87 -38.47 16.76
N LEU B 923 30.69 -37.43 16.95
CA LEU B 923 32.09 -37.52 16.53
C LEU B 923 32.89 -38.45 17.43
N GLU B 924 32.84 -38.21 18.74
CA GLU B 924 33.67 -38.99 19.65
C GLU B 924 33.25 -40.46 19.74
N PRO B 925 31.96 -40.83 19.73
CA PRO B 925 31.65 -42.25 19.62
C PRO B 925 32.11 -42.85 18.31
N TYR B 926 32.11 -42.06 17.23
CA TYR B 926 32.52 -42.58 15.94
C TYR B 926 34.02 -42.87 15.91
N LEU B 927 34.82 -42.00 16.51
CA LEU B 927 36.25 -42.25 16.53
C LEU B 927 36.65 -43.36 17.49
N ARG B 928 35.72 -43.86 18.30
CA ARG B 928 35.97 -45.00 19.17
C ARG B 928 35.36 -46.29 18.64
N ASN B 929 34.80 -46.27 17.43
CA ASN B 929 34.11 -47.42 16.86
C ASN B 929 32.95 -47.86 17.75
N GLU B 930 32.10 -46.91 18.14
CA GLU B 930 30.98 -47.20 19.01
C GLU B 930 29.65 -46.83 18.38
N LEU B 931 29.64 -46.41 17.13
CA LEU B 931 28.42 -46.18 16.38
C LEU B 931 28.07 -47.45 15.64
N ALA B 932 26.84 -47.93 15.81
CA ALA B 932 26.43 -49.15 15.14
C ALA B 932 26.13 -48.90 13.67
N HIS B 933 25.62 -47.72 13.34
CA HIS B 933 25.27 -47.36 11.97
C HIS B 933 25.85 -45.99 11.67
N PRO B 934 27.13 -45.94 11.28
CA PRO B 934 27.77 -44.62 11.12
C PRO B 934 27.19 -43.76 10.03
N VAL B 935 27.00 -44.31 8.83
CA VAL B 935 26.54 -43.50 7.70
C VAL B 935 25.14 -42.99 7.94
N LEU B 936 24.25 -43.87 8.43
CA LEU B 936 22.90 -43.43 8.74
C LEU B 936 22.88 -42.42 9.88
N SER B 937 23.73 -42.61 10.88
CA SER B 937 23.77 -41.66 11.98
C SER B 937 24.23 -40.28 11.55
N PHE B 938 25.17 -40.21 10.62
CA PHE B 938 25.60 -38.90 10.13
C PHE B 938 24.64 -38.31 9.10
N ALA B 939 23.87 -39.13 8.39
CA ALA B 939 22.85 -38.59 7.50
C ALA B 939 21.66 -38.03 8.26
N GLN B 940 21.24 -38.72 9.32
CA GLN B 940 20.20 -38.21 10.19
C GLN B 940 20.57 -36.88 10.84
N LEU B 941 21.82 -36.72 11.26
CA LEU B 941 22.26 -35.44 11.80
C LEU B 941 22.07 -34.30 10.81
N VAL B 942 22.47 -34.49 9.56
CA VAL B 942 22.33 -33.44 8.55
C VAL B 942 20.86 -33.15 8.26
N SER B 943 20.05 -34.19 8.08
CA SER B 943 18.64 -33.94 7.81
C SER B 943 17.94 -33.29 8.98
N PHE B 944 18.28 -33.66 10.20
CA PHE B 944 17.70 -33.00 11.37
C PHE B 944 18.10 -31.54 11.43
N THR B 945 19.39 -31.25 11.27
CA THR B 945 19.86 -29.87 11.33
C THR B 945 19.17 -29.02 10.28
N ILE B 946 18.93 -29.58 9.09
CA ILE B 946 18.26 -28.80 8.06
C ILE B 946 16.78 -28.62 8.40
N PHE B 947 16.13 -29.66 8.90
CA PHE B 947 14.68 -29.62 9.02
C PHE B 947 14.20 -28.83 10.23
N VAL B 948 14.85 -28.99 11.38
CA VAL B 948 14.25 -28.51 12.62
C VAL B 948 14.90 -27.21 13.10
N PRO B 949 16.20 -27.13 13.39
CA PRO B 949 16.74 -25.87 13.89
C PRO B 949 16.78 -24.76 12.85
N ILE B 950 16.58 -25.06 11.57
CA ILE B 950 16.63 -24.06 10.51
C ILE B 950 15.24 -23.80 9.94
N VAL B 951 14.62 -24.81 9.36
CA VAL B 951 13.36 -24.58 8.65
C VAL B 951 12.23 -24.29 9.63
N LEU B 952 12.06 -25.14 10.65
CA LEU B 952 10.93 -24.99 11.55
C LEU B 952 11.04 -23.70 12.37
N MET B 953 12.23 -23.39 12.86
CA MET B 953 12.37 -22.18 13.65
C MET B 953 12.20 -20.93 12.81
N ASN B 954 12.65 -20.93 11.55
CA ASN B 954 12.41 -19.78 10.70
C ASN B 954 10.93 -19.64 10.36
N LEU B 955 10.24 -20.76 10.22
CA LEU B 955 8.79 -20.71 10.04
C LEU B 955 8.11 -20.03 11.23
N LEU B 956 8.49 -20.43 12.43
CA LEU B 956 7.91 -19.82 13.63
C LEU B 956 8.23 -18.33 13.72
N ILE B 957 9.46 -17.95 13.36
CA ILE B 957 9.84 -16.54 13.42
C ILE B 957 9.02 -15.72 12.43
N GLY B 958 8.84 -16.23 11.21
CA GLY B 958 8.03 -15.52 10.24
C GLY B 958 6.59 -15.36 10.66
N LEU B 959 6.02 -16.42 11.24
CA LEU B 959 4.65 -16.32 11.76
C LEU B 959 4.56 -15.25 12.84
N ALA B 960 5.53 -15.20 13.76
CA ALA B 960 5.50 -14.21 14.82
C ALA B 960 5.62 -12.80 14.27
N VAL B 961 6.48 -12.59 13.29
CA VAL B 961 6.62 -11.27 12.69
C VAL B 961 5.31 -10.81 12.09
N GLY B 962 4.64 -11.71 11.36
CA GLY B 962 3.35 -11.36 10.79
C GLY B 962 2.31 -11.02 11.84
N ASP B 963 2.21 -11.84 12.88
CA ASP B 963 1.22 -11.61 13.93
C ASP B 963 1.44 -10.28 14.62
N ILE B 964 2.70 -9.95 14.92
CA ILE B 964 2.98 -8.72 15.62
C ILE B 964 2.72 -7.51 14.74
N ALA B 965 3.02 -7.61 13.45
CA ALA B 965 2.67 -6.51 12.56
C ALA B 965 1.16 -6.30 12.54
N GLU B 966 0.39 -7.38 12.47
CA GLU B 966 -1.06 -7.26 12.45
C GLU B 966 -1.60 -6.64 13.73
N VAL B 967 -1.00 -6.98 14.87
CA VAL B 967 -1.46 -6.40 16.12
C VAL B 967 -1.09 -4.92 16.20
N GLN B 968 0.11 -4.55 15.73
CA GLN B 968 0.52 -3.16 15.76
C GLN B 968 -0.28 -2.29 14.81
N LYS B 969 -0.87 -2.86 13.77
CA LYS B 969 -1.63 -2.06 12.83
C LYS B 969 -2.81 -1.38 13.51
N HIS B 970 -3.40 -2.02 14.52
CA HIS B 970 -4.56 -1.50 15.22
C HIS B 970 -4.27 -1.20 16.68
N ALA B 971 -3.11 -0.64 17.00
CA ALA B 971 -2.70 -0.53 18.39
C ALA B 971 -3.50 0.54 19.12
N SER B 972 -3.62 1.72 18.53
CA SER B 972 -4.23 2.84 19.23
C SER B 972 -5.71 2.62 19.47
N LEU B 973 -6.44 2.17 18.44
CA LEU B 973 -7.85 1.93 18.60
C LEU B 973 -8.13 0.86 19.64
N LYS B 974 -7.37 -0.24 19.60
CA LYS B 974 -7.56 -1.30 20.57
C LYS B 974 -7.24 -0.83 21.98
N ARG B 975 -6.18 -0.04 22.13
CA ARG B 975 -5.80 0.49 23.43
C ARG B 975 -6.91 1.35 24.01
N ILE B 976 -7.52 2.21 23.19
CA ILE B 976 -8.60 3.07 23.70
C ILE B 976 -9.85 2.25 23.98
N ALA B 977 -10.15 1.28 23.13
CA ALA B 977 -11.35 0.48 23.32
C ALA B 977 -11.28 -0.32 24.60
N MET B 978 -10.09 -0.76 24.99
CA MET B 978 -9.96 -1.47 26.26
C MET B 978 -10.40 -0.60 27.42
N GLN B 979 -9.96 0.66 27.47
CA GLN B 979 -10.36 1.55 28.55
C GLN B 979 -11.84 1.85 28.52
N VAL B 980 -12.38 2.10 27.33
CA VAL B 980 -13.81 2.38 27.22
C VAL B 980 -14.63 1.21 27.74
N GLU B 981 -14.23 -0.01 27.38
CA GLU B 981 -14.96 -1.18 27.83
C GLU B 981 -14.82 -1.40 29.33
N LEU B 982 -13.63 -1.14 29.86
CA LEU B 982 -13.42 -1.21 31.31
C LEU B 982 -14.42 -0.34 32.04
N HIS B 983 -14.45 0.95 31.69
CA HIS B 983 -15.34 1.85 32.42
C HIS B 983 -16.81 1.56 32.15
N THR B 984 -17.15 1.14 30.93
CA THR B 984 -18.54 0.77 30.65
C THR B 984 -18.98 -0.37 31.55
N SER B 985 -18.16 -1.41 31.68
CA SER B 985 -18.52 -2.51 32.55
C SER B 985 -18.60 -2.07 34.01
N LEU B 986 -17.71 -1.17 34.43
CA LEU B 986 -17.76 -0.70 35.81
C LEU B 986 -19.03 0.08 36.08
N GLU B 987 -19.57 0.78 35.08
CA GLU B 987 -20.76 1.60 35.33
C GLU B 987 -22.00 0.75 35.58
N LYS B 988 -22.08 -0.42 34.95
CA LYS B 988 -23.28 -1.23 35.07
C LYS B 988 -23.38 -1.95 36.41
N LYS B 989 -22.47 -1.69 37.35
CA LYS B 989 -22.50 -2.37 38.63
C LYS B 989 -22.46 -1.44 39.83
N LEU B 990 -22.09 -0.18 39.65
CA LEU B 990 -22.06 0.75 40.76
C LEU B 990 -23.47 1.25 41.07
N PRO B 991 -23.71 1.71 42.29
CA PRO B 991 -25.03 2.26 42.62
C PRO B 991 -25.25 3.63 42.01
N LEU B 992 -26.52 3.96 41.83
CA LEU B 992 -26.89 5.19 41.12
C LEU B 992 -26.40 6.43 41.84
N TRP B 993 -26.67 6.51 43.15
CA TRP B 993 -26.30 7.70 43.90
C TRP B 993 -24.81 7.94 43.88
N PHE B 994 -24.01 6.86 43.86
CA PHE B 994 -22.57 7.02 43.84
C PHE B 994 -22.11 7.63 42.53
N LEU B 995 -22.65 7.15 41.41
CA LEU B 995 -22.34 7.74 40.12
C LEU B 995 -22.75 9.20 40.08
N ARG B 996 -23.91 9.52 40.66
CA ARG B 996 -24.30 10.93 40.77
C ARG B 996 -23.26 11.72 41.55
N LYS B 997 -22.75 11.15 42.64
CA LYS B 997 -21.88 11.90 43.53
C LYS B 997 -20.51 12.15 42.90
N VAL B 998 -19.94 11.16 42.22
CA VAL B 998 -18.57 11.29 41.74
C VAL B 998 -18.45 11.85 40.33
N ASP B 999 -19.54 11.88 39.56
CA ASP B 999 -19.49 12.37 38.19
C ASP B 999 -19.26 13.88 38.16
N GLN B 1000 -18.62 14.34 37.10
CA GLN B 1000 -18.38 15.75 36.88
C GLN B 1000 -18.91 16.19 35.52
N LYS B 1001 -19.03 17.50 35.34
CA LYS B 1001 -19.54 18.07 34.11
C LYS B 1001 -18.49 18.84 33.32
N SER B 1002 -17.36 19.17 33.94
CA SER B 1002 -16.31 19.93 33.27
C SER B 1002 -15.03 19.76 34.06
N THR B 1003 -13.94 20.27 33.49
CA THR B 1003 -12.65 20.18 34.16
C THR B 1003 -11.81 21.38 33.77
N ILE B 1004 -10.90 21.74 34.67
CA ILE B 1004 -10.02 22.89 34.50
C ILE B 1004 -8.59 22.40 34.57
N VAL B 1005 -7.75 22.87 33.65
CA VAL B 1005 -6.36 22.42 33.57
C VAL B 1005 -5.46 23.63 33.45
N TYR B 1006 -4.45 23.70 34.32
CA TYR B 1006 -3.39 24.68 34.21
C TYR B 1006 -2.16 24.01 33.62
N PRO B 1007 -1.75 24.33 32.40
CA PRO B 1007 -0.59 23.62 31.83
C PRO B 1007 0.72 23.89 32.57
N ASN B 1008 0.89 25.07 33.13
CA ASN B 1008 2.15 25.43 33.76
C ASN B 1008 2.36 24.70 35.07
N LYS B 1009 1.35 24.71 35.94
CA LYS B 1009 1.44 24.06 37.24
C LYS B 1009 1.69 22.56 37.08
N PRO B 1010 2.35 21.91 38.05
CA PRO B 1010 2.65 20.48 37.99
C PRO B 1010 1.42 19.60 37.82
N LYS B 1038 -6.60 5.57 3.96
CA LYS B 1038 -7.94 5.90 4.43
C LYS B 1038 -8.35 7.30 3.99
N SER B 1039 -7.38 8.08 3.51
CA SER B 1039 -7.69 9.41 2.99
C SER B 1039 -8.05 9.33 1.51
N LEU B 1040 -7.33 8.52 0.74
CA LEU B 1040 -7.59 8.41 -0.68
C LEU B 1040 -9.01 7.92 -0.95
N GLU B 1041 -9.48 6.96 -0.15
CA GLU B 1041 -10.84 6.48 -0.31
C GLU B 1041 -11.86 7.60 -0.07
N MET B 1042 -11.63 8.41 0.97
CA MET B 1042 -12.54 9.51 1.24
C MET B 1042 -12.53 10.52 0.10
N GLU B 1043 -11.35 10.82 -0.45
CA GLU B 1043 -11.27 11.77 -1.55
C GLU B 1043 -12.04 11.27 -2.76
N ILE B 1044 -11.83 10.00 -3.13
CA ILE B 1044 -12.50 9.50 -4.32
C ILE B 1044 -14.00 9.40 -4.08
N LEU B 1045 -14.42 9.18 -2.84
CA LEU B 1045 -15.85 9.17 -2.53
C LEU B 1045 -16.45 10.55 -2.73
N LYS B 1046 -15.79 11.58 -2.20
CA LYS B 1046 -16.28 12.94 -2.38
C LYS B 1046 -16.38 13.31 -3.84
N GLN B 1047 -15.35 12.95 -4.62
CA GLN B 1047 -15.40 13.33 -6.03
C GLN B 1047 -16.41 12.50 -6.80
N LYS B 1048 -16.72 11.29 -6.34
CA LYS B 1048 -17.83 10.55 -6.94
C LYS B 1048 -19.14 11.28 -6.74
N TYR B 1049 -19.38 11.79 -5.52
CA TYR B 1049 -20.59 12.57 -5.28
C TYR B 1049 -20.65 13.79 -6.19
N ARG B 1050 -19.52 14.48 -6.32
CA ARG B 1050 -19.47 15.65 -7.20
C ARG B 1050 -19.81 15.27 -8.64
N LEU B 1051 -19.27 14.15 -9.12
CA LEU B 1051 -19.53 13.72 -10.48
C LEU B 1051 -21.01 13.40 -10.69
N LYS B 1052 -21.66 12.81 -9.69
CA LYS B 1052 -23.08 12.52 -9.83
C LYS B 1052 -23.90 13.80 -9.93
N ASP B 1053 -23.57 14.80 -9.10
CA ASP B 1053 -24.28 16.07 -9.22
C ASP B 1053 -24.07 16.70 -10.59
N LEU B 1054 -22.84 16.60 -11.11
CA LEU B 1054 -22.57 17.12 -12.45
C LEU B 1054 -23.45 16.45 -13.50
N THR B 1055 -23.58 15.12 -13.44
CA THR B 1055 -24.42 14.41 -14.39
C THR B 1055 -25.87 14.89 -14.31
N PHE B 1056 -26.39 15.04 -13.10
CA PHE B 1056 -27.77 15.49 -12.94
C PHE B 1056 -27.99 16.85 -13.60
N LEU B 1057 -27.09 17.80 -13.33
CA LEU B 1057 -27.23 19.12 -13.92
C LEU B 1057 -27.17 19.08 -15.44
N LEU B 1058 -26.24 18.27 -15.98
CA LEU B 1058 -26.11 18.21 -17.43
C LEU B 1058 -27.37 17.66 -18.08
N GLU B 1059 -28.03 16.70 -17.42
CA GLU B 1059 -29.26 16.15 -18.00
C GLU B 1059 -30.38 17.19 -18.02
N LYS B 1060 -30.52 17.94 -16.93
CA LYS B 1060 -31.50 19.03 -16.95
C LYS B 1060 -31.23 20.00 -18.09
N GLN B 1061 -29.96 20.35 -18.28
CA GLN B 1061 -29.61 21.28 -19.34
C GLN B 1061 -29.96 20.73 -20.72
N HIS B 1062 -29.71 19.45 -20.94
CA HIS B 1062 -30.04 18.83 -22.21
C HIS B 1062 -31.53 18.93 -22.50
N GLU B 1063 -32.36 18.69 -21.48
CA GLU B 1063 -33.80 18.84 -21.66
C GLU B 1063 -34.16 20.26 -22.06
N LEU B 1064 -33.57 21.26 -21.42
CA LEU B 1064 -33.86 22.63 -21.78
C LEU B 1064 -33.52 22.92 -23.23
N ILE B 1065 -32.38 22.40 -23.70
CA ILE B 1065 -31.96 22.68 -25.07
C ILE B 1065 -32.93 22.06 -26.07
N LYS B 1066 -33.37 20.84 -25.80
CA LYS B 1066 -34.36 20.24 -26.68
C LYS B 1066 -35.65 21.06 -26.72
N LEU B 1067 -36.05 21.63 -25.59
CA LEU B 1067 -37.21 22.51 -25.59
C LEU B 1067 -36.99 23.72 -26.48
N ILE B 1068 -35.82 24.34 -26.38
CA ILE B 1068 -35.50 25.47 -27.25
C ILE B 1068 -35.70 25.10 -28.71
N ILE B 1069 -35.12 23.96 -29.12
CA ILE B 1069 -35.22 23.58 -30.53
C ILE B 1069 -36.67 23.38 -30.93
N GLN B 1070 -37.48 22.81 -30.04
CA GLN B 1070 -38.84 22.53 -30.46
C GLN B 1070 -39.77 23.73 -30.34
N LYS B 1071 -39.32 24.85 -29.78
CA LYS B 1071 -40.16 26.04 -29.71
C LYS B 1071 -39.73 27.20 -30.60
N MET B 1072 -38.52 27.17 -31.15
CA MET B 1072 -37.97 28.35 -31.80
C MET B 1072 -38.71 28.71 -33.08
N GLU B 1073 -38.33 29.83 -33.67
CA GLU B 1073 -38.86 30.27 -34.95
C GLU B 1073 -37.88 29.92 -36.06
N ILE B 1074 -38.40 29.39 -37.17
CA ILE B 1074 -37.59 29.03 -38.32
C ILE B 1074 -38.33 29.52 -39.55
N ILE B 1075 -37.73 30.45 -40.29
CA ILE B 1075 -38.41 31.07 -41.42
C ILE B 1075 -37.49 31.11 -42.64
N SER B 1076 -36.34 31.75 -42.51
CA SER B 1076 -35.46 31.90 -43.66
C SER B 1076 -34.67 30.62 -43.91
N GLU B 1077 -34.37 29.87 -42.87
CA GLU B 1077 -33.57 28.66 -42.99
C GLU B 1077 -34.43 27.41 -43.09
N THR B 1078 -35.65 27.51 -43.61
CA THR B 1078 -36.48 26.34 -43.76
C THR B 1078 -36.15 25.62 -45.06
N GLU B 1079 -36.47 24.32 -45.11
CA GLU B 1079 -36.11 23.50 -46.26
C GLU B 1079 -37.26 23.40 -47.26
N LYS C 447 -32.88 53.37 -20.43
CA LYS C 447 -32.04 52.99 -19.31
C LYS C 447 -32.04 51.47 -19.13
N SER C 448 -33.20 50.92 -18.83
CA SER C 448 -33.34 49.48 -18.72
C SER C 448 -33.00 48.74 -20.02
N PRO C 449 -33.41 49.22 -21.20
CA PRO C 449 -32.98 48.51 -22.43
C PRO C 449 -31.49 48.60 -22.68
N LEU C 450 -30.88 49.76 -22.42
CA LEU C 450 -29.46 49.93 -22.72
C LEU C 450 -28.61 49.04 -21.83
N HIS C 451 -29.01 48.85 -20.57
CA HIS C 451 -28.26 47.98 -19.68
C HIS C 451 -28.26 46.55 -20.19
N PHE C 452 -29.43 46.06 -20.61
CA PHE C 452 -29.51 44.71 -21.16
C PHE C 452 -28.68 44.57 -22.43
N ALA C 453 -28.85 45.52 -23.37
CA ALA C 453 -28.16 45.44 -24.64
C ALA C 453 -26.64 45.47 -24.44
N ALA C 454 -26.16 46.29 -23.51
CA ALA C 454 -24.73 46.33 -23.27
C ALA C 454 -24.25 45.11 -22.51
N SER C 455 -25.06 44.60 -21.59
CA SER C 455 -24.65 43.44 -20.80
C SER C 455 -24.54 42.19 -21.65
N TYR C 456 -25.31 42.06 -22.72
CA TYR C 456 -25.26 40.86 -23.54
C TYR C 456 -24.71 41.10 -24.93
N GLY C 457 -24.01 42.21 -25.14
CA GLY C 457 -23.25 42.39 -26.36
C GLY C 457 -24.06 42.62 -27.61
N ARG C 458 -25.32 43.00 -27.48
CA ARG C 458 -26.17 43.28 -28.63
C ARG C 458 -25.79 44.65 -29.15
N ILE C 459 -24.96 44.67 -30.19
CA ILE C 459 -24.26 45.89 -30.57
C ILE C 459 -25.15 46.84 -31.35
N ASN C 460 -25.99 46.30 -32.24
CA ASN C 460 -26.82 47.17 -33.08
C ASN C 460 -27.86 47.90 -32.25
N THR C 461 -28.40 47.23 -31.22
CA THR C 461 -29.30 47.91 -30.31
C THR C 461 -28.61 49.07 -29.63
N CYS C 462 -27.34 48.89 -29.26
CA CYS C 462 -26.58 49.97 -28.64
C CYS C 462 -26.39 51.13 -29.63
N GLN C 463 -26.04 50.82 -30.87
CA GLN C 463 -25.86 51.88 -31.85
C GLN C 463 -27.15 52.65 -32.08
N ARG C 464 -28.29 51.96 -32.04
CA ARG C 464 -29.56 52.65 -32.23
C ARG C 464 -29.90 53.52 -31.03
N LEU C 465 -29.74 52.99 -29.82
CA LEU C 465 -30.08 53.77 -28.63
C LEU C 465 -29.20 55.00 -28.50
N LEU C 466 -27.90 54.85 -28.78
CA LEU C 466 -26.95 55.96 -28.64
C LEU C 466 -26.94 56.81 -29.91
N GLN C 467 -28.10 57.37 -30.22
CA GLN C 467 -28.24 58.29 -31.34
C GLN C 467 -28.64 59.65 -30.82
N ASP C 468 -28.40 60.68 -31.64
CA ASP C 468 -28.56 62.07 -31.25
C ASP C 468 -27.75 62.36 -29.97
N ILE C 469 -26.44 62.19 -30.13
CA ILE C 469 -25.49 62.38 -29.04
C ILE C 469 -25.51 63.81 -28.56
N SER C 470 -26.08 64.04 -27.38
CA SER C 470 -26.17 65.37 -26.80
C SER C 470 -26.39 65.27 -25.30
N ASP C 471 -27.14 64.26 -24.88
CA ASP C 471 -27.43 64.02 -23.46
C ASP C 471 -26.63 62.81 -22.99
N THR C 472 -25.51 63.06 -22.33
CA THR C 472 -24.68 62.00 -21.79
C THR C 472 -25.14 61.54 -20.42
N ARG C 473 -26.35 61.91 -20.00
CA ARG C 473 -26.85 61.45 -18.72
C ARG C 473 -27.24 59.98 -18.78
N LEU C 474 -27.71 59.53 -19.94
CA LEU C 474 -28.09 58.13 -20.09
C LEU C 474 -26.86 57.24 -20.18
N LEU C 475 -25.79 57.75 -20.79
CA LEU C 475 -24.59 56.94 -21.00
C LEU C 475 -23.86 56.64 -19.70
N ASN C 476 -23.76 57.61 -18.78
CA ASN C 476 -22.96 57.46 -17.58
C ASN C 476 -23.83 57.31 -16.35
N GLU C 477 -24.91 56.54 -16.45
CA GLU C 477 -25.81 56.32 -15.32
C GLU C 477 -25.82 54.85 -14.97
N GLY C 478 -25.62 54.54 -13.69
CA GLY C 478 -25.56 53.18 -13.21
C GLY C 478 -26.89 52.69 -12.70
N ASP C 479 -27.01 51.36 -12.59
CA ASP C 479 -28.22 50.75 -12.06
C ASP C 479 -28.27 50.86 -10.54
N LEU C 480 -28.86 49.87 -9.88
CA LEU C 480 -28.97 49.92 -8.43
C LEU C 480 -27.67 49.58 -7.74
N HIS C 481 -26.82 48.77 -8.36
CA HIS C 481 -25.49 48.50 -7.84
C HIS C 481 -24.47 49.50 -8.34
N GLY C 482 -24.92 50.55 -9.01
CA GLY C 482 -24.02 51.59 -9.48
C GLY C 482 -23.15 51.19 -10.64
N MET C 483 -23.55 50.21 -11.43
CA MET C 483 -22.75 49.75 -12.56
C MET C 483 -23.25 50.36 -13.85
N THR C 484 -22.41 51.17 -14.48
CA THR C 484 -22.73 51.80 -15.74
C THR C 484 -22.73 50.76 -16.85
N PRO C 485 -23.25 51.10 -18.03
CA PRO C 485 -23.15 50.17 -19.16
C PRO C 485 -21.75 49.68 -19.44
N LEU C 486 -20.75 50.53 -19.26
CA LEU C 486 -19.37 50.11 -19.47
C LEU C 486 -18.97 48.99 -18.52
N HIS C 487 -19.40 49.10 -17.26
CA HIS C 487 -19.10 48.06 -16.29
C HIS C 487 -19.66 46.72 -16.73
N LEU C 488 -20.90 46.71 -17.22
CA LEU C 488 -21.53 45.45 -17.62
C LEU C 488 -20.87 44.88 -18.88
N ALA C 489 -20.68 45.72 -19.89
CA ALA C 489 -20.06 45.26 -21.12
C ALA C 489 -18.67 44.68 -20.85
N ALA C 490 -17.93 45.28 -19.93
CA ALA C 490 -16.62 44.73 -19.60
C ALA C 490 -16.73 43.50 -18.73
N LYS C 491 -17.73 43.44 -17.87
CA LYS C 491 -17.90 42.28 -17.01
C LYS C 491 -18.14 41.02 -17.81
N ASN C 492 -18.96 41.11 -18.85
CA ASN C 492 -19.23 39.95 -19.69
C ASN C 492 -18.25 39.81 -20.84
N GLY C 493 -17.34 40.76 -21.01
CA GLY C 493 -16.25 40.60 -21.96
C GLY C 493 -16.61 40.84 -23.41
N HIS C 494 -17.32 41.93 -23.69
CA HIS C 494 -17.72 42.29 -25.05
C HIS C 494 -16.89 43.50 -25.45
N ASP C 495 -15.81 43.25 -26.19
CA ASP C 495 -14.84 44.31 -26.47
C ASP C 495 -15.40 45.32 -27.46
N LYS C 496 -16.23 44.87 -28.41
CA LYS C 496 -16.76 45.81 -29.40
C LYS C 496 -17.67 46.84 -28.75
N VAL C 497 -18.52 46.40 -27.82
CA VAL C 497 -19.40 47.33 -27.12
C VAL C 497 -18.58 48.30 -26.27
N VAL C 498 -17.52 47.80 -25.65
CA VAL C 498 -16.67 48.67 -24.85
C VAL C 498 -16.02 49.73 -25.73
N GLN C 499 -15.53 49.32 -26.90
CA GLN C 499 -14.92 50.28 -27.81
C GLN C 499 -15.92 51.32 -28.26
N LEU C 500 -17.14 50.89 -28.59
CA LEU C 500 -18.17 51.83 -29.03
C LEU C 500 -18.52 52.81 -27.92
N LEU C 501 -18.64 52.33 -26.68
CA LEU C 501 -18.98 53.22 -25.58
C LEU C 501 -17.85 54.19 -25.29
N LEU C 502 -16.60 53.74 -25.39
CA LEU C 502 -15.48 54.64 -25.15
C LEU C 502 -15.39 55.71 -26.23
N LYS C 503 -15.75 55.35 -27.48
CA LYS C 503 -15.74 56.35 -28.54
C LYS C 503 -16.76 57.46 -28.26
N LYS C 504 -17.67 57.22 -27.33
CA LYS C 504 -18.56 58.30 -26.89
C LYS C 504 -18.10 58.87 -25.56
N GLY C 505 -17.12 58.24 -24.92
CA GLY C 505 -16.64 58.69 -23.64
C GLY C 505 -17.51 58.26 -22.49
N ALA C 506 -16.98 57.43 -21.59
CA ALA C 506 -17.76 56.89 -20.49
C ALA C 506 -17.17 57.15 -19.11
N LEU C 507 -16.05 57.85 -19.02
CA LEU C 507 -15.51 58.47 -17.81
C LEU C 507 -14.84 57.53 -16.81
N PHE C 508 -15.11 56.23 -16.85
CA PHE C 508 -14.55 55.28 -15.88
C PHE C 508 -14.96 55.65 -14.46
N LEU C 509 -16.23 55.44 -14.15
CA LEU C 509 -16.71 55.70 -12.80
C LEU C 509 -16.36 54.54 -11.88
N SER C 510 -17.20 54.33 -10.87
CA SER C 510 -17.00 53.26 -9.90
C SER C 510 -18.34 52.90 -9.27
N ASP C 511 -18.52 51.60 -9.02
CA ASP C 511 -19.76 51.10 -8.48
C ASP C 511 -19.74 51.16 -6.96
N HIS C 512 -20.67 50.44 -6.33
CA HIS C 512 -20.80 50.45 -4.89
C HIS C 512 -19.77 49.58 -4.19
N ASN C 513 -18.69 49.21 -4.87
CA ASN C 513 -17.57 48.53 -4.26
C ASN C 513 -16.24 49.07 -4.75
N GLY C 514 -16.25 50.20 -5.44
CA GLY C 514 -15.04 50.83 -5.90
C GLY C 514 -14.44 50.26 -7.15
N TRP C 515 -15.00 49.19 -7.70
CA TRP C 515 -14.43 48.58 -8.89
C TRP C 515 -14.58 49.50 -10.09
N THR C 516 -13.73 49.28 -11.08
CA THR C 516 -13.85 49.95 -12.37
C THR C 516 -14.07 48.91 -13.45
N ALA C 517 -14.14 49.38 -14.70
CA ALA C 517 -14.29 48.45 -15.82
C ALA C 517 -13.13 47.47 -15.86
N LEU C 518 -11.92 47.96 -15.57
CA LEU C 518 -10.75 47.09 -15.62
C LEU C 518 -10.79 46.04 -14.53
N HIS C 519 -11.34 46.37 -13.36
CA HIS C 519 -11.49 45.37 -12.31
C HIS C 519 -12.35 44.21 -12.78
N HIS C 520 -13.49 44.51 -13.41
CA HIS C 520 -14.37 43.45 -13.90
C HIS C 520 -13.72 42.66 -15.02
N ALA C 521 -13.14 43.36 -15.99
CA ALA C 521 -12.51 42.67 -17.12
C ALA C 521 -11.39 41.75 -16.65
N SER C 522 -10.68 42.13 -15.59
CA SER C 522 -9.61 41.29 -15.09
C SER C 522 -10.15 40.14 -14.25
N MET C 523 -11.17 40.41 -13.45
CA MET C 523 -11.81 39.34 -12.70
C MET C 523 -12.32 38.24 -13.63
N GLY C 524 -12.78 38.63 -14.82
CA GLY C 524 -13.23 37.66 -15.79
C GLY C 524 -12.11 37.01 -16.57
N GLY C 525 -11.08 37.78 -16.88
CA GLY C 525 -9.95 37.24 -17.61
C GLY C 525 -9.95 37.54 -19.09
N TYR C 526 -10.82 38.45 -19.53
CA TYR C 526 -10.95 38.73 -20.95
C TYR C 526 -9.85 39.70 -21.34
N THR C 527 -8.77 39.15 -21.91
CA THR C 527 -7.61 39.98 -22.23
C THR C 527 -7.90 40.98 -23.33
N GLN C 528 -8.86 40.67 -24.20
CA GLN C 528 -9.12 41.56 -25.34
C GLN C 528 -9.76 42.87 -24.90
N THR C 529 -10.79 42.80 -24.05
CA THR C 529 -11.39 44.03 -23.56
C THR C 529 -10.42 44.77 -22.64
N MET C 530 -9.53 44.06 -21.95
CA MET C 530 -8.49 44.73 -21.18
C MET C 530 -7.57 45.52 -22.09
N LYS C 531 -7.16 44.91 -23.21
CA LYS C 531 -6.30 45.61 -24.16
C LYS C 531 -7.02 46.81 -24.75
N VAL C 532 -8.33 46.70 -24.96
CA VAL C 532 -9.09 47.83 -25.48
C VAL C 532 -9.12 48.96 -24.46
N ILE C 533 -9.32 48.63 -23.19
CA ILE C 533 -9.38 49.65 -22.16
C ILE C 533 -8.03 50.33 -21.99
N LEU C 534 -6.95 49.56 -22.02
CA LEU C 534 -5.62 50.08 -21.70
C LEU C 534 -5.04 50.99 -22.77
N ASP C 535 -5.82 51.39 -23.77
CA ASP C 535 -5.32 52.29 -24.80
C ASP C 535 -6.13 53.59 -24.89
N THR C 536 -6.58 54.13 -23.76
CA THR C 536 -7.42 55.32 -23.79
C THR C 536 -6.90 56.40 -22.85
N ASN C 537 -7.21 56.27 -21.56
CA ASN C 537 -6.77 57.26 -20.59
C ASN C 537 -5.45 56.86 -19.95
N LEU C 538 -5.21 55.55 -19.86
CA LEU C 538 -3.97 54.99 -19.30
C LEU C 538 -3.72 55.49 -17.87
N LYS C 539 -4.79 55.84 -17.17
CA LYS C 539 -4.70 56.31 -15.80
C LYS C 539 -5.50 55.46 -14.83
N CYS C 540 -6.24 54.46 -15.30
CA CYS C 540 -7.03 53.62 -14.41
C CYS C 540 -6.29 52.36 -13.98
N THR C 541 -5.05 52.18 -14.43
CA THR C 541 -4.34 50.94 -14.16
C THR C 541 -4.11 50.74 -12.67
N ASP C 542 -4.02 51.83 -11.92
CA ASP C 542 -3.61 51.77 -10.52
C ASP C 542 -4.70 52.33 -9.60
N ARG C 543 -5.95 51.97 -9.90
CA ARG C 543 -7.07 52.33 -9.06
C ARG C 543 -7.26 51.29 -7.97
N LEU C 544 -7.97 51.68 -6.92
CA LEU C 544 -8.16 50.82 -5.77
C LEU C 544 -9.63 50.79 -5.39
N ASP C 545 -10.09 49.62 -4.99
CA ASP C 545 -11.47 49.45 -4.56
C ASP C 545 -11.56 49.72 -3.06
N GLU C 546 -12.56 49.12 -2.42
CA GLU C 546 -12.78 49.38 -1.00
C GLU C 546 -11.73 48.71 -0.13
N ASP C 547 -11.06 47.68 -0.65
CA ASP C 547 -10.05 46.96 0.11
C ASP C 547 -8.65 47.17 -0.44
N GLY C 548 -8.45 48.22 -1.23
CA GLY C 548 -7.13 48.51 -1.76
C GLY C 548 -6.59 47.47 -2.71
N ASN C 549 -7.47 46.76 -3.40
CA ASN C 549 -7.07 45.78 -4.41
C ASN C 549 -6.99 46.46 -5.77
N THR C 550 -5.94 46.15 -6.52
CA THR C 550 -5.83 46.62 -7.89
C THR C 550 -6.41 45.57 -8.83
N ALA C 551 -6.40 45.86 -10.13
CA ALA C 551 -6.83 44.87 -11.11
C ALA C 551 -5.91 43.68 -11.11
N LEU C 552 -4.62 43.90 -10.87
CA LEU C 552 -3.66 42.80 -10.83
C LEU C 552 -3.99 41.83 -9.71
N HIS C 553 -4.46 42.34 -8.58
CA HIS C 553 -4.86 41.46 -7.48
C HIS C 553 -5.91 40.46 -7.93
N PHE C 554 -6.94 40.95 -8.63
CA PHE C 554 -8.02 40.07 -9.08
C PHE C 554 -7.55 39.11 -10.16
N ALA C 555 -6.83 39.62 -11.15
CA ALA C 555 -6.35 38.76 -12.22
C ALA C 555 -5.48 37.64 -11.67
N ALA C 556 -4.74 37.90 -10.58
CA ALA C 556 -3.89 36.87 -10.02
C ALA C 556 -4.68 35.94 -9.11
N ARG C 557 -5.65 36.47 -8.36
CA ARG C 557 -6.43 35.63 -7.48
C ARG C 557 -7.27 34.63 -8.25
N GLU C 558 -7.77 35.02 -9.42
CA GLU C 558 -8.62 34.12 -10.18
C GLU C 558 -7.83 33.16 -11.07
N GLY C 559 -6.54 33.37 -11.26
CA GLY C 559 -5.73 32.44 -12.00
C GLY C 559 -5.67 32.67 -13.49
N HIS C 560 -5.75 33.91 -13.94
CA HIS C 560 -5.72 34.22 -15.37
C HIS C 560 -4.31 34.67 -15.73
N ALA C 561 -3.52 33.73 -16.24
CA ALA C 561 -2.11 33.98 -16.48
C ALA C 561 -1.91 35.06 -17.54
N LYS C 562 -2.64 34.98 -18.65
CA LYS C 562 -2.43 35.93 -19.73
C LYS C 562 -2.83 37.35 -19.31
N ALA C 563 -3.86 37.47 -18.48
CA ALA C 563 -4.24 38.79 -17.97
C ALA C 563 -3.11 39.37 -17.12
N VAL C 564 -2.49 38.54 -16.28
CA VAL C 564 -1.40 39.02 -15.44
C VAL C 564 -0.20 39.42 -16.30
N ALA C 565 0.10 38.62 -17.31
CA ALA C 565 1.21 38.97 -18.20
C ALA C 565 0.94 40.28 -18.92
N LEU C 566 -0.30 40.49 -19.36
CA LEU C 566 -0.63 41.73 -20.05
C LEU C 566 -0.56 42.92 -19.10
N LEU C 567 -1.00 42.74 -17.86
CA LEU C 567 -0.97 43.85 -16.91
C LEU C 567 0.45 44.17 -16.47
N LEU C 568 1.34 43.18 -16.51
CA LEU C 568 2.74 43.45 -16.17
C LEU C 568 3.49 44.07 -17.33
N SER C 569 3.16 43.66 -18.56
CA SER C 569 3.80 44.24 -19.74
C SER C 569 3.61 45.75 -19.77
N HIS C 570 2.42 46.21 -19.37
CA HIS C 570 2.24 47.62 -19.08
C HIS C 570 2.67 47.91 -17.66
N ASN C 571 3.16 49.11 -17.42
CA ASN C 571 3.75 49.41 -16.13
C ASN C 571 2.68 49.53 -15.06
N ALA C 572 2.25 48.40 -14.52
CA ALA C 572 1.30 48.38 -13.43
C ALA C 572 2.05 48.42 -12.10
N ASP C 573 1.45 49.06 -11.12
CA ASP C 573 2.04 49.21 -9.80
C ASP C 573 1.89 47.91 -9.02
N ILE C 574 2.78 47.69 -8.07
CA ILE C 574 2.75 46.50 -7.23
C ILE C 574 2.68 46.98 -5.78
N VAL C 575 1.49 46.90 -5.19
CA VAL C 575 1.25 47.43 -3.86
C VAL C 575 0.65 46.32 -2.99
N LEU C 576 0.39 46.67 -1.74
CA LEU C 576 -0.32 45.80 -0.82
C LEU C 576 -1.74 46.31 -0.66
N ASN C 577 -2.55 45.57 0.09
CA ASN C 577 -3.92 45.99 0.35
C ASN C 577 -4.09 46.14 1.86
N LYS C 578 -5.33 45.96 2.34
CA LYS C 578 -5.59 46.14 3.76
C LYS C 578 -5.02 45.00 4.59
N GLN C 579 -4.82 43.82 4.00
CA GLN C 579 -4.19 42.72 4.67
C GLN C 579 -2.70 42.61 4.34
N GLN C 580 -2.12 43.66 3.76
CA GLN C 580 -0.71 43.68 3.38
C GLN C 580 -0.34 42.49 2.50
N ALA C 581 -1.26 42.11 1.61
CA ALA C 581 -1.04 41.03 0.67
C ALA C 581 -0.88 41.60 -0.73
N SER C 582 0.22 41.24 -1.39
CA SER C 582 0.43 41.59 -2.78
C SER C 582 -0.30 40.58 -3.66
N PHE C 583 -0.21 40.77 -4.97
CA PHE C 583 -0.87 39.84 -5.87
C PHE C 583 -0.19 38.47 -5.85
N LEU C 584 1.11 38.44 -5.54
CA LEU C 584 1.80 37.16 -5.43
C LEU C 584 1.29 36.35 -4.25
N HIS C 585 0.99 37.00 -3.14
CA HIS C 585 0.43 36.28 -2.00
C HIS C 585 -0.92 35.68 -2.34
N LEU C 586 -1.75 36.43 -3.07
CA LEU C 586 -3.06 35.92 -3.45
C LEU C 586 -2.94 34.77 -4.44
N ALA C 587 -1.97 34.84 -5.35
CA ALA C 587 -1.77 33.73 -6.27
C ALA C 587 -1.26 32.50 -5.54
N LEU C 588 -0.46 32.68 -4.49
CA LEU C 588 0.09 31.53 -3.78
C LEU C 588 -0.95 30.88 -2.87
N HIS C 589 -1.76 31.70 -2.18
CA HIS C 589 -2.73 31.14 -1.26
C HIS C 589 -3.81 30.33 -1.98
N ASN C 590 -4.02 30.57 -3.27
CA ASN C 590 -5.00 29.84 -4.04
C ASN C 590 -4.38 28.79 -4.95
N LYS C 591 -3.06 28.58 -4.87
CA LYS C 591 -2.37 27.52 -5.59
C LYS C 591 -2.55 27.64 -7.09
N ARG C 592 -2.48 28.88 -7.58
CA ARG C 592 -2.55 29.14 -9.02
C ARG C 592 -1.15 28.99 -9.58
N LYS C 593 -0.85 27.80 -10.11
CA LYS C 593 0.51 27.49 -10.50
C LYS C 593 0.94 28.32 -11.70
N GLU C 594 0.07 28.44 -12.71
CA GLU C 594 0.50 29.01 -13.97
C GLU C 594 0.78 30.51 -13.85
N VAL C 595 -0.01 31.22 -13.05
CA VAL C 595 0.25 32.64 -12.89
C VAL C 595 1.53 32.86 -12.12
N VAL C 596 1.86 31.95 -11.18
CA VAL C 596 3.10 32.10 -10.44
C VAL C 596 4.29 31.84 -11.35
N LEU C 597 4.19 30.81 -12.19
CA LEU C 597 5.25 30.58 -13.16
C LEU C 597 5.40 31.76 -14.10
N THR C 598 4.29 32.42 -14.45
CA THR C 598 4.37 33.61 -15.29
C THR C 598 5.10 34.74 -14.58
N ILE C 599 4.78 34.95 -13.30
CA ILE C 599 5.46 36.00 -12.54
C ILE C 599 6.95 35.70 -12.46
N ILE C 600 7.32 34.43 -12.30
CA ILE C 600 8.72 34.06 -12.17
C ILE C 600 9.46 34.28 -13.49
N ARG C 601 8.96 33.70 -14.58
CA ARG C 601 9.65 33.78 -15.86
C ARG C 601 9.80 35.19 -16.38
N SER C 602 9.05 36.15 -15.85
CA SER C 602 9.06 37.48 -16.43
C SER C 602 10.16 38.34 -15.82
N LYS C 603 10.32 39.53 -16.39
CA LYS C 603 11.05 40.57 -15.68
C LYS C 603 10.22 41.05 -14.50
N ARG C 604 10.71 42.08 -13.83
CA ARG C 604 10.06 42.66 -12.66
C ARG C 604 9.91 41.65 -11.53
N TRP C 605 10.48 40.45 -11.67
CA TRP C 605 10.40 39.44 -10.61
C TRP C 605 11.09 39.93 -9.35
N ASP C 606 12.10 40.78 -9.49
CA ASP C 606 12.83 41.27 -8.33
C ASP C 606 11.96 42.14 -7.45
N GLU C 607 11.30 43.14 -8.04
CA GLU C 607 10.43 44.00 -7.25
C GLU C 607 9.25 43.21 -6.68
N CYS C 608 8.69 42.29 -7.46
CA CYS C 608 7.64 41.42 -6.94
C CYS C 608 8.12 40.68 -5.69
N LEU C 609 9.38 40.23 -5.69
CA LEU C 609 9.91 39.55 -4.53
C LEU C 609 10.12 40.49 -3.36
N LYS C 610 10.55 41.73 -3.63
CA LYS C 610 10.83 42.67 -2.57
C LYS C 610 9.60 43.30 -1.95
N ILE C 611 8.44 43.24 -2.62
CA ILE C 611 7.31 44.07 -2.21
C ILE C 611 6.71 43.67 -0.87
N PHE C 612 6.87 42.42 -0.44
CA PHE C 612 6.22 41.96 0.78
C PHE C 612 6.62 42.81 1.98
N SER C 613 5.90 42.63 3.08
CA SER C 613 6.14 43.35 4.31
C SER C 613 6.14 42.40 5.50
N HIS C 614 7.01 42.70 6.46
CA HIS C 614 7.07 41.92 7.69
C HIS C 614 5.84 42.20 8.56
N ASN C 615 5.96 41.87 9.83
CA ASN C 615 4.94 42.13 10.84
C ASN C 615 3.59 41.50 10.52
N SER C 616 3.49 40.72 9.46
CA SER C 616 2.23 40.14 9.04
C SER C 616 2.24 38.64 9.29
N PRO C 617 1.41 38.13 10.19
CA PRO C 617 1.42 36.68 10.45
C PRO C 617 0.75 35.86 9.36
N GLY C 618 0.17 36.49 8.35
CA GLY C 618 -0.55 35.76 7.33
C GLY C 618 0.12 35.78 5.97
N ASN C 619 0.84 36.85 5.67
CA ASN C 619 1.48 37.03 4.36
C ASN C 619 2.98 37.24 4.60
N LYS C 620 3.71 36.13 4.72
CA LYS C 620 5.13 36.20 5.02
C LYS C 620 5.95 36.41 3.76
N CYS C 621 7.24 36.08 3.82
CA CYS C 621 8.09 36.24 2.65
C CYS C 621 7.60 35.34 1.53
N PRO C 622 7.69 35.79 0.27
CA PRO C 622 7.23 34.94 -0.83
C PRO C 622 7.92 33.59 -0.93
N ILE C 623 9.18 33.49 -0.49
CA ILE C 623 9.88 32.22 -0.61
C ILE C 623 9.33 31.19 0.37
N THR C 624 9.08 31.60 1.61
CA THR C 624 8.50 30.68 2.57
C THR C 624 7.11 30.23 2.14
N GLU C 625 6.32 31.16 1.62
CA GLU C 625 4.99 30.80 1.13
C GLU C 625 5.07 29.87 -0.06
N MET C 626 6.05 30.07 -0.94
CA MET C 626 6.18 29.21 -2.10
C MET C 626 6.62 27.81 -1.69
N ILE C 627 7.43 27.72 -0.63
CA ILE C 627 7.80 26.40 -0.11
C ILE C 627 6.60 25.74 0.53
N GLU C 628 5.73 26.53 1.16
CA GLU C 628 4.62 25.94 1.88
C GLU C 628 3.48 25.50 0.96
N TYR C 629 3.25 26.22 -0.14
CA TYR C 629 2.09 25.95 -0.97
C TYR C 629 2.43 25.33 -2.32
N LEU C 630 3.35 25.92 -3.07
CA LEU C 630 3.68 25.45 -4.42
C LEU C 630 5.14 25.08 -4.51
N PRO C 631 5.53 23.92 -4.02
CA PRO C 631 6.95 23.54 -4.09
C PRO C 631 7.44 23.29 -5.50
N GLU C 632 6.56 22.90 -6.42
CA GLU C 632 7.00 22.65 -7.79
C GLU C 632 7.40 23.94 -8.49
N CYS C 633 6.95 25.09 -7.99
CA CYS C 633 7.46 26.37 -8.51
C CYS C 633 8.79 26.72 -7.88
N MET C 634 8.96 26.40 -6.60
CA MET C 634 10.26 26.59 -5.96
C MET C 634 11.33 25.74 -6.64
N LYS C 635 10.96 24.58 -7.17
CA LYS C 635 11.93 23.78 -7.90
C LYS C 635 12.44 24.52 -9.14
N VAL C 636 11.56 25.18 -9.86
CA VAL C 636 11.98 25.96 -11.03
C VAL C 636 12.82 27.15 -10.59
N LEU C 637 12.41 27.81 -9.52
CA LEU C 637 13.17 28.94 -9.00
C LEU C 637 14.59 28.52 -8.62
N LEU C 638 14.74 27.29 -8.14
CA LEU C 638 16.08 26.79 -7.81
C LEU C 638 16.85 26.38 -9.05
N ASP C 639 16.19 25.74 -10.01
CA ASP C 639 16.84 25.43 -11.28
C ASP C 639 17.41 26.67 -11.93
N PHE C 640 16.79 27.82 -11.71
CA PHE C 640 17.35 29.06 -12.24
C PHE C 640 18.68 29.45 -11.61
N CYS C 641 19.15 28.74 -10.59
CA CYS C 641 20.32 29.14 -9.83
C CYS C 641 21.55 28.29 -10.12
N MET C 642 21.50 27.41 -11.10
CA MET C 642 22.63 26.59 -11.50
C MET C 642 23.13 27.04 -12.86
N LEU C 643 24.30 27.67 -12.91
CA LEU C 643 24.87 28.17 -14.14
C LEU C 643 25.96 27.22 -14.60
N HIS C 644 26.08 27.04 -15.91
CA HIS C 644 27.06 26.15 -16.50
C HIS C 644 28.09 26.99 -17.27
N SER C 645 29.19 26.36 -17.67
CA SER C 645 30.27 27.06 -18.35
C SER C 645 30.22 26.79 -19.85
N THR C 646 30.99 25.82 -20.32
CA THR C 646 31.03 25.51 -21.75
C THR C 646 29.93 24.54 -22.17
N GLU C 647 29.15 24.04 -21.23
CA GLU C 647 28.10 23.05 -21.44
C GLU C 647 28.64 21.77 -22.06
N ASP C 648 29.88 21.40 -21.76
CA ASP C 648 30.50 20.19 -22.28
C ASP C 648 30.98 19.36 -21.09
N LYS C 649 30.40 18.18 -20.91
CA LYS C 649 30.69 17.37 -19.74
C LYS C 649 32.14 16.93 -19.71
N SER C 650 32.77 16.80 -20.87
CA SER C 650 34.13 16.27 -20.92
C SER C 650 35.15 17.33 -20.54
N CYS C 651 34.88 18.60 -20.85
CA CYS C 651 35.85 19.66 -20.62
C CYS C 651 36.15 19.82 -19.14
N ARG C 652 37.39 20.18 -18.83
CA ARG C 652 37.77 20.37 -17.44
C ARG C 652 37.51 21.80 -16.99
N ASP C 653 37.59 22.76 -17.92
CA ASP C 653 37.21 24.13 -17.59
C ASP C 653 35.71 24.25 -17.43
N TYR C 654 34.96 23.23 -17.84
CA TYR C 654 33.53 23.21 -17.62
C TYR C 654 33.22 23.10 -16.14
N TYR C 655 32.68 24.18 -15.57
CA TYR C 655 32.40 24.24 -14.16
C TYR C 655 30.97 24.72 -13.94
N ILE C 656 30.34 24.18 -12.90
CA ILE C 656 28.99 24.57 -12.52
C ILE C 656 29.07 25.54 -11.36
N GLU C 657 28.33 26.63 -11.43
CA GLU C 657 28.25 27.56 -10.32
C GLU C 657 26.86 27.50 -9.70
N TYR C 658 26.84 27.39 -8.38
CA TYR C 658 25.61 27.40 -7.60
C TYR C 658 25.49 28.74 -6.89
N ASN C 659 24.29 29.31 -6.90
CA ASN C 659 24.02 30.61 -6.34
C ASN C 659 22.99 30.46 -5.22
N PHE C 660 23.36 30.88 -4.01
CA PHE C 660 22.51 30.76 -2.84
C PHE C 660 21.72 32.04 -2.59
N LYS C 661 21.08 32.54 -3.64
CA LYS C 661 20.46 33.86 -3.59
C LYS C 661 19.17 33.85 -2.79
N TYR C 662 18.39 32.78 -2.91
CA TYR C 662 17.05 32.73 -2.34
C TYR C 662 16.99 32.00 -1.01
N LEU C 663 18.09 31.39 -0.58
CA LEU C 663 18.12 30.68 0.69
C LEU C 663 18.52 31.57 1.85
N GLN C 664 18.93 32.81 1.59
CA GLN C 664 19.41 33.70 2.63
C GLN C 664 18.25 34.24 3.45
N CYS C 665 18.53 35.20 4.33
CA CYS C 665 17.53 35.67 5.26
C CYS C 665 16.56 36.63 4.56
N PRO C 666 15.26 36.53 4.84
CA PRO C 666 14.32 37.47 4.22
C PRO C 666 14.57 38.92 4.60
N LEU C 667 15.19 39.16 5.76
CA LEU C 667 15.47 40.52 6.19
C LEU C 667 16.44 41.21 5.25
N GLU C 668 16.97 40.49 4.26
CA GLU C 668 17.89 41.09 3.30
C GLU C 668 17.14 41.71 2.13
N PHE C 669 16.04 41.08 1.70
CA PHE C 669 15.36 41.53 0.49
C PHE C 669 14.83 42.95 0.61
N THR C 670 14.17 43.26 1.73
CA THR C 670 13.62 44.59 1.98
C THR C 670 14.75 45.58 2.15
N LYS C 671 14.59 46.78 1.58
CA LYS C 671 15.65 47.78 1.64
C LYS C 671 15.71 48.46 3.00
N LYS C 672 14.54 48.77 3.58
CA LYS C 672 14.52 49.48 4.85
C LYS C 672 15.05 48.61 5.98
N THR C 673 14.40 47.47 6.22
CA THR C 673 14.79 46.54 7.28
C THR C 673 14.84 47.22 8.66
N PRO C 674 13.68 47.45 9.28
CA PRO C 674 13.71 48.03 10.63
C PRO C 674 14.16 47.04 11.69
N THR C 675 13.67 45.79 11.62
CA THR C 675 14.03 44.74 12.58
C THR C 675 13.73 45.16 14.01
N GLN C 676 12.63 45.89 14.18
CA GLN C 676 12.22 46.32 15.52
C GLN C 676 11.85 45.11 16.37
N ASP C 677 10.80 44.39 15.97
CA ASP C 677 10.39 43.17 16.64
C ASP C 677 10.56 41.94 15.75
N VAL C 678 11.27 42.08 14.63
CA VAL C 678 11.39 40.99 13.66
C VAL C 678 12.73 40.29 13.89
N ILE C 679 12.67 39.03 14.30
CA ILE C 679 13.85 38.18 14.46
C ILE C 679 13.62 36.91 13.64
N TYR C 680 14.47 36.72 12.64
CA TYR C 680 14.40 35.55 11.76
C TYR C 680 15.44 34.54 12.21
N GLU C 681 15.02 33.27 12.31
CA GLU C 681 15.95 32.21 12.65
C GLU C 681 16.90 31.96 11.49
N PRO C 682 18.07 31.39 11.76
CA PRO C 682 19.00 31.07 10.68
C PRO C 682 18.47 29.95 9.82
N LEU C 683 18.98 29.90 8.59
CA LEU C 683 18.58 28.89 7.60
C LEU C 683 17.06 28.81 7.48
N THR C 684 16.48 29.95 7.11
CA THR C 684 15.02 30.05 7.08
C THR C 684 14.41 29.14 6.03
N ALA C 685 14.98 29.15 4.82
CA ALA C 685 14.43 28.36 3.74
C ALA C 685 14.52 26.86 4.04
N LEU C 686 15.66 26.42 4.56
CA LEU C 686 15.82 24.99 4.83
C LEU C 686 14.93 24.54 5.98
N ASN C 687 14.78 25.38 7.00
CA ASN C 687 13.86 25.02 8.08
C ASN C 687 12.43 24.97 7.58
N ALA C 688 12.06 25.87 6.67
CA ALA C 688 10.73 25.82 6.09
C ALA C 688 10.53 24.56 5.27
N MET C 689 11.58 24.12 4.58
CA MET C 689 11.48 22.86 3.83
C MET C 689 11.35 21.67 4.77
N VAL C 690 12.04 21.71 5.91
CA VAL C 690 11.97 20.59 6.85
C VAL C 690 10.60 20.51 7.51
N GLN C 691 10.04 21.65 7.90
CA GLN C 691 8.76 21.65 8.60
C GLN C 691 7.59 21.30 7.70
N ASN C 692 7.84 21.09 6.40
CA ASN C 692 6.77 20.72 5.48
C ASN C 692 7.08 19.44 4.71
N ASN C 693 8.13 18.72 5.10
CA ASN C 693 8.46 17.42 4.52
C ASN C 693 8.74 17.52 3.02
N ARG C 694 9.32 18.64 2.60
CA ARG C 694 9.67 18.84 1.19
C ARG C 694 10.99 18.13 0.90
N ILE C 695 10.92 16.80 0.88
CA ILE C 695 12.14 16.01 0.70
C ILE C 695 12.69 16.18 -0.71
N GLU C 696 11.81 16.36 -1.69
CA GLU C 696 12.28 16.50 -3.07
C GLU C 696 13.02 17.82 -3.26
N LEU C 697 12.76 18.80 -2.41
CA LEU C 697 13.49 20.05 -2.49
C LEU C 697 14.82 19.97 -1.75
N LEU C 698 14.85 19.27 -0.62
CA LEU C 698 16.08 19.16 0.16
C LEU C 698 17.15 18.37 -0.57
N ASN C 699 16.78 17.58 -1.57
CA ASN C 699 17.76 16.83 -2.36
C ASN C 699 18.16 17.56 -3.63
N HIS C 700 17.69 18.78 -3.84
CA HIS C 700 18.10 19.53 -5.00
C HIS C 700 19.57 19.94 -4.84
N PRO C 701 20.36 19.87 -5.91
CA PRO C 701 21.80 20.13 -5.78
C PRO C 701 22.15 21.46 -5.14
N VAL C 702 21.31 22.48 -5.31
CA VAL C 702 21.62 23.78 -4.72
C VAL C 702 21.58 23.69 -3.20
N CYS C 703 20.55 23.06 -2.65
CA CYS C 703 20.46 22.90 -1.20
C CYS C 703 21.57 22.01 -0.67
N LYS C 704 21.93 20.98 -1.43
CA LYS C 704 23.03 20.11 -1.01
C LYS C 704 24.34 20.87 -0.92
N GLU C 705 24.63 21.68 -1.94
CA GLU C 705 25.86 22.48 -1.89
C GLU C 705 25.79 23.55 -0.81
N TYR C 706 24.59 24.07 -0.53
CA TYR C 706 24.45 25.03 0.56
C TYR C 706 24.84 24.41 1.89
N LEU C 707 24.29 23.21 2.17
CA LEU C 707 24.62 22.54 3.42
C LEU C 707 26.10 22.17 3.48
N LEU C 708 26.65 21.67 2.38
CA LEU C 708 28.06 21.32 2.38
C LEU C 708 28.95 22.54 2.61
N MET C 709 28.56 23.69 2.07
CA MET C 709 29.30 24.91 2.32
C MET C 709 29.24 25.29 3.80
N LYS C 710 28.05 25.22 4.41
CA LYS C 710 27.96 25.50 5.84
C LYS C 710 28.85 24.56 6.65
N TRP C 711 28.80 23.28 6.31
CA TRP C 711 29.62 22.28 6.98
C TRP C 711 31.08 22.68 6.93
N LEU C 712 31.68 22.68 5.74
CA LEU C 712 33.08 23.03 5.55
C LEU C 712 33.42 24.44 6.01
N ALA C 713 32.43 25.30 6.23
CA ALA C 713 32.69 26.65 6.71
C ALA C 713 32.90 26.67 8.21
N TYR C 714 32.06 25.99 8.98
CA TYR C 714 32.28 26.01 10.43
C TYR C 714 31.78 24.81 11.21
N GLY C 715 30.94 23.96 10.64
CA GLY C 715 30.35 22.90 11.43
C GLY C 715 31.34 21.80 11.74
N PHE C 716 32.08 21.39 10.71
CA PHE C 716 33.10 20.37 10.89
C PHE C 716 34.09 20.78 11.97
N ARG C 717 34.52 22.04 11.95
CA ARG C 717 35.47 22.50 12.96
C ARG C 717 34.84 22.55 14.34
N ALA C 718 33.62 23.08 14.44
CA ALA C 718 32.98 23.19 15.75
C ALA C 718 32.72 21.84 16.37
N HIS C 719 32.58 20.79 15.56
CA HIS C 719 32.37 19.47 16.15
C HIS C 719 33.65 18.67 16.34
N MET C 720 34.66 18.88 15.50
CA MET C 720 35.95 18.28 15.77
C MET C 720 36.56 18.83 17.04
N MET C 721 36.28 20.09 17.38
CA MET C 721 36.75 20.59 18.66
C MET C 721 36.12 19.83 19.83
N ASN C 722 34.83 19.52 19.73
CA ASN C 722 34.16 18.77 20.78
C ASN C 722 34.73 17.36 20.89
N LEU C 723 34.86 16.67 19.75
CA LEU C 723 35.43 15.33 19.77
C LEU C 723 36.84 15.33 20.35
N GLY C 724 37.64 16.34 20.00
CA GLY C 724 39.00 16.39 20.55
C GLY C 724 38.99 16.63 22.05
N SER C 725 38.12 17.52 22.51
CA SER C 725 38.06 17.80 23.94
C SER C 725 37.65 16.56 24.72
N TYR C 726 36.83 15.70 24.13
CA TYR C 726 36.44 14.47 24.81
C TYR C 726 37.54 13.41 24.73
N CYS C 727 38.11 13.21 23.55
CA CYS C 727 39.17 12.23 23.40
C CYS C 727 40.39 12.55 24.25
N LEU C 728 40.59 13.83 24.57
CA LEU C 728 41.70 14.20 25.45
C LEU C 728 41.62 13.55 26.81
N GLY C 729 40.45 13.07 27.21
CA GLY C 729 40.33 12.32 28.44
C GLY C 729 40.02 10.86 28.18
N LEU C 730 39.45 10.59 27.01
CA LEU C 730 39.11 9.21 26.67
C LEU C 730 40.34 8.36 26.38
N ILE C 731 41.34 8.93 25.72
CA ILE C 731 42.47 8.12 25.24
C ILE C 731 43.46 7.81 26.36
N PRO C 732 43.88 8.76 27.19
CA PRO C 732 44.80 8.39 28.28
C PRO C 732 44.21 7.39 29.26
N MET C 733 42.89 7.38 29.44
CA MET C 733 42.26 6.36 30.27
C MET C 733 42.54 4.97 29.71
N THR C 734 42.24 4.77 28.43
CA THR C 734 42.48 3.47 27.80
C THR C 734 43.95 3.13 27.81
N ILE C 735 44.83 4.12 27.66
CA ILE C 735 46.26 3.84 27.69
C ILE C 735 46.66 3.36 29.08
N LEU C 736 46.08 3.94 30.12
CA LEU C 736 46.38 3.49 31.47
C LEU C 736 45.88 2.08 31.72
N VAL C 737 44.71 1.74 31.18
CA VAL C 737 44.12 0.44 31.49
C VAL C 737 44.92 -0.70 30.86
N VAL C 738 45.31 -0.55 29.60
CA VAL C 738 45.92 -1.67 28.88
C VAL C 738 47.42 -1.71 29.10
N ASN C 739 47.95 -0.87 29.99
CA ASN C 739 49.37 -0.86 30.27
C ASN C 739 49.73 -1.21 31.71
N ILE C 740 48.75 -1.31 32.61
CA ILE C 740 48.97 -1.72 33.98
C ILE C 740 48.12 -2.94 34.25
N LYS C 741 48.65 -3.86 35.03
CA LYS C 741 47.91 -5.08 35.33
C LYS C 741 46.81 -4.78 36.34
N PRO C 742 45.56 -5.12 36.05
CA PRO C 742 44.48 -4.81 36.98
C PRO C 742 44.71 -5.43 38.36
N GLY C 743 44.33 -4.68 39.38
CA GLY C 743 44.51 -5.10 40.75
C GLY C 743 45.73 -4.54 41.43
N MET C 744 46.67 -3.98 40.69
CA MET C 744 47.89 -3.42 41.26
C MET C 744 47.69 -1.95 41.56
N ALA C 745 48.26 -1.50 42.67
CA ALA C 745 48.25 -0.08 42.99
C ALA C 745 49.34 0.63 42.20
N PHE C 746 49.07 1.88 41.84
CA PHE C 746 50.04 2.65 41.06
C PHE C 746 49.87 4.13 41.35
N ASN C 747 50.97 4.85 41.36
CA ASN C 747 50.93 6.29 41.44
C ASN C 747 51.88 6.89 40.42
N SER C 748 52.07 8.21 40.50
CA SER C 748 52.89 8.90 39.51
C SER C 748 54.32 8.36 39.48
N THR C 749 54.78 7.76 40.57
CA THR C 749 56.14 7.23 40.59
C THR C 749 56.24 5.93 39.81
N GLY C 750 55.17 5.13 39.81
CA GLY C 750 55.22 3.86 39.08
C GLY C 750 54.16 2.91 39.61
N ILE C 751 54.51 1.63 39.57
CA ILE C 751 53.59 0.55 39.94
C ILE C 751 54.11 -0.12 41.21
N ILE C 752 53.25 -0.21 42.22
CA ILE C 752 53.63 -0.78 43.51
C ILE C 752 53.37 -2.29 43.45
N ASN C 753 54.44 -3.08 43.35
CA ASN C 753 54.34 -4.53 43.28
C ASN C 753 54.55 -5.08 44.68
N GLU C 754 53.44 -5.34 45.38
CA GLU C 754 53.52 -5.81 46.75
C GLU C 754 53.40 -7.32 46.84
N GLU C 760 57.45 -4.55 49.58
CA GLU C 760 57.00 -3.77 48.44
C GLU C 760 58.13 -3.47 47.47
N ILE C 761 57.88 -3.70 46.19
CA ILE C 761 58.81 -3.33 45.13
C ILE C 761 58.15 -2.23 44.32
N LEU C 762 58.93 -1.47 43.56
CA LEU C 762 58.37 -0.36 42.79
C LEU C 762 58.89 -0.43 41.37
N ASP C 763 58.03 -0.81 40.43
CA ASP C 763 58.38 -0.81 39.02
C ASP C 763 58.30 0.62 38.50
N THR C 764 59.42 1.11 37.96
CA THR C 764 59.55 2.52 37.59
C THR C 764 59.66 2.76 36.09
N THR C 765 59.84 1.71 35.28
CA THR C 765 59.87 1.91 33.84
C THR C 765 58.48 2.31 33.35
N ASN C 766 58.44 3.13 32.29
CA ASN C 766 57.23 3.70 31.74
C ASN C 766 56.51 4.62 32.71
N SER C 767 57.23 5.20 33.68
CA SER C 767 56.59 6.09 34.63
C SER C 767 56.21 7.42 34.01
N TYR C 768 56.95 7.86 32.98
CA TYR C 768 56.62 9.11 32.31
C TYR C 768 55.25 9.05 31.64
N LEU C 769 54.97 7.97 30.90
CA LEU C 769 53.66 7.81 30.28
C LEU C 769 52.56 7.74 31.33
N ILE C 770 52.80 7.01 32.42
CA ILE C 770 51.81 6.89 33.47
C ILE C 770 51.48 8.25 34.06
N LYS C 771 52.49 9.03 34.38
CA LYS C 771 52.29 10.36 34.94
C LYS C 771 51.53 11.27 33.97
N THR C 772 51.93 11.28 32.71
CA THR C 772 51.25 12.11 31.72
C THR C 772 49.78 11.75 31.64
N CYS C 773 49.46 10.46 31.55
CA CYS C 773 48.07 10.06 31.43
C CYS C 773 47.26 10.35 32.68
N MET C 774 47.84 10.14 33.87
CA MET C 774 47.15 10.47 35.09
C MET C 774 46.86 11.95 35.21
N ILE C 775 47.74 12.81 34.70
CA ILE C 775 47.45 14.24 34.71
C ILE C 775 46.36 14.60 33.70
N LEU C 776 46.42 14.03 32.50
CA LEU C 776 45.42 14.33 31.49
C LEU C 776 44.03 13.86 31.87
N VAL C 777 43.91 12.78 32.64
CA VAL C 777 42.58 12.36 33.09
C VAL C 777 42.05 13.31 34.16
N PHE C 778 42.93 13.73 35.07
CA PHE C 778 42.53 14.63 36.15
C PHE C 778 42.02 15.96 35.59
N LEU C 779 42.78 16.54 34.66
CA LEU C 779 42.36 17.83 34.11
C LEU C 779 41.04 17.72 33.37
N SER C 780 40.84 16.64 32.62
CA SER C 780 39.60 16.47 31.91
C SER C 780 38.42 16.34 32.87
N SER C 781 38.60 15.59 33.95
CA SER C 781 37.52 15.49 34.93
C SER C 781 37.19 16.83 35.55
N ILE C 782 38.22 17.62 35.87
CA ILE C 782 37.97 18.92 36.51
C ILE C 782 37.24 19.85 35.55
N PHE C 783 37.69 19.92 34.30
CA PHE C 783 37.03 20.79 33.34
C PHE C 783 35.61 20.32 33.04
N GLY C 784 35.38 19.01 33.04
CA GLY C 784 34.02 18.53 32.87
C GLY C 784 33.12 18.91 34.02
N TYR C 785 33.63 18.81 35.25
CA TYR C 785 32.85 19.26 36.41
C TYR C 785 32.51 20.73 36.28
N CYS C 786 33.47 21.55 35.88
CA CYS C 786 33.21 22.99 35.75
C CYS C 786 32.17 23.26 34.68
N LYS C 787 32.30 22.62 33.51
CA LYS C 787 31.33 22.84 32.45
C LYS C 787 29.93 22.39 32.86
N GLU C 788 29.83 21.26 33.56
CA GLU C 788 28.53 20.77 33.98
C GLU C 788 27.90 21.64 35.05
N ALA C 789 28.70 22.18 35.98
CA ALA C 789 28.16 23.14 36.93
C ALA C 789 27.77 24.43 36.24
N GLY C 790 28.42 24.73 35.10
CA GLY C 790 28.00 25.89 34.33
C GLY C 790 26.68 25.68 33.62
N GLN C 791 26.42 24.45 33.16
CA GLN C 791 25.15 24.17 32.52
C GLN C 791 24.01 24.15 33.54
N ILE C 792 24.30 23.78 34.77
CA ILE C 792 23.28 23.76 35.82
C ILE C 792 22.87 25.18 36.18
N ASN C 798 15.24 19.90 34.64
CA ASN C 798 15.56 19.67 33.23
C ASN C 798 16.94 19.05 33.09
N TYR C 799 17.87 19.49 33.95
CA TYR C 799 19.24 18.96 33.88
C TYR C 799 19.30 17.49 34.26
N PHE C 800 18.80 17.14 35.45
CA PHE C 800 18.90 15.76 35.91
C PHE C 800 18.03 14.83 35.09
N MET C 801 17.12 15.39 34.28
CA MET C 801 16.23 14.56 33.49
C MET C 801 16.96 13.91 32.33
N ASP C 802 17.94 14.62 31.74
CA ASP C 802 18.65 14.10 30.60
C ASP C 802 19.51 12.90 30.99
N ILE C 803 19.87 12.08 30.01
CA ILE C 803 20.67 10.90 30.30
C ILE C 803 22.16 11.20 30.14
N SER C 804 22.50 12.08 29.20
CA SER C 804 23.90 12.44 29.01
C SER C 804 24.48 13.08 30.26
N ASN C 805 23.66 13.84 30.99
CA ASN C 805 24.13 14.45 32.22
C ASN C 805 24.51 13.39 33.26
N VAL C 806 23.66 12.37 33.40
CA VAL C 806 23.95 11.30 34.36
C VAL C 806 25.22 10.57 33.94
N LEU C 807 25.33 10.23 32.66
CA LEU C 807 26.50 9.51 32.19
C LEU C 807 27.77 10.29 32.46
N GLU C 808 27.75 11.59 32.18
CA GLU C 808 28.97 12.37 32.36
C GLU C 808 29.27 12.60 33.82
N TRP C 809 28.26 12.73 34.67
CA TRP C 809 28.52 12.81 36.10
C TRP C 809 29.22 11.56 36.60
N ILE C 810 28.72 10.38 36.19
CA ILE C 810 29.36 9.14 36.59
C ILE C 810 30.79 9.08 36.08
N ILE C 811 31.00 9.44 34.81
CA ILE C 811 32.32 9.36 34.21
C ILE C 811 33.31 10.20 34.99
N TYR C 812 32.95 11.46 35.26
CA TYR C 812 33.88 12.33 35.95
C TYR C 812 34.12 11.89 37.39
N THR C 813 33.06 11.50 38.10
CA THR C 813 33.24 11.09 39.49
C THR C 813 34.13 9.87 39.61
N THR C 814 34.01 8.90 38.70
CA THR C 814 34.84 7.71 38.82
C THR C 814 36.23 7.92 38.25
N GLY C 815 36.36 8.71 37.20
CA GLY C 815 37.67 8.99 36.66
C GLY C 815 38.53 9.82 37.60
N ILE C 816 37.91 10.64 38.44
CA ILE C 816 38.70 11.40 39.40
C ILE C 816 39.22 10.49 40.51
N ILE C 817 38.53 9.38 40.78
CA ILE C 817 38.98 8.47 41.83
C ILE C 817 40.00 7.49 41.29
N PHE C 818 39.87 7.10 40.03
CA PHE C 818 40.83 6.17 39.43
C PHE C 818 42.25 6.70 39.50
N VAL C 819 42.45 7.99 39.29
CA VAL C 819 43.78 8.58 39.27
C VAL C 819 44.06 9.42 40.51
N LEU C 820 43.33 9.18 41.59
CA LEU C 820 43.51 10.00 42.80
C LEU C 820 44.86 9.81 43.49
N PRO C 821 45.53 8.65 43.43
CA PRO C 821 46.86 8.54 44.06
C PRO C 821 47.88 9.55 43.56
N LEU C 822 47.49 10.40 42.62
CA LEU C 822 48.34 11.52 42.23
C LEU C 822 48.56 12.48 43.40
N PHE C 823 47.64 12.48 44.36
CA PHE C 823 47.69 13.35 45.52
C PHE C 823 47.61 12.61 46.84
N VAL C 824 46.61 11.75 47.03
CA VAL C 824 46.36 11.08 48.30
C VAL C 824 46.27 9.59 48.05
N GLU C 825 46.83 8.79 48.97
CA GLU C 825 46.83 7.35 48.83
C GLU C 825 45.41 6.79 48.87
N ILE C 826 45.28 5.53 48.45
CA ILE C 826 43.98 4.91 48.27
C ILE C 826 44.18 3.41 48.17
N PRO C 827 43.23 2.58 48.62
CA PRO C 827 43.39 1.13 48.45
C PRO C 827 43.26 0.73 47.00
N ALA C 828 44.04 -0.28 46.61
CA ALA C 828 44.05 -0.70 45.21
C ALA C 828 42.69 -1.24 44.77
N HIS C 829 41.99 -1.91 45.68
CA HIS C 829 40.68 -2.47 45.35
C HIS C 829 39.72 -1.38 44.88
N LEU C 830 39.61 -0.30 45.65
CA LEU C 830 38.73 0.80 45.28
C LEU C 830 39.16 1.44 43.98
N GLN C 831 40.46 1.64 43.81
CA GLN C 831 40.98 2.25 42.59
C GLN C 831 40.55 1.48 41.36
N TRP C 832 40.75 0.16 41.37
CA TRP C 832 40.44 -0.60 40.17
C TRP C 832 38.95 -0.84 40.01
N GLN C 833 38.19 -0.88 41.09
CA GLN C 833 36.76 -1.01 40.93
C GLN C 833 36.12 0.29 40.45
N CYS C 834 36.80 1.43 40.60
CA CYS C 834 36.32 2.64 39.94
C CYS C 834 36.80 2.71 38.49
N GLY C 835 38.00 2.22 38.22
CA GLY C 835 38.46 2.15 36.85
C GLY C 835 37.58 1.29 35.97
N ALA C 836 37.05 0.20 36.53
CA ALA C 836 36.20 -0.70 35.75
C ALA C 836 34.91 -0.02 35.32
N ILE C 837 34.41 0.93 36.12
CA ILE C 837 33.20 1.64 35.75
C ILE C 837 33.51 2.78 34.79
N ALA C 838 34.62 3.47 35.03
CA ALA C 838 34.97 4.59 34.17
C ALA C 838 35.25 4.14 32.75
N VAL C 839 36.03 3.07 32.58
CA VAL C 839 36.45 2.67 31.25
C VAL C 839 35.27 2.11 30.46
N TYR C 840 34.19 1.76 31.16
CA TYR C 840 33.01 1.25 30.49
C TYR C 840 32.10 2.40 30.07
N PHE C 841 31.83 3.33 30.98
CA PHE C 841 30.93 4.42 30.63
C PHE C 841 31.57 5.41 29.66
N TYR C 842 32.90 5.51 29.64
CA TYR C 842 33.54 6.35 28.63
C TYR C 842 33.17 5.89 27.22
N TRP C 843 33.41 4.62 26.92
CA TRP C 843 33.14 4.13 25.58
C TRP C 843 31.65 3.99 25.31
N MET C 844 30.82 3.88 26.35
CA MET C 844 29.38 3.88 26.09
C MET C 844 28.88 5.29 25.78
N ASN C 845 29.52 6.30 26.35
CA ASN C 845 29.09 7.68 26.10
C ASN C 845 29.64 8.20 24.79
N PHE C 846 30.71 7.59 24.28
CA PHE C 846 31.27 8.00 22.99
C PHE C 846 30.25 7.87 21.85
N LEU C 847 29.27 6.98 21.98
CA LEU C 847 28.29 6.82 20.91
C LEU C 847 27.41 8.05 20.77
N LEU C 848 27.13 8.74 21.88
CA LEU C 848 26.32 9.94 21.79
C LEU C 848 27.05 11.06 21.07
N TYR C 849 28.39 11.04 21.09
CA TYR C 849 29.14 11.95 20.24
C TYR C 849 29.10 11.51 18.80
N LEU C 850 29.21 10.21 18.54
CA LEU C 850 29.18 9.74 17.16
C LEU C 850 27.83 9.98 16.49
N GLN C 851 26.74 10.11 17.25
CA GLN C 851 25.44 10.17 16.60
C GLN C 851 25.21 11.45 15.81
N ARG C 852 26.18 12.37 15.78
CA ARG C 852 25.99 13.60 15.02
C ARG C 852 26.26 13.39 13.55
N PHE C 853 27.34 12.69 13.22
CA PHE C 853 27.74 12.51 11.83
C PHE C 853 26.71 11.72 11.06
N GLU C 854 26.63 11.97 9.77
CA GLU C 854 25.45 11.52 9.01
C GLU C 854 25.62 10.09 8.52
N ASN C 855 26.85 9.67 8.22
CA ASN C 855 27.03 8.32 7.71
C ASN C 855 26.80 7.26 8.76
N CYS C 856 26.79 7.62 10.04
CA CYS C 856 26.67 6.64 11.10
C CYS C 856 25.79 7.10 12.26
N GLY C 857 24.80 7.95 12.02
CA GLY C 857 23.94 8.40 13.08
C GLY C 857 22.54 7.85 13.03
N ILE C 858 22.21 7.10 11.99
CA ILE C 858 20.90 6.46 11.93
C ILE C 858 20.90 5.17 12.73
N PHE C 859 22.06 4.55 12.88
CA PHE C 859 22.15 3.34 13.70
C PHE C 859 21.95 3.65 15.17
N ILE C 860 22.36 4.82 15.63
CA ILE C 860 22.10 5.18 17.02
C ILE C 860 20.62 5.43 17.24
N VAL C 861 19.94 5.98 16.25
CA VAL C 861 18.49 6.17 16.35
C VAL C 861 17.79 4.82 16.45
N MET C 862 18.19 3.88 15.59
CA MET C 862 17.60 2.54 15.64
C MET C 862 17.88 1.87 16.98
N LEU C 863 19.11 1.96 17.46
CA LEU C 863 19.48 1.37 18.73
C LEU C 863 18.63 1.93 19.86
N GLU C 864 18.46 3.25 19.89
CA GLU C 864 17.64 3.87 20.93
C GLU C 864 16.20 3.41 20.85
N VAL C 865 15.61 3.36 19.66
CA VAL C 865 14.21 2.94 19.54
C VAL C 865 14.04 1.52 20.06
N ILE C 866 14.91 0.61 19.63
CA ILE C 866 14.79 -0.78 20.05
C ILE C 866 14.99 -0.91 21.55
N LEU C 867 15.92 -0.14 22.11
CA LEU C 867 16.17 -0.23 23.54
C LEU C 867 14.99 0.28 24.35
N LYS C 868 14.37 1.37 23.91
CA LYS C 868 13.18 1.87 24.60
C LYS C 868 12.05 0.85 24.56
N THR C 869 11.81 0.27 23.38
CA THR C 869 10.75 -0.72 23.27
C THR C 869 11.02 -1.92 24.17
N LEU C 870 12.27 -2.32 24.29
CA LEU C 870 12.60 -3.44 25.17
C LEU C 870 12.40 -3.07 26.63
N LEU C 871 12.77 -1.86 27.03
CA LEU C 871 12.62 -1.48 28.42
C LEU C 871 11.19 -1.23 28.82
N ARG C 872 10.30 -0.94 27.87
CA ARG C 872 8.90 -0.74 28.24
C ARG C 872 8.19 -2.06 28.53
N SER C 873 8.78 -3.20 28.19
CA SER C 873 8.13 -4.48 28.40
C SER C 873 8.68 -5.26 29.56
N THR C 874 9.75 -4.79 30.21
CA THR C 874 10.26 -5.49 31.37
C THR C 874 9.29 -5.38 32.54
N VAL C 875 8.50 -4.31 32.59
CA VAL C 875 7.48 -4.18 33.63
C VAL C 875 6.47 -5.32 33.56
N VAL C 876 6.42 -6.02 32.43
CA VAL C 876 5.54 -7.17 32.26
C VAL C 876 6.33 -8.47 32.33
N PHE C 877 7.26 -8.65 31.42
CA PHE C 877 7.95 -9.93 31.28
C PHE C 877 9.08 -10.10 32.27
N ILE C 878 8.98 -9.48 33.44
CA ILE C 878 9.83 -9.83 34.57
C ILE C 878 9.08 -10.69 35.57
N PHE C 879 7.79 -10.95 35.34
CA PHE C 879 7.04 -11.87 36.19
C PHE C 879 7.06 -13.28 35.65
N LEU C 880 7.26 -13.45 34.34
CA LEU C 880 7.60 -14.77 33.81
C LEU C 880 8.88 -15.29 34.45
N LEU C 881 9.90 -14.43 34.52
CA LEU C 881 11.15 -14.83 35.16
C LEU C 881 10.94 -15.18 36.62
N LEU C 882 10.12 -14.42 37.33
CA LEU C 882 9.86 -14.72 38.73
C LEU C 882 9.17 -16.07 38.87
N ALA C 883 8.15 -16.33 38.06
CA ALA C 883 7.43 -17.60 38.11
C ALA C 883 8.38 -18.77 37.90
N PHE C 884 9.12 -18.74 36.78
CA PHE C 884 9.98 -19.87 36.46
C PHE C 884 11.13 -19.99 37.43
N GLY C 885 11.71 -18.87 37.87
CA GLY C 885 12.84 -18.95 38.78
C GLY C 885 12.45 -19.47 40.14
N LEU C 886 11.31 -19.03 40.66
CA LEU C 886 10.89 -19.50 41.97
C LEU C 886 10.38 -20.94 41.92
N SER C 887 9.93 -21.42 40.76
CA SER C 887 9.58 -22.83 40.71
C SER C 887 10.81 -23.71 40.54
N PHE C 888 11.78 -23.28 39.73
CA PHE C 888 13.04 -24.00 39.61
C PHE C 888 13.82 -24.00 40.91
N TYR C 889 13.67 -22.98 41.74
CA TYR C 889 14.35 -22.97 43.02
C TYR C 889 13.84 -24.08 43.93
N ILE C 890 12.58 -24.47 43.78
CA ILE C 890 12.01 -25.54 44.59
C ILE C 890 12.28 -26.90 43.98
N LEU C 891 12.15 -27.02 42.66
CA LEU C 891 12.25 -28.33 42.03
C LEU C 891 13.70 -28.81 41.97
N LEU C 892 14.65 -27.93 41.71
CA LEU C 892 16.05 -28.29 41.52
C LEU C 892 16.93 -27.68 42.59
N ASN C 893 16.53 -27.81 43.85
CA ASN C 893 17.18 -27.05 44.91
C ASN C 893 18.52 -27.65 45.32
N LEU C 894 18.74 -28.93 45.05
CA LEU C 894 19.97 -29.58 45.47
C LEU C 894 21.15 -29.29 44.56
N GLN C 895 20.95 -28.57 43.47
CA GLN C 895 22.01 -28.25 42.53
C GLN C 895 22.53 -26.85 42.78
N ASP C 896 23.82 -26.65 42.52
CA ASP C 896 24.44 -25.36 42.84
C ASP C 896 23.87 -24.19 42.06
N PRO C 897 23.57 -24.29 40.77
CA PRO C 897 23.02 -23.13 40.07
C PRO C 897 21.69 -22.66 40.60
N PHE C 898 20.95 -23.51 41.33
CA PHE C 898 19.62 -23.18 41.82
C PHE C 898 19.56 -23.25 43.34
N SER C 899 20.65 -22.96 44.02
CA SER C 899 20.71 -23.15 45.46
C SER C 899 20.28 -21.94 46.26
N SER C 900 19.77 -20.91 45.61
CA SER C 900 19.38 -19.66 46.25
C SER C 900 18.38 -18.96 45.35
N PRO C 901 17.45 -18.19 45.93
CA PRO C 901 16.44 -17.53 45.09
C PRO C 901 17.04 -16.60 44.04
N LEU C 902 18.03 -15.81 44.43
CA LEU C 902 18.59 -14.85 43.49
C LEU C 902 19.44 -15.54 42.43
N LEU C 903 20.26 -16.51 42.82
CA LEU C 903 21.01 -17.28 41.85
C LEU C 903 20.08 -18.01 40.90
N SER C 904 18.96 -18.51 41.41
CA SER C 904 18.01 -19.22 40.57
C SER C 904 17.29 -18.28 39.61
N ILE C 905 17.13 -17.01 39.98
CA ILE C 905 16.55 -16.07 39.04
C ILE C 905 17.55 -15.63 37.99
N ILE C 906 18.84 -15.57 38.35
CA ILE C 906 19.83 -15.20 37.35
C ILE C 906 20.08 -16.34 36.36
N GLN C 907 20.09 -17.58 36.83
CA GLN C 907 20.26 -18.71 35.92
C GLN C 907 19.11 -18.79 34.93
N THR C 908 17.89 -18.49 35.39
CA THR C 908 16.75 -18.52 34.49
C THR C 908 16.83 -17.41 33.46
N PHE C 909 17.38 -16.26 33.86
CA PHE C 909 17.61 -15.19 32.90
C PHE C 909 18.64 -15.59 31.85
N SER C 910 19.66 -16.35 32.27
CA SER C 910 20.68 -16.78 31.33
C SER C 910 20.18 -17.85 30.38
N MET C 911 19.25 -18.69 30.83
CA MET C 911 18.68 -19.73 29.99
C MET C 911 17.72 -19.20 28.94
N MET C 912 17.55 -17.88 28.85
CA MET C 912 16.57 -17.29 27.95
C MET C 912 16.96 -17.39 26.49
N LEU C 913 18.23 -17.56 26.18
CA LEU C 913 18.70 -17.58 24.81
C LEU C 913 18.79 -18.98 24.22
N GLY C 914 18.57 -20.02 25.01
CA GLY C 914 18.60 -21.37 24.49
C GLY C 914 19.62 -22.25 25.17
N ASP C 915 20.38 -21.67 26.10
CA ASP C 915 21.41 -22.42 26.83
C ASP C 915 20.77 -23.00 28.07
N ILE C 916 20.09 -24.14 27.90
CA ILE C 916 19.25 -24.69 28.95
C ILE C 916 19.99 -25.70 29.84
N ASN C 917 21.06 -26.31 29.35
CA ASN C 917 21.77 -27.35 30.09
C ASN C 917 20.85 -28.53 30.38
N TYR C 918 20.30 -29.12 29.31
CA TYR C 918 19.39 -30.23 29.50
C TYR C 918 20.11 -31.44 30.08
N ARG C 919 21.27 -31.78 29.55
CA ARG C 919 21.93 -33.00 29.97
C ARG C 919 22.53 -32.87 31.36
N GLU C 920 22.95 -31.67 31.74
CA GLU C 920 23.66 -31.52 33.01
C GLU C 920 22.72 -31.30 34.18
N SER C 921 21.57 -30.68 33.95
CA SER C 921 20.65 -30.34 35.02
C SER C 921 19.44 -31.25 35.12
N PHE C 922 19.06 -31.93 34.03
CA PHE C 922 17.84 -32.73 34.03
C PHE C 922 18.09 -34.20 33.78
N LEU C 923 18.76 -34.54 32.69
CA LEU C 923 18.89 -35.95 32.33
C LEU C 923 19.81 -36.70 33.28
N GLU C 924 21.02 -36.20 33.46
CA GLU C 924 21.99 -36.93 34.28
C GLU C 924 21.62 -37.00 35.75
N PRO C 925 21.06 -35.97 36.38
CA PRO C 925 20.53 -36.18 37.74
C PRO C 925 19.39 -37.17 37.77
N TYR C 926 18.59 -37.23 36.72
CA TYR C 926 17.47 -38.17 36.70
C TYR C 926 17.93 -39.60 36.62
N LEU C 927 18.96 -39.86 35.81
CA LEU C 927 19.45 -41.23 35.72
C LEU C 927 20.25 -41.66 36.95
N ARG C 928 20.52 -40.74 37.87
CA ARG C 928 21.16 -41.09 39.13
C ARG C 928 20.19 -41.12 40.29
N ASN C 929 18.89 -40.96 40.04
CA ASN C 929 17.87 -40.88 41.08
C ASN C 929 18.15 -39.73 42.04
N GLU C 930 18.40 -38.55 41.47
CA GLU C 930 18.71 -37.37 42.26
C GLU C 930 17.71 -36.23 42.04
N LEU C 931 16.66 -36.46 41.27
CA LEU C 931 15.58 -35.51 41.10
C LEU C 931 14.51 -35.83 42.14
N ALA C 932 14.12 -34.82 42.91
CA ALA C 932 13.10 -35.06 43.94
C ALA C 932 11.71 -35.14 43.32
N HIS C 933 11.47 -34.39 42.25
CA HIS C 933 10.18 -34.36 41.57
C HIS C 933 10.41 -34.53 40.08
N PRO C 934 10.53 -35.77 39.61
CA PRO C 934 10.92 -35.98 38.20
C PRO C 934 9.88 -35.50 37.21
N VAL C 935 8.61 -35.87 37.38
CA VAL C 935 7.59 -35.52 36.39
C VAL C 935 7.40 -34.01 36.33
N LEU C 936 7.32 -33.36 37.49
CA LEU C 936 7.19 -31.92 37.50
C LEU C 936 8.42 -31.24 36.92
N SER C 937 9.61 -31.76 37.21
CA SER C 937 10.82 -31.16 36.66
C SER C 937 10.88 -31.26 35.15
N PHE C 938 10.41 -32.35 34.58
CA PHE C 938 10.39 -32.46 33.12
C PHE C 938 9.24 -31.71 32.48
N ALA C 939 8.14 -31.50 33.19
CA ALA C 939 7.07 -30.67 32.66
C ALA C 939 7.42 -29.20 32.67
N GLN C 940 8.08 -28.73 33.71
CA GLN C 940 8.59 -27.37 33.76
C GLN C 940 9.59 -27.07 32.65
N LEU C 941 10.46 -28.02 32.33
CA LEU C 941 11.38 -27.84 31.22
C LEU C 941 10.66 -27.59 29.90
N VAL C 942 9.64 -28.39 29.59
CA VAL C 942 8.90 -28.22 28.36
C VAL C 942 8.15 -26.89 28.34
N SER C 943 7.46 -26.55 29.43
CA SER C 943 6.73 -25.29 29.44
C SER C 943 7.67 -24.09 29.36
N PHE C 944 8.84 -24.16 30.01
CA PHE C 944 9.81 -23.08 29.89
C PHE C 944 10.31 -22.95 28.47
N THR C 945 10.72 -24.06 27.86
CA THR C 945 11.23 -24.02 26.50
C THR C 945 10.20 -23.43 25.54
N ILE C 946 8.92 -23.75 25.75
CA ILE C 946 7.89 -23.20 24.87
C ILE C 946 7.69 -21.71 25.15
N PHE C 947 7.68 -21.31 26.41
CA PHE C 947 7.26 -19.96 26.76
C PHE C 947 8.34 -18.92 26.51
N VAL C 948 9.59 -19.21 26.87
CA VAL C 948 10.58 -18.15 26.93
C VAL C 948 11.53 -18.17 25.74
N PRO C 949 12.30 -19.23 25.46
CA PRO C 949 13.21 -19.16 24.31
C PRO C 949 12.53 -19.15 22.97
N ILE C 950 11.23 -19.44 22.89
CA ILE C 950 10.50 -19.47 21.63
C ILE C 950 9.52 -18.30 21.53
N VAL C 951 8.54 -18.24 22.43
CA VAL C 951 7.49 -17.25 22.30
C VAL C 951 8.01 -15.85 22.59
N LEU C 952 8.70 -15.68 23.72
CA LEU C 952 9.13 -14.34 24.13
C LEU C 952 10.17 -13.78 23.17
N MET C 953 11.12 -14.60 22.75
CA MET C 953 12.15 -14.12 21.85
C MET C 953 11.58 -13.79 20.48
N ASN C 954 10.62 -14.57 19.99
CA ASN C 954 10.00 -14.22 18.71
C ASN C 954 9.17 -12.96 18.82
N LEU C 955 8.54 -12.73 19.98
CA LEU C 955 7.85 -11.47 20.22
C LEU C 955 8.81 -10.29 20.12
N LEU C 956 9.97 -10.41 20.77
CA LEU C 956 10.95 -9.34 20.71
C LEU C 956 11.46 -9.12 19.28
N ILE C 957 11.68 -10.20 18.53
CA ILE C 957 12.17 -10.07 17.17
C ILE C 957 11.14 -9.37 16.30
N GLY C 958 9.86 -9.72 16.44
CA GLY C 958 8.83 -9.06 15.66
C GLY C 958 8.72 -7.58 15.98
N LEU C 959 8.80 -7.24 17.28
CA LEU C 959 8.78 -5.83 17.65
C LEU C 959 9.95 -5.08 17.02
N ALA C 960 11.15 -5.66 17.04
CA ALA C 960 12.30 -4.99 16.47
C ALA C 960 12.15 -4.81 14.96
N VAL C 961 11.62 -5.81 14.26
CA VAL C 961 11.42 -5.68 12.83
C VAL C 961 10.47 -4.53 12.52
N GLY C 962 9.37 -4.44 13.28
CA GLY C 962 8.45 -3.33 13.08
C GLY C 962 9.08 -1.97 13.34
N ASP C 963 9.82 -1.85 14.44
CA ASP C 963 10.44 -0.56 14.78
C ASP C 963 11.43 -0.13 13.71
N ILE C 964 12.24 -1.07 13.21
CA ILE C 964 13.25 -0.71 12.22
C ILE C 964 12.59 -0.34 10.90
N ALA C 965 11.52 -1.03 10.52
CA ALA C 965 10.81 -0.61 9.31
C ALA C 965 10.27 0.79 9.46
N GLU C 966 9.70 1.11 10.62
CA GLU C 966 9.17 2.45 10.83
C GLU C 966 10.25 3.50 10.79
N VAL C 967 11.43 3.20 11.31
CA VAL C 967 12.52 4.17 11.26
C VAL C 967 13.03 4.35 9.84
N GLN C 968 13.13 3.25 9.08
CA GLN C 968 13.61 3.35 7.71
C GLN C 968 12.64 4.06 6.80
N LYS C 969 11.35 4.09 7.15
CA LYS C 969 10.38 4.77 6.29
C LYS C 969 10.69 6.25 6.14
N HIS C 970 11.26 6.86 7.18
CA HIS C 970 11.58 8.29 7.19
C HIS C 970 13.06 8.56 7.30
N ALA C 971 13.90 7.78 6.61
CA ALA C 971 15.33 7.88 6.84
C ALA C 971 15.92 9.15 6.27
N SER C 972 15.58 9.46 5.02
CA SER C 972 16.22 10.59 4.34
C SER C 972 15.84 11.91 4.97
N LEU C 973 14.55 12.11 5.24
CA LEU C 973 14.11 13.37 5.83
C LEU C 973 14.73 13.56 7.21
N LYS C 974 14.75 12.51 8.03
CA LYS C 974 15.33 12.63 9.36
C LYS C 974 16.83 12.90 9.28
N ARG C 975 17.51 12.25 8.35
CA ARG C 975 18.94 12.47 8.17
C ARG C 975 19.23 13.93 7.82
N ILE C 976 18.45 14.51 6.91
CA ILE C 976 18.69 15.90 6.53
C ILE C 976 18.31 16.84 7.66
N ALA C 977 17.21 16.54 8.36
CA ALA C 977 16.77 17.42 9.43
C ALA C 977 17.79 17.47 10.56
N MET C 978 18.50 16.37 10.80
CA MET C 978 19.54 16.41 11.81
C MET C 978 20.62 17.44 11.48
N GLN C 979 21.07 17.46 10.23
CA GLN C 979 22.10 18.42 9.84
C GLN C 979 21.58 19.85 9.89
N VAL C 980 20.35 20.06 9.42
CA VAL C 980 19.78 21.40 9.45
C VAL C 980 19.70 21.91 10.88
N GLU C 981 19.27 21.05 11.81
CA GLU C 981 19.15 21.47 13.20
C GLU C 981 20.52 21.71 13.82
N LEU C 982 21.51 20.87 13.48
CA LEU C 982 22.87 21.09 13.94
C LEU C 982 23.35 22.49 13.59
N HIS C 983 23.28 22.84 12.31
CA HIS C 983 23.80 24.14 11.91
C HIS C 983 22.95 25.28 12.43
N THR C 984 21.63 25.10 12.52
CA THR C 984 20.79 26.14 13.10
C THR C 984 21.19 26.44 14.53
N SER C 985 21.41 25.40 15.33
CA SER C 985 21.83 25.62 16.71
C SER C 985 23.20 26.27 16.77
N LEU C 986 24.10 25.87 15.87
CA LEU C 986 25.43 26.49 15.87
C LEU C 986 25.37 27.97 15.53
N GLU C 987 24.41 28.38 14.70
CA GLU C 987 24.37 29.79 14.29
C GLU C 987 23.94 30.70 15.44
N LYS C 988 23.10 30.20 16.34
CA LYS C 988 22.59 31.05 17.40
C LYS C 988 23.62 31.31 18.51
N LYS C 989 24.86 30.86 18.35
CA LYS C 989 25.86 31.04 19.38
C LYS C 989 27.17 31.65 18.88
N LEU C 990 27.40 31.68 17.57
CA LEU C 990 28.61 32.28 17.06
C LEU C 990 28.47 33.81 17.01
N PRO C 991 29.58 34.53 17.03
CA PRO C 991 29.50 35.99 16.93
C PRO C 991 29.15 36.45 15.52
N LEU C 992 28.57 37.66 15.45
CA LEU C 992 28.05 38.16 14.20
C LEU C 992 29.16 38.35 13.15
N TRP C 993 30.26 39.01 13.55
CA TRP C 993 31.32 39.28 12.59
C TRP C 993 31.91 38.01 12.03
N PHE C 994 31.97 36.94 12.83
CA PHE C 994 32.51 35.69 12.34
C PHE C 994 31.63 35.08 11.27
N LEU C 995 30.31 35.08 11.50
CA LEU C 995 29.38 34.62 10.47
C LEU C 995 29.51 35.45 9.21
N ARG C 996 29.66 36.77 9.36
CA ARG C 996 29.90 37.60 8.20
C ARG C 996 31.17 37.17 7.45
N LYS C 997 32.22 36.85 8.21
CA LYS C 997 33.51 36.55 7.58
C LYS C 997 33.50 35.22 6.83
N VAL C 998 32.89 34.19 7.42
CA VAL C 998 32.99 32.85 6.81
C VAL C 998 31.88 32.52 5.84
N ASP C 999 30.79 33.29 5.83
CA ASP C 999 29.67 32.99 4.95
C ASP C 999 30.03 33.27 3.49
N GLN C 1000 29.41 32.52 2.58
CA GLN C 1000 29.61 32.70 1.16
C GLN C 1000 28.27 32.93 0.47
N LYS C 1001 28.34 33.41 -0.77
CA LYS C 1001 27.15 33.68 -1.56
C LYS C 1001 26.99 32.75 -2.76
N SER C 1002 28.03 32.04 -3.13
CA SER C 1002 27.98 31.14 -4.28
C SER C 1002 29.14 30.15 -4.18
N THR C 1003 29.13 29.18 -5.07
CA THR C 1003 30.20 28.19 -5.09
C THR C 1003 30.42 27.71 -6.51
N ILE C 1004 31.65 27.27 -6.77
CA ILE C 1004 32.06 26.81 -8.09
C ILE C 1004 32.55 25.38 -7.95
N VAL C 1005 32.14 24.51 -8.86
CA VAL C 1005 32.47 23.09 -8.79
C VAL C 1005 32.96 22.63 -10.16
N TYR C 1006 34.14 22.00 -10.18
CA TYR C 1006 34.64 21.34 -11.38
C TYR C 1006 34.43 19.85 -11.21
N PRO C 1007 33.54 19.23 -11.98
CA PRO C 1007 33.31 17.79 -11.79
C PRO C 1007 34.52 16.91 -12.10
N ASN C 1008 35.34 17.31 -13.07
CA ASN C 1008 36.46 16.47 -13.49
C ASN C 1008 37.57 16.44 -12.46
N LYS C 1009 37.98 17.61 -11.97
CA LYS C 1009 39.05 17.70 -10.98
C LYS C 1009 38.69 16.94 -9.72
N PRO C 1010 39.68 16.43 -8.97
CA PRO C 1010 39.44 15.66 -7.73
C PRO C 1010 38.64 16.45 -6.69
N LYS C 1038 2.11 9.09 -2.34
CA LYS C 1038 2.10 10.54 -2.19
C LYS C 1038 1.84 11.23 -3.52
N SER C 1039 1.93 10.48 -4.61
CA SER C 1039 1.62 11.02 -5.93
C SER C 1039 0.13 10.90 -6.22
N LEU C 1040 -0.45 9.76 -5.88
CA LEU C 1040 -1.87 9.53 -6.15
C LEU C 1040 -2.74 10.57 -5.46
N GLU C 1041 -2.39 10.92 -4.22
CA GLU C 1041 -3.15 11.94 -3.51
C GLU C 1041 -3.08 13.28 -4.23
N MET C 1042 -1.89 13.64 -4.71
CA MET C 1042 -1.75 14.90 -5.44
C MET C 1042 -2.56 14.89 -6.72
N GLU C 1043 -2.55 13.76 -7.44
CA GLU C 1043 -3.33 13.67 -8.67
C GLU C 1043 -4.81 13.84 -8.41
N ILE C 1044 -5.33 13.14 -7.40
CA ILE C 1044 -6.76 13.22 -7.15
C ILE C 1044 -7.13 14.61 -6.63
N LEU C 1045 -6.20 15.28 -5.94
CA LEU C 1045 -6.46 16.65 -5.52
C LEU C 1045 -6.58 17.58 -6.71
N LYS C 1046 -5.64 17.48 -7.65
CA LYS C 1046 -5.69 18.31 -8.85
C LYS C 1046 -6.98 18.08 -9.62
N GLN C 1047 -7.38 16.81 -9.77
CA GLN C 1047 -8.58 16.56 -10.54
C GLN C 1047 -9.84 16.97 -9.78
N LYS C 1048 -9.78 17.00 -8.44
CA LYS C 1048 -10.90 17.57 -7.69
C LYS C 1048 -11.05 19.05 -8.00
N TYR C 1049 -9.94 19.79 -8.04
CA TYR C 1049 -10.01 21.20 -8.40
C TYR C 1049 -10.59 21.39 -9.80
N ARG C 1050 -10.15 20.55 -10.74
CA ARG C 1050 -10.68 20.63 -12.10
C ARG C 1050 -12.18 20.39 -12.11
N LEU C 1051 -12.64 19.40 -11.35
CA LEU C 1051 -14.07 19.09 -11.32
C LEU C 1051 -14.88 20.25 -10.74
N LYS C 1052 -14.33 20.93 -9.73
CA LYS C 1052 -15.05 22.08 -9.18
C LYS C 1052 -15.18 23.20 -10.21
N ASP C 1053 -14.10 23.48 -10.94
CA ASP C 1053 -14.20 24.50 -11.99
C ASP C 1053 -15.24 24.10 -13.04
N LEU C 1054 -15.28 22.81 -13.39
CA LEU C 1054 -16.27 22.34 -14.35
C LEU C 1054 -17.69 22.61 -13.85
N THR C 1055 -17.96 22.31 -12.58
CA THR C 1055 -19.28 22.56 -12.02
C THR C 1055 -19.65 24.02 -12.10
N PHE C 1056 -18.72 24.90 -11.75
CA PHE C 1056 -19.00 26.34 -11.79
C PHE C 1056 -19.39 26.78 -13.20
N LEU C 1057 -18.61 26.36 -14.20
CA LEU C 1057 -18.92 26.75 -15.57
C LEU C 1057 -20.28 26.22 -16.01
N LEU C 1058 -20.59 24.97 -15.65
CA LEU C 1058 -21.86 24.40 -16.07
C LEU C 1058 -23.04 25.17 -15.47
N GLU C 1059 -22.89 25.64 -14.23
CA GLU C 1059 -23.99 26.39 -13.63
C GLU C 1059 -24.21 27.72 -14.33
N LYS C 1060 -23.12 28.43 -14.65
CA LYS C 1060 -23.27 29.66 -15.43
C LYS C 1060 -24.00 29.39 -16.74
N GLN C 1061 -23.63 28.31 -17.42
CA GLN C 1061 -24.26 27.97 -18.70
C GLN C 1061 -25.75 27.71 -18.53
N HIS C 1062 -26.12 27.00 -17.46
CA HIS C 1062 -27.53 26.72 -17.20
C HIS C 1062 -28.32 28.01 -17.05
N GLU C 1063 -27.75 28.98 -16.32
CA GLU C 1063 -28.43 30.26 -16.17
C GLU C 1063 -28.63 30.94 -17.52
N LEU C 1064 -27.62 30.91 -18.38
CA LEU C 1064 -27.77 31.53 -19.70
C LEU C 1064 -28.89 30.87 -20.51
N ILE C 1065 -29.00 29.55 -20.42
CA ILE C 1065 -30.03 28.85 -21.21
C ILE C 1065 -31.42 29.23 -20.71
N LYS C 1066 -31.60 29.32 -19.40
CA LYS C 1066 -32.89 29.75 -18.89
C LYS C 1066 -33.23 31.15 -19.36
N LEU C 1067 -32.23 32.03 -19.44
CA LEU C 1067 -32.48 33.36 -19.98
C LEU C 1067 -32.95 33.29 -21.42
N ILE C 1068 -32.29 32.46 -22.24
CA ILE C 1068 -32.73 32.29 -23.63
C ILE C 1068 -34.20 31.92 -23.68
N ILE C 1069 -34.60 30.92 -22.90
CA ILE C 1069 -35.99 30.46 -22.96
C ILE C 1069 -36.93 31.57 -22.55
N GLN C 1070 -36.54 32.39 -21.57
CA GLN C 1070 -37.49 33.39 -21.13
C GLN C 1070 -37.49 34.66 -21.99
N LYS C 1071 -36.57 34.78 -22.95
CA LYS C 1071 -36.57 35.94 -23.83
C LYS C 1071 -36.98 35.66 -25.27
N MET C 1072 -37.03 34.41 -25.70
CA MET C 1072 -37.17 34.11 -27.12
C MET C 1072 -38.53 34.51 -27.67
N GLU C 1073 -38.68 34.36 -28.98
CA GLU C 1073 -39.94 34.60 -29.66
C GLU C 1073 -40.66 33.28 -29.89
N ILE C 1074 -41.96 33.25 -29.63
CA ILE C 1074 -42.78 32.06 -29.84
C ILE C 1074 -44.07 32.52 -30.50
N ILE C 1075 -44.32 32.06 -31.72
CA ILE C 1075 -45.45 32.54 -32.49
C ILE C 1075 -46.20 31.38 -33.12
N SER C 1076 -45.52 30.59 -33.94
CA SER C 1076 -46.21 29.51 -34.63
C SER C 1076 -46.41 28.30 -33.72
N GLU C 1077 -45.51 28.09 -32.77
CA GLU C 1077 -45.58 26.95 -31.88
C GLU C 1077 -46.25 27.28 -30.55
N THR C 1078 -47.16 28.25 -30.53
CA THR C 1078 -47.85 28.58 -29.29
C THR C 1078 -49.05 27.66 -29.10
N GLU C 1079 -49.48 27.51 -27.86
CA GLU C 1079 -50.55 26.59 -27.53
C GLU C 1079 -51.90 27.30 -27.48
N LYS D 447 -19.65 40.44 -48.25
CA LYS D 447 -18.39 39.89 -47.75
C LYS D 447 -18.55 39.47 -46.29
N SER D 448 -18.81 40.44 -45.43
CA SER D 448 -19.08 40.13 -44.03
C SER D 448 -20.28 39.21 -43.82
N PRO D 449 -21.41 39.37 -44.53
CA PRO D 449 -22.50 38.41 -44.35
C PRO D 449 -22.16 37.01 -44.84
N LEU D 450 -21.46 36.91 -45.98
CA LEU D 450 -21.16 35.60 -46.54
C LEU D 450 -20.23 34.81 -45.64
N HIS D 451 -19.28 35.49 -45.00
CA HIS D 451 -18.37 34.79 -44.08
C HIS D 451 -19.13 34.20 -42.92
N PHE D 452 -20.06 34.96 -42.33
CA PHE D 452 -20.87 34.44 -41.23
C PHE D 452 -21.73 33.27 -41.69
N ALA D 453 -22.45 33.46 -42.80
CA ALA D 453 -23.35 32.43 -43.27
C ALA D 453 -22.61 31.13 -43.57
N ALA D 454 -21.42 31.24 -44.16
CA ALA D 454 -20.65 30.03 -44.44
C ALA D 454 -20.05 29.44 -43.19
N SER D 455 -19.62 30.27 -42.25
CA SER D 455 -19.00 29.78 -41.04
C SER D 455 -19.98 29.02 -40.16
N TYR D 456 -21.27 29.37 -40.20
CA TYR D 456 -22.25 28.70 -39.34
C TYR D 456 -23.25 27.86 -40.13
N GLY D 457 -22.95 27.52 -41.37
CA GLY D 457 -23.73 26.54 -42.08
C GLY D 457 -25.11 26.98 -42.49
N ARG D 458 -25.38 28.26 -42.50
CA ARG D 458 -26.69 28.77 -42.93
C ARG D 458 -26.73 28.71 -44.45
N ILE D 459 -27.36 27.66 -44.97
CA ILE D 459 -27.18 27.30 -46.38
C ILE D 459 -28.03 28.18 -47.28
N ASN D 460 -29.26 28.50 -46.87
CA ASN D 460 -30.14 29.27 -47.74
C ASN D 460 -29.62 30.69 -47.93
N THR D 461 -29.04 31.27 -46.88
CA THR D 461 -28.40 32.57 -47.02
C THR D 461 -27.28 32.51 -48.05
N CYS D 462 -26.51 31.42 -48.06
CA CYS D 462 -25.46 31.27 -49.04
C CYS D 462 -26.02 31.16 -50.46
N GLN D 463 -27.09 30.38 -50.63
CA GLN D 463 -27.69 30.27 -51.95
C GLN D 463 -28.22 31.61 -52.43
N ARG D 464 -28.74 32.42 -51.53
CA ARG D 464 -29.24 33.74 -51.93
C ARG D 464 -28.10 34.68 -52.31
N LEU D 465 -27.06 34.72 -51.48
CA LEU D 465 -25.94 35.63 -51.76
C LEU D 465 -25.23 35.26 -53.06
N LEU D 466 -25.04 33.96 -53.30
CA LEU D 466 -24.33 33.50 -54.49
C LEU D 466 -25.31 33.38 -55.68
N GLN D 467 -25.91 34.51 -56.03
CA GLN D 467 -26.77 34.60 -57.18
C GLN D 467 -26.16 35.55 -58.20
N ASP D 468 -26.60 35.41 -59.44
CA ASP D 468 -26.01 36.13 -60.59
C ASP D 468 -24.51 35.86 -60.64
N ILE D 469 -24.20 34.57 -60.83
CA ILE D 469 -22.82 34.09 -60.88
C ILE D 469 -22.09 34.72 -62.06
N SER D 470 -21.19 35.65 -61.78
CA SER D 470 -20.43 36.33 -62.81
C SER D 470 -19.16 36.93 -62.21
N ASP D 471 -19.27 37.41 -60.98
CA ASP D 471 -18.15 38.01 -60.27
C ASP D 471 -17.68 37.05 -59.18
N THR D 472 -16.61 36.32 -59.46
CA THR D 472 -16.03 35.39 -58.51
C THR D 472 -15.06 36.07 -57.55
N ARG D 473 -15.05 37.39 -57.51
CA ARG D 473 -14.17 38.08 -56.57
C ARG D 473 -14.69 37.95 -55.14
N LEU D 474 -16.00 37.88 -54.97
CA LEU D 474 -16.57 37.74 -53.63
C LEU D 474 -16.38 36.32 -53.12
N LEU D 475 -16.43 35.34 -54.01
CA LEU D 475 -16.34 33.94 -53.61
C LEU D 475 -14.96 33.57 -53.09
N ASN D 476 -13.90 34.06 -53.72
CA ASN D 476 -12.53 33.65 -53.40
C ASN D 476 -11.77 34.75 -52.69
N GLU D 477 -12.42 35.45 -51.77
CA GLU D 477 -11.78 36.52 -51.02
C GLU D 477 -11.77 36.18 -49.54
N GLY D 478 -10.61 36.27 -48.91
CA GLY D 478 -10.44 35.93 -47.52
C GLY D 478 -10.56 37.12 -46.61
N ASP D 479 -10.78 36.83 -45.32
CA ASP D 479 -10.89 37.89 -44.33
C ASP D 479 -9.51 38.42 -43.96
N LEU D 480 -9.34 38.84 -42.70
CA LEU D 480 -8.06 39.38 -42.28
C LEU D 480 -7.01 38.30 -42.06
N HIS D 481 -7.43 37.10 -41.67
CA HIS D 481 -6.52 35.97 -41.57
C HIS D 481 -6.39 35.22 -42.88
N GLY D 482 -6.94 35.76 -43.95
CA GLY D 482 -6.83 35.14 -45.25
C GLY D 482 -7.63 33.88 -45.44
N MET D 483 -8.70 33.70 -44.68
CA MET D 483 -9.52 32.50 -44.77
C MET D 483 -10.76 32.76 -45.63
N THR D 484 -10.83 32.09 -46.76
CA THR D 484 -11.97 32.19 -47.66
C THR D 484 -13.19 31.54 -47.03
N PRO D 485 -14.38 31.76 -47.59
CA PRO D 485 -15.56 31.05 -47.10
C PRO D 485 -15.39 29.54 -47.04
N LEU D 486 -14.68 28.96 -48.00
CA LEU D 486 -14.45 27.52 -47.99
C LEU D 486 -13.67 27.10 -46.75
N HIS D 487 -12.67 27.88 -46.37
CA HIS D 487 -11.90 27.57 -45.18
C HIS D 487 -12.78 27.52 -43.95
N LEU D 488 -13.68 28.49 -43.80
CA LEU D 488 -14.54 28.54 -42.63
C LEU D 488 -15.55 27.40 -42.63
N ALA D 489 -16.22 27.19 -43.76
CA ALA D 489 -17.20 26.12 -43.85
C ALA D 489 -16.57 24.77 -43.54
N ALA D 490 -15.34 24.55 -43.99
CA ALA D 490 -14.67 23.29 -43.68
C ALA D 490 -14.18 23.27 -42.24
N LYS D 491 -13.79 24.41 -41.70
CA LYS D 491 -13.30 24.45 -40.33
C LYS D 491 -14.39 24.03 -39.35
N ASN D 492 -15.61 24.49 -39.56
CA ASN D 492 -16.72 24.11 -38.69
C ASN D 492 -17.42 22.84 -39.12
N GLY D 493 -17.05 22.28 -40.27
CA GLY D 493 -17.53 20.96 -40.66
C GLY D 493 -18.92 20.94 -41.24
N HIS D 494 -19.21 21.84 -42.17
CA HIS D 494 -20.51 21.90 -42.83
C HIS D 494 -20.33 21.42 -44.26
N ASP D 495 -20.63 20.15 -44.49
CA ASP D 495 -20.32 19.54 -45.77
C ASP D 495 -21.21 20.07 -46.89
N LYS D 496 -22.47 20.39 -46.59
CA LYS D 496 -23.37 20.87 -47.63
C LYS D 496 -22.90 22.21 -48.18
N VAL D 497 -22.47 23.11 -47.30
CA VAL D 497 -21.97 24.40 -47.75
C VAL D 497 -20.70 24.23 -48.57
N VAL D 498 -19.83 23.30 -48.16
CA VAL D 498 -18.61 23.03 -48.91
C VAL D 498 -18.94 22.53 -50.30
N GLN D 499 -19.91 21.62 -50.40
CA GLN D 499 -20.32 21.09 -51.70
C GLN D 499 -20.87 22.20 -52.58
N LEU D 500 -21.72 23.06 -52.00
CA LEU D 500 -22.29 24.16 -52.76
C LEU D 500 -21.21 25.12 -53.26
N LEU D 501 -20.25 25.44 -52.41
CA LEU D 501 -19.18 26.35 -52.81
C LEU D 501 -18.30 25.73 -53.89
N LEU D 502 -18.03 24.43 -53.79
CA LEU D 502 -17.21 23.77 -54.80
C LEU D 502 -17.94 23.71 -56.13
N LYS D 503 -19.26 23.55 -56.10
CA LYS D 503 -20.01 23.55 -57.35
C LYS D 503 -19.90 24.89 -58.06
N LYS D 504 -19.45 25.93 -57.36
CA LYS D 504 -19.16 27.20 -58.01
C LYS D 504 -17.66 27.36 -58.24
N GLY D 505 -16.85 26.45 -57.69
CA GLY D 505 -15.42 26.54 -57.82
C GLY D 505 -14.79 27.55 -56.87
N ALA D 506 -13.95 27.06 -55.95
CA ALA D 506 -13.36 27.93 -54.94
C ALA D 506 -11.84 27.88 -54.89
N LEU D 507 -11.20 27.12 -55.76
CA LEU D 507 -9.77 27.18 -56.09
C LEU D 507 -8.82 26.58 -55.06
N PHE D 508 -9.22 26.39 -53.81
CA PHE D 508 -8.33 25.89 -52.77
C PHE D 508 -7.12 26.79 -52.57
N LEU D 509 -7.36 27.97 -52.00
CA LEU D 509 -6.26 28.88 -51.73
C LEU D 509 -5.54 28.46 -50.45
N SER D 510 -4.98 29.44 -49.76
CA SER D 510 -4.26 29.23 -48.52
C SER D 510 -4.25 30.50 -47.69
N ASP D 511 -4.36 30.32 -46.38
CA ASP D 511 -4.44 31.44 -45.47
C ASP D 511 -3.04 31.89 -45.05
N HIS D 512 -2.98 32.68 -43.99
CA HIS D 512 -1.71 33.23 -43.53
C HIS D 512 -0.88 32.24 -42.74
N ASN D 513 -1.18 30.95 -42.85
CA ASN D 513 -0.34 29.90 -42.28
C ASN D 513 -0.18 28.73 -43.24
N GLY D 514 -0.58 28.90 -44.50
CA GLY D 514 -0.40 27.87 -45.49
C GLY D 514 -1.44 26.77 -45.48
N TRP D 515 -2.38 26.78 -44.54
CA TRP D 515 -3.37 25.72 -44.46
C TRP D 515 -4.32 25.80 -45.64
N THR D 516 -4.95 24.67 -45.93
CA THR D 516 -6.01 24.59 -46.92
C THR D 516 -7.29 24.14 -46.24
N ALA D 517 -8.34 24.00 -47.03
CA ALA D 517 -9.61 23.50 -46.49
C ALA D 517 -9.42 22.13 -45.86
N LEU D 518 -8.61 21.28 -46.48
CA LEU D 518 -8.40 19.94 -45.97
C LEU D 518 -7.65 19.97 -44.64
N HIS D 519 -6.72 20.91 -44.47
CA HIS D 519 -6.04 21.04 -43.20
C HIS D 519 -7.03 21.30 -42.07
N HIS D 520 -7.95 22.24 -42.28
CA HIS D 520 -8.94 22.55 -41.25
C HIS D 520 -9.88 21.39 -41.01
N ALA D 521 -10.40 20.79 -42.08
CA ALA D 521 -11.33 19.68 -41.93
C ALA D 521 -10.68 18.52 -41.19
N SER D 522 -9.38 18.31 -41.38
CA SER D 522 -8.71 17.22 -40.69
C SER D 522 -8.39 17.60 -39.25
N MET D 523 -7.98 18.84 -39.02
CA MET D 523 -7.77 19.30 -37.66
C MET D 523 -9.03 19.14 -36.82
N GLY D 524 -10.19 19.33 -37.43
CA GLY D 524 -11.45 19.14 -36.73
C GLY D 524 -11.86 17.68 -36.62
N GLY D 525 -11.60 16.91 -37.66
CA GLY D 525 -11.95 15.50 -37.64
C GLY D 525 -13.22 15.17 -38.37
N TYR D 526 -13.76 16.10 -39.14
CA TYR D 526 -15.04 15.89 -39.81
C TYR D 526 -14.79 15.09 -41.07
N THR D 527 -15.01 13.77 -40.98
CA THR D 527 -14.69 12.90 -42.10
C THR D 527 -15.59 13.15 -43.30
N GLN D 528 -16.80 13.67 -43.07
CA GLN D 528 -17.74 13.84 -44.17
C GLN D 528 -17.31 14.97 -45.10
N THR D 529 -16.95 16.12 -44.56
CA THR D 529 -16.46 17.19 -45.41
C THR D 529 -15.11 16.83 -46.04
N MET D 530 -14.32 16.01 -45.36
CA MET D 530 -13.09 15.50 -45.98
C MET D 530 -13.41 14.66 -47.20
N LYS D 531 -14.38 13.76 -47.08
CA LYS D 531 -14.79 12.93 -48.20
C LYS D 531 -15.34 13.79 -49.33
N VAL D 532 -16.04 14.87 -48.99
CA VAL D 532 -16.55 15.76 -50.03
C VAL D 532 -15.42 16.46 -50.76
N ILE D 533 -14.39 16.90 -50.01
CA ILE D 533 -13.27 17.59 -50.64
C ILE D 533 -12.48 16.63 -51.53
N LEU D 534 -12.27 15.40 -51.06
CA LEU D 534 -11.38 14.47 -51.74
C LEU D 534 -11.94 13.91 -53.04
N ASP D 535 -13.05 14.45 -53.54
CA ASP D 535 -13.61 13.98 -54.80
C ASP D 535 -13.72 15.09 -55.85
N THR D 536 -12.75 16.01 -55.90
CA THR D 536 -12.84 17.13 -56.82
C THR D 536 -11.57 17.29 -57.65
N ASN D 537 -10.55 17.90 -57.06
CA ASN D 537 -9.30 18.11 -57.79
C ASN D 537 -8.32 16.98 -57.51
N LEU D 538 -8.41 16.38 -56.33
CA LEU D 538 -7.56 15.25 -55.93
C LEU D 538 -6.08 15.60 -56.01
N LYS D 539 -5.77 16.89 -55.87
CA LYS D 539 -4.40 17.36 -55.91
C LYS D 539 -3.99 18.10 -54.65
N CYS D 540 -4.90 18.30 -53.70
CA CYS D 540 -4.57 19.01 -52.48
C CYS D 540 -4.16 18.08 -51.34
N THR D 541 -4.14 16.77 -51.59
CA THR D 541 -3.89 15.81 -50.52
C THR D 541 -2.50 15.98 -49.94
N ASP D 542 -1.56 16.48 -50.73
CA ASP D 542 -0.15 16.51 -50.34
C ASP D 542 0.39 17.93 -50.33
N ARG D 543 -0.42 18.84 -49.81
CA ARG D 543 -0.01 20.23 -49.65
C ARG D 543 0.69 20.39 -48.30
N LEU D 544 1.46 21.46 -48.18
CA LEU D 544 2.26 21.70 -47.00
C LEU D 544 2.05 23.14 -46.51
N ASP D 545 1.99 23.30 -45.20
CA ASP D 545 1.84 24.60 -44.60
C ASP D 545 3.22 25.22 -44.38
N GLU D 546 3.30 26.12 -43.40
CA GLU D 546 4.55 26.82 -43.16
C GLU D 546 5.60 25.92 -42.50
N ASP D 547 5.16 24.84 -41.86
CA ASP D 547 6.07 23.92 -41.19
C ASP D 547 6.14 22.56 -41.88
N GLY D 548 5.72 22.48 -43.13
CA GLY D 548 5.79 21.23 -43.86
C GLY D 548 4.91 20.14 -43.30
N ASN D 549 3.80 20.49 -42.66
CA ASN D 549 2.84 19.52 -42.16
C ASN D 549 1.78 19.26 -43.22
N THR D 550 1.43 18.00 -43.40
CA THR D 550 0.32 17.64 -44.27
C THR D 550 -0.97 17.55 -43.46
N ALA D 551 -2.08 17.25 -44.13
CA ALA D 551 -3.33 17.04 -43.42
C ALA D 551 -3.24 15.83 -42.51
N LEU D 552 -2.49 14.81 -42.93
CA LEU D 552 -2.34 13.61 -42.13
C LEU D 552 -1.64 13.93 -40.81
N HIS D 553 -0.68 14.85 -40.83
CA HIS D 553 -0.02 15.25 -39.60
C HIS D 553 -1.03 15.75 -38.57
N PHE D 554 -1.95 16.63 -39.00
CA PHE D 554 -2.92 17.19 -38.07
C PHE D 554 -3.93 16.14 -37.63
N ALA D 555 -4.46 15.36 -38.57
CA ALA D 555 -5.42 14.34 -38.21
C ALA D 555 -4.84 13.36 -37.20
N ALA D 556 -3.53 13.10 -37.27
CA ALA D 556 -2.92 12.17 -36.33
C ALA D 556 -2.58 12.85 -35.03
N ARG D 557 -2.16 14.13 -35.08
CA ARG D 557 -1.82 14.82 -33.84
C ARG D 557 -3.04 15.03 -32.97
N GLU D 558 -4.20 15.26 -33.57
CA GLU D 558 -5.39 15.51 -32.78
C GLU D 558 -6.10 14.24 -32.34
N GLY D 559 -5.75 13.09 -32.89
CA GLY D 559 -6.32 11.84 -32.43
C GLY D 559 -7.60 11.42 -33.11
N HIS D 560 -7.78 11.74 -34.39
CA HIS D 560 -8.99 11.40 -35.12
C HIS D 560 -8.70 10.17 -35.95
N ALA D 561 -9.07 9.00 -35.42
CA ALA D 561 -8.72 7.74 -36.05
C ALA D 561 -9.37 7.59 -37.42
N LYS D 562 -10.66 7.90 -37.51
CA LYS D 562 -11.36 7.70 -38.78
C LYS D 562 -10.84 8.62 -39.85
N ALA D 563 -10.44 9.83 -39.49
CA ALA D 563 -9.84 10.73 -40.47
C ALA D 563 -8.53 10.18 -41.00
N VAL D 564 -7.71 9.60 -40.11
CA VAL D 564 -6.45 9.01 -40.55
C VAL D 564 -6.71 7.81 -41.45
N ALA D 565 -7.67 6.97 -41.09
CA ALA D 565 -8.00 5.82 -41.93
C ALA D 565 -8.48 6.28 -43.30
N LEU D 566 -9.29 7.32 -43.36
CA LEU D 566 -9.77 7.82 -44.63
C LEU D 566 -8.64 8.41 -45.46
N LEU D 567 -7.72 9.12 -44.82
CA LEU D 567 -6.61 9.72 -45.56
C LEU D 567 -5.63 8.66 -46.04
N LEU D 568 -5.54 7.54 -45.34
CA LEU D 568 -4.66 6.47 -45.79
C LEU D 568 -5.30 5.64 -46.90
N SER D 569 -6.62 5.45 -46.82
CA SER D 569 -7.32 4.71 -47.87
C SER D 569 -7.11 5.35 -49.23
N HIS D 570 -7.09 6.68 -49.26
CA HIS D 570 -6.61 7.37 -50.45
C HIS D 570 -5.09 7.50 -50.36
N ASN D 571 -4.45 7.51 -51.52
CA ASN D 571 -3.00 7.45 -51.52
C ASN D 571 -2.40 8.78 -51.08
N ALA D 572 -2.30 8.96 -49.76
CA ALA D 572 -1.68 10.15 -49.20
C ALA D 572 -0.20 9.87 -49.00
N ASP D 573 0.61 10.91 -49.16
CA ASP D 573 2.06 10.80 -49.03
C ASP D 573 2.43 10.76 -47.55
N ILE D 574 3.57 10.16 -47.26
CA ILE D 574 4.08 10.07 -45.90
C ILE D 574 5.46 10.71 -45.87
N VAL D 575 5.54 11.93 -45.35
CA VAL D 575 6.77 12.71 -45.39
C VAL D 575 7.10 13.16 -43.97
N LEU D 576 8.21 13.87 -43.84
CA LEU D 576 8.59 14.51 -42.60
C LEU D 576 8.32 16.01 -42.70
N ASN D 577 8.55 16.73 -41.61
CA ASN D 577 8.36 18.17 -41.60
C ASN D 577 9.69 18.81 -41.24
N LYS D 578 9.63 20.01 -40.66
CA LYS D 578 10.86 20.72 -40.33
C LYS D 578 11.58 20.09 -39.15
N GLN D 579 10.87 19.37 -38.29
CA GLN D 579 11.49 18.64 -37.20
C GLN D 579 11.71 17.17 -37.53
N GLN D 580 11.62 16.81 -38.81
CA GLN D 580 11.81 15.44 -39.27
C GLN D 580 10.90 14.47 -38.51
N ALA D 581 9.68 14.91 -38.24
CA ALA D 581 8.68 14.09 -37.57
C ALA D 581 7.59 13.71 -38.56
N SER D 582 7.33 12.41 -38.67
CA SER D 582 6.22 11.93 -39.47
C SER D 582 4.95 12.00 -38.64
N PHE D 583 3.83 11.59 -39.24
CA PHE D 583 2.57 11.62 -38.50
C PHE D 583 2.57 10.58 -37.39
N LEU D 584 3.32 9.49 -37.55
CA LEU D 584 3.40 8.49 -36.50
C LEU D 584 4.10 9.05 -35.27
N HIS D 585 5.15 9.85 -35.46
CA HIS D 585 5.82 10.46 -34.32
C HIS D 585 4.88 11.40 -33.56
N LEU D 586 4.07 12.16 -34.29
CA LEU D 586 3.14 13.07 -33.65
C LEU D 586 2.05 12.30 -32.91
N ALA D 587 1.60 11.17 -33.46
CA ALA D 587 0.61 10.37 -32.77
C ALA D 587 1.20 9.73 -31.52
N LEU D 588 2.49 9.39 -31.55
CA LEU D 588 3.09 8.74 -30.39
C LEU D 588 3.39 9.74 -29.29
N HIS D 589 3.88 10.93 -29.64
CA HIS D 589 4.25 11.90 -28.62
C HIS D 589 3.03 12.41 -27.85
N ASN D 590 1.84 12.28 -28.43
CA ASN D 590 0.61 12.71 -27.76
C ASN D 590 -0.19 11.55 -27.21
N LYS D 591 0.32 10.32 -27.29
CA LYS D 591 -0.29 9.15 -26.68
C LYS D 591 -1.70 8.90 -27.22
N ARG D 592 -1.85 9.09 -28.52
CA ARG D 592 -3.12 8.82 -29.19
C ARG D 592 -3.14 7.34 -29.53
N LYS D 593 -3.76 6.54 -28.66
CA LYS D 593 -3.68 5.10 -28.81
C LYS D 593 -4.44 4.61 -30.03
N GLU D 594 -5.64 5.13 -30.25
CA GLU D 594 -6.51 4.56 -31.27
C GLU D 594 -5.98 4.82 -32.67
N VAL D 595 -5.41 5.99 -32.91
CA VAL D 595 -4.86 6.26 -34.24
C VAL D 595 -3.64 5.40 -34.49
N VAL D 596 -2.87 5.09 -33.45
CA VAL D 596 -1.70 4.24 -33.63
C VAL D 596 -2.13 2.82 -33.93
N LEU D 597 -3.15 2.32 -33.22
CA LEU D 597 -3.69 1.00 -33.54
C LEU D 597 -4.23 0.97 -34.96
N THR D 598 -4.83 2.08 -35.41
CA THR D 598 -5.31 2.13 -36.79
C THR D 598 -4.16 2.05 -37.78
N ILE D 599 -3.08 2.78 -37.53
CA ILE D 599 -1.92 2.72 -38.41
C ILE D 599 -1.35 1.31 -38.45
N ILE D 600 -1.35 0.64 -37.30
CA ILE D 600 -0.79 -0.72 -37.24
C ILE D 600 -1.65 -1.70 -38.02
N ARG D 601 -2.95 -1.76 -37.70
CA ARG D 601 -3.83 -2.74 -38.31
C ARG D 601 -3.95 -2.58 -39.82
N SER D 602 -3.54 -1.45 -40.37
CA SER D 602 -3.79 -1.20 -41.79
C SER D 602 -2.65 -1.73 -42.64
N LYS D 603 -2.86 -1.68 -43.95
CA LYS D 603 -1.74 -1.79 -44.86
C LYS D 603 -0.87 -0.54 -44.76
N ARG D 604 0.13 -0.46 -45.62
CA ARG D 604 1.07 0.66 -45.64
C ARG D 604 1.83 0.80 -44.33
N TRP D 605 1.67 -0.14 -43.39
CA TRP D 605 2.38 -0.05 -42.12
C TRP D 605 3.88 -0.15 -42.33
N ASP D 606 4.30 -0.84 -43.40
CA ASP D 606 5.72 -1.00 -43.67
C ASP D 606 6.38 0.33 -44.01
N GLU D 607 5.81 1.06 -44.96
CA GLU D 607 6.39 2.35 -45.31
C GLU D 607 6.30 3.33 -44.15
N CYS D 608 5.19 3.31 -43.41
CA CYS D 608 5.09 4.13 -42.21
C CYS D 608 6.24 3.84 -41.25
N LEU D 609 6.61 2.57 -41.12
CA LEU D 609 7.72 2.22 -40.25
C LEU D 609 9.06 2.67 -40.82
N LYS D 610 9.23 2.60 -42.14
CA LYS D 610 10.49 2.95 -42.76
C LYS D 610 10.73 4.46 -42.87
N ILE D 611 9.68 5.28 -42.75
CA ILE D 611 9.81 6.67 -43.15
C ILE D 611 10.71 7.49 -42.23
N PHE D 612 10.90 7.06 -40.97
CA PHE D 612 11.67 7.87 -40.03
C PHE D 612 13.08 8.13 -40.53
N SER D 613 13.76 9.06 -39.87
CA SER D 613 15.12 9.44 -40.23
C SER D 613 16.00 9.48 -38.99
N HIS D 614 17.26 9.08 -39.15
CA HIS D 614 18.23 9.15 -38.08
C HIS D 614 18.61 10.59 -37.80
N ASN D 615 19.74 10.77 -37.12
CA ASN D 615 20.33 12.07 -36.83
C ASN D 615 19.41 12.98 -36.03
N SER D 616 18.25 12.50 -35.62
CA SER D 616 17.28 13.34 -34.92
C SER D 616 17.19 12.91 -33.46
N PRO D 617 17.60 13.78 -32.52
CA PRO D 617 17.53 13.38 -31.11
C PRO D 617 16.13 13.41 -30.53
N GLY D 618 15.13 13.83 -31.29
CA GLY D 618 13.79 13.94 -30.76
C GLY D 618 12.81 12.95 -31.35
N ASN D 619 13.03 12.54 -32.60
CA ASN D 619 12.13 11.64 -33.32
C ASN D 619 12.93 10.43 -33.76
N LYS D 620 13.09 9.46 -32.87
CA LYS D 620 13.91 8.29 -33.16
C LYS D 620 13.11 7.24 -33.92
N CYS D 621 13.56 5.99 -33.89
CA CYS D 621 12.87 4.93 -34.59
C CYS D 621 11.47 4.75 -34.00
N PRO D 622 10.46 4.44 -34.81
CA PRO D 622 9.11 4.27 -34.26
C PRO D 622 9.00 3.18 -33.19
N ILE D 623 9.84 2.16 -33.24
CA ILE D 623 9.73 1.06 -32.27
C ILE D 623 10.19 1.53 -30.89
N THR D 624 11.31 2.25 -30.83
CA THR D 624 11.78 2.77 -29.56
C THR D 624 10.77 3.75 -28.96
N GLU D 625 10.20 4.62 -29.80
CA GLU D 625 9.20 5.56 -29.32
C GLU D 625 7.96 4.82 -28.83
N MET D 626 7.56 3.75 -29.52
CA MET D 626 6.38 3.01 -29.10
C MET D 626 6.63 2.29 -27.78
N ILE D 627 7.86 1.84 -27.55
CA ILE D 627 8.20 1.25 -26.27
C ILE D 627 8.19 2.31 -25.18
N GLU D 628 8.61 3.53 -25.52
CA GLU D 628 8.73 4.57 -24.51
C GLU D 628 7.38 5.17 -24.13
N TYR D 629 6.45 5.29 -25.08
CA TYR D 629 5.20 6.00 -24.83
C TYR D 629 3.99 5.11 -24.74
N LEU D 630 3.77 4.23 -25.71
CA LEU D 630 2.57 3.39 -25.77
C LEU D 630 2.95 1.92 -25.80
N PRO D 631 3.30 1.36 -24.65
CA PRO D 631 3.68 -0.06 -24.64
C PRO D 631 2.54 -1.01 -24.94
N GLU D 632 1.30 -0.60 -24.67
CA GLU D 632 0.17 -1.49 -24.97
C GLU D 632 -0.05 -1.65 -26.46
N CYS D 633 0.47 -0.73 -27.27
CA CYS D 633 0.47 -0.93 -28.71
C CYS D 633 1.60 -1.84 -29.15
N MET D 634 2.76 -1.72 -28.50
CA MET D 634 3.86 -2.64 -28.77
C MET D 634 3.46 -4.06 -28.44
N LYS D 635 2.59 -4.26 -27.45
CA LYS D 635 2.13 -5.61 -27.15
C LYS D 635 1.36 -6.20 -28.32
N VAL D 636 0.51 -5.40 -28.96
CA VAL D 636 -0.23 -5.89 -30.13
C VAL D 636 0.73 -6.14 -31.28
N LEU D 637 1.68 -5.24 -31.47
CA LEU D 637 2.67 -5.42 -32.53
C LEU D 637 3.45 -6.71 -32.35
N LEU D 638 3.69 -7.10 -31.10
CA LEU D 638 4.39 -8.36 -30.84
C LEU D 638 3.46 -9.55 -31.02
N ASP D 639 2.21 -9.44 -30.56
CA ASP D 639 1.24 -10.51 -30.80
C ASP D 639 1.13 -10.83 -32.28
N PHE D 640 1.32 -9.83 -33.14
CA PHE D 640 1.30 -10.10 -34.58
C PHE D 640 2.46 -10.98 -35.04
N CYS D 641 3.40 -11.32 -34.18
CA CYS D 641 4.61 -12.04 -34.59
C CYS D 641 4.63 -13.49 -34.17
N MET D 642 3.53 -14.02 -33.63
CA MET D 642 3.44 -15.43 -33.26
C MET D 642 2.47 -16.13 -34.20
N LEU D 643 3.00 -16.99 -35.06
CA LEU D 643 2.19 -17.72 -36.03
C LEU D 643 1.98 -19.14 -35.53
N HIS D 644 0.80 -19.70 -35.80
CA HIS D 644 0.45 -21.04 -35.38
C HIS D 644 0.31 -21.92 -36.62
N SER D 645 0.23 -23.23 -36.40
CA SER D 645 0.16 -24.18 -37.50
C SER D 645 -1.27 -24.66 -37.71
N THR D 646 -1.62 -25.81 -37.12
CA THR D 646 -2.96 -26.36 -37.28
C THR D 646 -3.95 -25.81 -36.28
N GLU D 647 -3.49 -24.98 -35.33
CA GLU D 647 -4.28 -24.41 -34.25
C GLU D 647 -4.91 -25.49 -33.38
N ASP D 648 -4.26 -26.64 -33.23
CA ASP D 648 -4.74 -27.73 -32.40
C ASP D 648 -3.67 -28.09 -31.38
N LYS D 649 -3.97 -27.87 -30.10
CA LYS D 649 -2.97 -28.05 -29.05
C LYS D 649 -2.48 -29.48 -28.97
N SER D 650 -3.33 -30.44 -29.35
CA SER D 650 -2.98 -31.84 -29.18
C SER D 650 -2.04 -32.32 -30.27
N CYS D 651 -2.16 -31.76 -31.47
CA CYS D 651 -1.38 -32.23 -32.61
C CYS D 651 0.11 -32.00 -32.38
N ARG D 652 0.93 -32.92 -32.89
CA ARG D 652 2.37 -32.80 -32.73
C ARG D 652 2.97 -31.97 -33.86
N ASP D 653 2.36 -32.02 -35.04
CA ASP D 653 2.81 -31.15 -36.12
C ASP D 653 2.42 -29.70 -35.86
N TYR D 654 1.56 -29.48 -34.87
CA TYR D 654 1.21 -28.12 -34.45
C TYR D 654 2.43 -27.45 -33.83
N TYR D 655 2.96 -26.45 -34.53
CA TYR D 655 4.16 -25.74 -34.10
C TYR D 655 3.92 -24.25 -34.15
N ILE D 656 4.51 -23.54 -33.20
CA ILE D 656 4.43 -22.10 -33.13
C ILE D 656 5.72 -21.52 -33.70
N GLU D 657 5.61 -20.52 -34.55
CA GLU D 657 6.78 -19.83 -35.06
C GLU D 657 6.82 -18.41 -34.51
N TYR D 658 7.98 -18.03 -33.99
CA TYR D 658 8.24 -16.69 -33.49
C TYR D 658 9.11 -15.95 -34.48
N ASN D 659 8.77 -14.70 -34.74
CA ASN D 659 9.45 -13.87 -35.71
C ASN D 659 10.05 -12.66 -35.01
N PHE D 660 11.36 -12.50 -35.11
CA PHE D 660 12.09 -11.43 -34.45
C PHE D 660 12.29 -10.24 -35.38
N LYS D 661 11.20 -9.81 -36.02
CA LYS D 661 11.30 -8.82 -37.08
C LYS D 661 11.54 -7.42 -36.53
N TYR D 662 10.92 -7.09 -35.41
CA TYR D 662 10.93 -5.74 -34.88
C TYR D 662 11.96 -5.52 -33.79
N LEU D 663 12.63 -6.57 -33.33
CA LEU D 663 13.64 -6.45 -32.30
C LEU D 663 15.03 -6.19 -32.86
N GLN D 664 15.20 -6.23 -34.17
CA GLN D 664 16.50 -6.08 -34.80
C GLN D 664 16.93 -4.62 -34.78
N CYS D 665 18.03 -4.32 -35.46
CA CYS D 665 18.60 -2.98 -35.39
C CYS D 665 17.81 -2.02 -36.28
N PRO D 666 17.56 -0.79 -35.81
CA PRO D 666 16.84 0.18 -36.65
C PRO D 666 17.59 0.52 -37.93
N LEU D 667 18.91 0.38 -37.93
CA LEU D 667 19.69 0.68 -39.13
C LEU D 667 19.34 -0.26 -40.27
N GLU D 668 18.49 -1.25 -40.02
CA GLU D 668 18.09 -2.17 -41.09
C GLU D 668 16.88 -1.64 -41.85
N PHE D 669 15.96 -0.98 -41.15
CA PHE D 669 14.70 -0.59 -41.78
C PHE D 669 14.91 0.39 -42.93
N THR D 670 15.74 1.41 -42.73
CA THR D 670 16.03 2.40 -43.76
C THR D 670 16.83 1.74 -44.89
N LYS D 671 16.50 2.10 -46.13
CA LYS D 671 17.15 1.48 -47.28
C LYS D 671 18.54 2.05 -47.50
N LYS D 672 18.70 3.36 -47.35
CA LYS D 672 20.00 3.99 -47.61
C LYS D 672 21.04 3.56 -46.58
N THR D 673 20.78 3.87 -45.31
CA THR D 673 21.68 3.53 -44.21
C THR D 673 23.08 4.11 -44.43
N PRO D 674 23.27 5.41 -44.19
CA PRO D 674 24.62 5.96 -44.33
C PRO D 674 25.54 5.57 -43.18
N THR D 675 25.04 5.59 -41.94
CA THR D 675 25.81 5.21 -40.76
C THR D 675 27.08 6.05 -40.63
N GLN D 676 26.98 7.32 -41.02
CA GLN D 676 28.14 8.21 -40.91
C GLN D 676 28.51 8.42 -39.45
N ASP D 677 27.62 9.02 -38.67
CA ASP D 677 27.82 9.19 -37.23
C ASP D 677 26.82 8.39 -36.42
N VAL D 678 26.09 7.46 -37.04
CA VAL D 678 25.05 6.72 -36.36
C VAL D 678 25.59 5.35 -35.95
N ILE D 679 25.68 5.13 -34.63
CA ILE D 679 26.08 3.85 -34.07
C ILE D 679 25.00 3.41 -33.11
N TYR D 680 24.35 2.29 -33.42
CA TYR D 680 23.30 1.73 -32.59
C TYR D 680 23.88 0.59 -31.74
N GLU D 681 23.55 0.60 -30.46
CA GLU D 681 23.98 -0.47 -29.58
C GLU D 681 23.23 -1.75 -29.92
N PRO D 682 23.79 -2.90 -29.57
CA PRO D 682 23.10 -4.16 -29.82
C PRO D 682 21.88 -4.31 -28.92
N LEU D 683 20.94 -5.13 -29.36
CA LEU D 683 19.70 -5.40 -28.64
C LEU D 683 19.00 -4.08 -28.26
N THR D 684 18.68 -3.30 -29.30
CA THR D 684 18.15 -1.97 -29.06
C THR D 684 16.78 -2.02 -28.40
N ALA D 685 15.90 -2.89 -28.92
CA ALA D 685 14.55 -2.96 -28.39
C ALA D 685 14.54 -3.42 -26.94
N LEU D 686 15.33 -4.45 -26.62
CA LEU D 686 15.35 -4.95 -25.26
C LEU D 686 15.97 -3.97 -24.29
N ASN D 687 17.00 -3.26 -24.72
CA ASN D 687 17.57 -2.22 -23.85
C ASN D 687 16.57 -1.10 -23.63
N ALA D 688 15.80 -0.75 -24.66
CA ALA D 688 14.78 0.27 -24.50
C ALA D 688 13.69 -0.20 -23.53
N MET D 689 13.36 -1.49 -23.56
CA MET D 689 12.40 -2.02 -22.61
C MET D 689 12.95 -1.99 -21.19
N VAL D 690 14.24 -2.27 -21.03
CA VAL D 690 14.83 -2.29 -19.70
C VAL D 690 14.91 -0.89 -19.12
N GLN D 691 15.30 0.09 -19.94
CA GLN D 691 15.46 1.45 -19.42
C GLN D 691 14.13 2.13 -19.11
N ASN D 692 13.00 1.47 -19.37
CA ASN D 692 11.69 2.03 -19.07
C ASN D 692 10.84 1.12 -18.20
N ASN D 693 11.43 0.07 -17.64
CA ASN D 693 10.75 -0.81 -16.69
C ASN D 693 9.53 -1.49 -17.31
N ARG D 694 9.60 -1.78 -18.60
CA ARG D 694 8.50 -2.44 -19.29
C ARG D 694 8.58 -3.94 -19.02
N ILE D 695 8.24 -4.31 -17.78
CA ILE D 695 8.37 -5.71 -17.38
C ILE D 695 7.33 -6.57 -18.09
N GLU D 696 6.15 -6.01 -18.35
CA GLU D 696 5.11 -6.80 -19.01
C GLU D 696 5.48 -7.11 -20.46
N LEU D 697 6.38 -6.31 -21.05
CA LEU D 697 6.83 -6.60 -22.40
C LEU D 697 7.98 -7.60 -22.39
N LEU D 698 8.87 -7.51 -21.41
CA LEU D 698 10.00 -8.42 -21.35
C LEU D 698 9.58 -9.85 -21.08
N ASN D 699 8.37 -10.07 -20.57
CA ASN D 699 7.85 -11.41 -20.34
C ASN D 699 7.01 -11.93 -21.50
N HIS D 700 6.89 -11.17 -22.57
CA HIS D 700 6.16 -11.66 -23.72
C HIS D 700 6.93 -12.80 -24.38
N PRO D 701 6.24 -13.86 -24.82
CA PRO D 701 6.95 -15.03 -25.35
C PRO D 701 7.93 -14.73 -26.46
N VAL D 702 7.68 -13.71 -27.27
CA VAL D 702 8.60 -13.39 -28.36
C VAL D 702 9.95 -12.94 -27.81
N CYS D 703 9.93 -12.05 -26.82
CA CYS D 703 11.17 -11.59 -26.21
C CYS D 703 11.88 -12.72 -25.47
N LYS D 704 11.11 -13.59 -24.83
CA LYS D 704 11.71 -14.73 -24.14
C LYS D 704 12.45 -15.64 -25.12
N GLU D 705 11.80 -15.95 -26.25
CA GLU D 705 12.47 -16.78 -27.25
C GLU D 705 13.64 -16.06 -27.88
N TYR D 706 13.57 -14.74 -28.02
CA TYR D 706 14.69 -13.98 -28.54
C TYR D 706 15.91 -14.14 -27.64
N LEU D 707 15.71 -13.94 -26.34
CA LEU D 707 16.82 -14.09 -25.40
C LEU D 707 17.34 -15.51 -25.36
N LEU D 708 16.45 -16.50 -25.38
CA LEU D 708 16.90 -17.88 -25.37
C LEU D 708 17.70 -18.23 -26.62
N MET D 709 17.31 -17.66 -27.76
CA MET D 709 18.07 -17.88 -28.99
C MET D 709 19.45 -17.26 -28.87
N LYS D 710 19.55 -16.03 -28.36
CA LYS D 710 20.87 -15.43 -28.15
C LYS D 710 21.73 -16.30 -27.24
N TRP D 711 21.13 -16.75 -26.13
CA TRP D 711 21.84 -17.62 -25.20
C TRP D 711 22.42 -18.82 -25.91
N LEU D 712 21.56 -19.71 -26.41
CA LEU D 712 21.99 -20.92 -27.11
C LEU D 712 22.82 -20.64 -28.35
N ALA D 713 22.84 -19.42 -28.85
CA ALA D 713 23.65 -19.08 -30.01
C ALA D 713 25.10 -18.82 -29.62
N TYR D 714 25.34 -18.05 -28.57
CA TYR D 714 26.74 -17.81 -28.20
C TYR D 714 27.00 -17.50 -26.74
N GLY D 715 26.00 -17.18 -25.93
CA GLY D 715 26.28 -16.76 -24.58
C GLY D 715 26.69 -17.91 -23.69
N PHE D 716 25.95 -19.01 -23.80
CA PHE D 716 26.28 -20.20 -23.03
C PHE D 716 27.70 -20.64 -23.30
N ARG D 717 28.11 -20.64 -24.56
CA ARG D 717 29.46 -21.05 -24.89
C ARG D 717 30.50 -20.06 -24.37
N ALA D 718 30.25 -18.76 -24.55
CA ALA D 718 31.22 -17.76 -24.13
C ALA D 718 31.40 -17.77 -22.62
N HIS D 719 30.40 -18.22 -21.87
CA HIS D 719 30.58 -18.27 -20.42
C HIS D 719 31.05 -19.62 -19.91
N MET D 720 30.71 -20.71 -20.59
CA MET D 720 31.31 -21.99 -20.24
C MET D 720 32.80 -21.99 -20.50
N MET D 721 33.28 -21.24 -21.49
CA MET D 721 34.72 -21.12 -21.67
C MET D 721 35.37 -20.45 -20.47
N ASN D 722 34.74 -19.41 -19.93
CA ASN D 722 35.28 -18.73 -18.75
C ASN D 722 35.30 -19.66 -17.54
N LEU D 723 34.17 -20.34 -17.29
CA LEU D 723 34.13 -21.27 -16.18
C LEU D 723 35.17 -22.37 -16.32
N GLY D 724 35.37 -22.88 -17.53
CA GLY D 724 36.38 -23.91 -17.72
C GLY D 724 37.77 -23.40 -17.48
N SER D 725 38.06 -22.19 -17.97
CA SER D 725 39.39 -21.62 -17.77
C SER D 725 39.68 -21.41 -16.29
N TYR D 726 38.65 -21.12 -15.50
CA TYR D 726 38.88 -20.96 -14.06
C TYR D 726 39.00 -22.31 -13.36
N CYS D 727 38.10 -23.24 -13.66
CA CYS D 727 38.15 -24.55 -13.04
C CYS D 727 39.44 -25.29 -13.35
N LEU D 728 40.08 -24.97 -14.48
CA LEU D 728 41.35 -25.60 -14.81
C LEU D 728 42.42 -25.34 -13.77
N GLY D 729 42.25 -24.31 -12.94
CA GLY D 729 43.16 -24.07 -11.85
C GLY D 729 42.51 -24.33 -10.51
N LEU D 730 41.17 -24.26 -10.48
CA LEU D 730 40.45 -24.48 -9.23
C LEU D 730 40.47 -25.95 -8.81
N ILE D 731 40.36 -26.87 -9.76
CA ILE D 731 40.19 -28.28 -9.42
C ILE D 731 41.49 -28.94 -9.01
N PRO D 732 42.61 -28.77 -9.73
CA PRO D 732 43.86 -29.39 -9.27
C PRO D 732 44.31 -28.89 -7.91
N MET D 733 43.99 -27.66 -7.55
CA MET D 733 44.29 -27.16 -6.21
C MET D 733 43.60 -28.02 -5.15
N THR D 734 42.29 -28.19 -5.29
CA THR D 734 41.53 -29.00 -4.35
C THR D 734 42.01 -30.45 -4.35
N ILE D 735 42.40 -30.96 -5.51
CA ILE D 735 42.91 -32.33 -5.56
C ILE D 735 44.22 -32.44 -4.78
N LEU D 736 45.07 -31.41 -4.87
CA LEU D 736 46.31 -31.43 -4.11
C LEU D 736 46.04 -31.35 -2.62
N VAL D 737 45.05 -30.57 -2.21
CA VAL D 737 44.84 -30.35 -0.77
C VAL D 737 44.34 -31.62 -0.09
N VAL D 738 43.37 -32.30 -0.70
CA VAL D 738 42.71 -33.41 -0.03
C VAL D 738 43.46 -34.72 -0.25
N ASN D 739 44.63 -34.66 -0.88
CA ASN D 739 45.42 -35.86 -1.13
C ASN D 739 46.78 -35.87 -0.44
N ILE D 740 47.20 -34.75 0.14
CA ILE D 740 48.45 -34.67 0.88
C ILE D 740 48.12 -34.22 2.30
N LYS D 741 48.84 -34.76 3.27
CA LYS D 741 48.57 -34.38 4.65
C LYS D 741 49.14 -33.00 4.93
N PRO D 742 48.35 -32.07 5.45
CA PRO D 742 48.85 -30.72 5.68
C PRO D 742 50.05 -30.71 6.62
N GLY D 743 51.01 -29.83 6.32
CA GLY D 743 52.22 -29.72 7.09
C GLY D 743 53.41 -30.44 6.50
N MET D 744 53.19 -31.33 5.56
CA MET D 744 54.27 -32.09 4.94
C MET D 744 54.78 -31.35 3.70
N ALA D 745 56.09 -31.39 3.50
CA ALA D 745 56.68 -30.84 2.30
C ALA D 745 56.51 -31.82 1.14
N PHE D 746 56.35 -31.30 -0.06
CA PHE D 746 56.16 -32.16 -1.22
C PHE D 746 56.67 -31.45 -2.46
N ASN D 747 57.24 -32.22 -3.39
CA ASN D 747 57.59 -31.69 -4.69
C ASN D 747 57.16 -32.66 -5.77
N SER D 748 57.56 -32.40 -7.00
CA SER D 748 57.12 -33.21 -8.13
C SER D 748 57.50 -34.68 -7.96
N THR D 749 58.55 -34.95 -7.18
CA THR D 749 58.95 -36.34 -6.98
C THR D 749 58.01 -37.06 -6.04
N GLY D 750 57.44 -36.37 -5.06
CA GLY D 750 56.55 -37.01 -4.12
C GLY D 750 56.43 -36.22 -2.84
N ILE D 751 56.26 -36.95 -1.74
CA ILE D 751 56.03 -36.35 -0.43
C ILE D 751 57.22 -36.65 0.46
N ILE D 752 57.81 -35.62 1.05
CA ILE D 752 58.99 -35.76 1.88
C ILE D 752 58.53 -36.01 3.32
N ASN D 753 58.67 -37.25 3.77
CA ASN D 753 58.27 -37.65 5.12
C ASN D 753 59.50 -37.61 6.01
N GLU D 754 59.67 -36.49 6.71
CA GLU D 754 60.85 -36.29 7.56
C GLU D 754 60.55 -36.64 9.01
N GLU D 760 65.12 -38.60 6.36
CA GLU D 760 64.08 -38.28 5.39
C GLU D 760 63.69 -39.49 4.55
N ILE D 761 62.38 -39.72 4.44
CA ILE D 761 61.86 -40.75 3.57
C ILE D 761 61.09 -40.05 2.46
N LEU D 762 60.86 -40.74 1.34
CA LEU D 762 60.19 -40.10 0.21
C LEU D 762 59.09 -41.02 -0.27
N ASP D 763 57.84 -40.64 -0.02
CA ASP D 763 56.68 -41.37 -0.53
C ASP D 763 56.48 -41.00 -2.00
N THR D 764 56.51 -42.01 -2.86
CA THR D 764 56.53 -41.80 -4.30
C THR D 764 55.26 -42.27 -5.01
N THR D 765 54.37 -42.99 -4.34
CA THR D 765 53.12 -43.38 -4.97
C THR D 765 52.24 -42.16 -5.17
N ASN D 766 51.44 -42.17 -6.24
CA ASN D 766 50.61 -41.06 -6.67
C ASN D 766 51.42 -39.83 -7.06
N SER D 767 52.68 -40.01 -7.45
CA SER D 767 53.49 -38.86 -7.86
C SER D 767 53.05 -38.29 -9.19
N TYR D 768 52.50 -39.12 -10.07
CA TYR D 768 52.03 -38.63 -11.36
C TYR D 768 50.91 -37.61 -11.20
N LEU D 769 49.91 -37.92 -10.37
CA LEU D 769 48.84 -36.97 -10.11
C LEU D 769 49.35 -35.69 -9.48
N ILE D 770 50.28 -35.82 -8.52
CA ILE D 770 50.83 -34.65 -7.87
C ILE D 770 51.53 -33.74 -8.87
N LYS D 771 52.37 -34.32 -9.72
CA LYS D 771 53.06 -33.54 -10.74
C LYS D 771 52.11 -32.86 -11.70
N THR D 772 51.11 -33.60 -12.20
CA THR D 772 50.14 -33.00 -13.10
C THR D 772 49.43 -31.82 -12.46
N CYS D 773 48.98 -31.97 -11.22
CA CYS D 773 48.26 -30.88 -10.58
C CYS D 773 49.16 -29.69 -10.29
N MET D 774 50.40 -29.93 -9.86
CA MET D 774 51.32 -28.84 -9.63
C MET D 774 51.63 -28.07 -10.90
N ILE D 775 51.67 -28.74 -12.05
CA ILE D 775 51.87 -28.02 -13.30
C ILE D 775 50.63 -27.23 -13.71
N LEU D 776 49.45 -27.82 -13.56
CA LEU D 776 48.22 -27.12 -13.92
C LEU D 776 47.96 -25.90 -13.05
N VAL D 777 48.39 -25.91 -11.79
CA VAL D 777 48.21 -24.72 -10.97
C VAL D 777 49.18 -23.62 -11.40
N PHE D 778 50.42 -24.00 -11.70
CA PHE D 778 51.43 -23.04 -12.13
C PHE D 778 51.01 -22.33 -13.40
N LEU D 779 50.57 -23.09 -14.40
CA LEU D 779 50.19 -22.49 -15.67
C LEU D 779 49.01 -21.54 -15.49
N SER D 780 48.04 -21.93 -14.68
CA SER D 780 46.88 -21.07 -14.46
C SER D 780 47.30 -19.76 -13.78
N SER D 781 48.19 -19.85 -12.80
CA SER D 781 48.64 -18.62 -12.15
C SER D 781 49.37 -17.71 -13.14
N ILE D 782 50.21 -18.29 -14.00
CA ILE D 782 50.96 -17.47 -14.95
C ILE D 782 50.02 -16.79 -15.94
N PHE D 783 49.07 -17.55 -16.49
CA PHE D 783 48.13 -16.96 -17.43
C PHE D 783 47.25 -15.92 -16.77
N GLY D 784 46.89 -16.12 -15.51
CA GLY D 784 46.13 -15.11 -14.81
C GLY D 784 46.91 -13.83 -14.61
N TYR D 785 48.19 -13.96 -14.26
CA TYR D 785 49.05 -12.78 -14.14
C TYR D 785 49.11 -12.03 -15.46
N CYS D 786 49.27 -12.77 -16.57
CA CYS D 786 49.35 -12.12 -17.88
C CYS D 786 48.06 -11.40 -18.22
N LYS D 787 46.92 -12.07 -18.02
CA LYS D 787 45.64 -11.45 -18.33
C LYS D 787 45.40 -10.20 -17.47
N GLU D 788 45.77 -10.26 -16.18
CA GLU D 788 45.56 -9.13 -15.31
C GLU D 788 46.48 -7.96 -15.65
N ALA D 789 47.72 -8.24 -16.04
CA ALA D 789 48.59 -7.17 -16.51
C ALA D 789 48.08 -6.61 -17.83
N GLY D 790 47.36 -7.43 -18.60
CA GLY D 790 46.75 -6.93 -19.83
C GLY D 790 45.58 -6.00 -19.55
N GLN D 791 44.81 -6.30 -18.49
CA GLN D 791 43.70 -5.42 -18.13
C GLN D 791 44.18 -4.11 -17.56
N ILE D 792 45.34 -4.12 -16.89
CA ILE D 792 45.90 -2.90 -16.32
C ILE D 792 46.38 -1.97 -17.44
N ASN D 798 41.05 2.77 -11.31
CA ASN D 798 39.85 2.00 -11.60
C ASN D 798 40.11 0.51 -11.38
N TYR D 799 41.31 0.07 -11.73
CA TYR D 799 41.65 -1.35 -11.58
C TYR D 799 41.70 -1.76 -10.11
N PHE D 800 42.53 -1.08 -9.32
CA PHE D 800 42.70 -1.47 -7.92
C PHE D 800 41.43 -1.21 -7.11
N MET D 801 40.48 -0.46 -7.67
CA MET D 801 39.27 -0.15 -6.94
C MET D 801 38.35 -1.37 -6.86
N ASP D 802 38.33 -2.20 -7.91
CA ASP D 802 37.45 -3.34 -7.94
C ASP D 802 37.88 -4.37 -6.91
N ILE D 803 36.94 -5.25 -6.54
CA ILE D 803 37.25 -6.26 -5.53
C ILE D 803 37.74 -7.54 -6.19
N SER D 804 37.19 -7.86 -7.37
CA SER D 804 37.61 -9.06 -8.07
C SER D 804 39.09 -9.01 -8.42
N ASN D 805 39.61 -7.82 -8.72
CA ASN D 805 41.03 -7.69 -9.01
C ASN D 805 41.87 -8.05 -7.80
N VAL D 806 41.49 -7.57 -6.62
CA VAL D 806 42.23 -7.89 -5.41
C VAL D 806 42.17 -9.39 -5.13
N LEU D 807 40.98 -9.97 -5.24
CA LEU D 807 40.84 -11.40 -4.98
C LEU D 807 41.72 -12.21 -5.91
N GLU D 808 41.73 -11.86 -7.19
CA GLU D 808 42.50 -12.66 -8.14
C GLU D 808 44.00 -12.43 -7.97
N TRP D 809 44.41 -11.22 -7.60
CA TRP D 809 45.81 -11.01 -7.30
C TRP D 809 46.27 -11.89 -6.14
N ILE D 810 45.47 -11.93 -5.07
CA ILE D 810 45.81 -12.79 -3.93
C ILE D 810 45.86 -14.25 -4.36
N ILE D 811 44.86 -14.69 -5.12
CA ILE D 811 44.80 -16.09 -5.54
C ILE D 811 46.04 -16.49 -6.30
N TYR D 812 46.42 -15.68 -7.30
CA TYR D 812 47.57 -16.04 -8.11
C TYR D 812 48.87 -15.97 -7.32
N THR D 813 49.04 -14.93 -6.50
CA THR D 813 50.27 -14.81 -5.73
C THR D 813 50.46 -15.97 -4.77
N THR D 814 49.38 -16.43 -4.13
CA THR D 814 49.55 -17.51 -3.17
C THR D 814 49.61 -18.88 -3.85
N GLY D 815 48.86 -19.05 -4.94
CA GLY D 815 48.92 -20.30 -5.66
C GLY D 815 50.26 -20.54 -6.32
N ILE D 816 50.97 -19.47 -6.68
CA ILE D 816 52.29 -19.66 -7.28
C ILE D 816 53.29 -20.09 -6.21
N ILE D 817 53.04 -19.74 -4.95
CA ILE D 817 53.97 -20.11 -3.88
C ILE D 817 53.66 -21.51 -3.38
N PHE D 818 52.39 -21.89 -3.37
CA PHE D 818 52.01 -23.21 -2.91
C PHE D 818 52.70 -24.32 -3.69
N VAL D 819 52.86 -24.14 -5.00
CA VAL D 819 53.46 -25.16 -5.85
C VAL D 819 54.86 -24.78 -6.31
N LEU D 820 55.52 -23.88 -5.60
CA LEU D 820 56.84 -23.43 -6.01
C LEU D 820 57.93 -24.49 -5.95
N PRO D 821 57.89 -25.50 -5.03
CA PRO D 821 58.93 -26.53 -5.05
C PRO D 821 59.07 -27.28 -6.36
N LEU D 822 58.24 -26.93 -7.36
CA LEU D 822 58.44 -27.47 -8.69
C LEU D 822 59.78 -27.02 -9.27
N PHE D 823 60.31 -25.90 -8.77
CA PHE D 823 61.56 -25.33 -9.23
C PHE D 823 62.58 -25.10 -8.13
N VAL D 824 62.20 -24.41 -7.05
CA VAL D 824 63.11 -24.02 -5.99
C VAL D 824 62.54 -24.49 -4.66
N GLU D 825 63.41 -24.97 -3.78
CA GLU D 825 62.98 -25.48 -2.48
C GLU D 825 62.38 -24.37 -1.62
N ILE D 826 61.70 -24.77 -0.57
CA ILE D 826 60.92 -23.84 0.25
C ILE D 826 60.59 -24.53 1.56
N PRO D 827 60.46 -23.81 2.68
CA PRO D 827 60.07 -24.46 3.93
C PRO D 827 58.62 -24.90 3.88
N ALA D 828 58.34 -26.03 4.54
CA ALA D 828 56.99 -26.60 4.49
C ALA D 828 55.98 -25.67 5.16
N HIS D 829 56.41 -24.98 6.21
CA HIS D 829 55.50 -24.08 6.92
C HIS D 829 54.96 -23.01 5.99
N LEU D 830 55.84 -22.34 5.26
CA LEU D 830 55.41 -21.30 4.33
C LEU D 830 54.52 -21.88 3.23
N GLN D 831 54.89 -23.04 2.71
CA GLN D 831 54.11 -23.66 1.64
C GLN D 831 52.67 -23.89 2.09
N TRP D 832 52.48 -24.49 3.26
CA TRP D 832 51.12 -24.80 3.67
C TRP D 832 50.36 -23.58 4.17
N GLN D 833 51.06 -22.59 4.72
CA GLN D 833 50.36 -21.38 5.10
C GLN D 833 49.95 -20.54 3.91
N CYS D 834 50.58 -20.75 2.75
CA CYS D 834 50.06 -20.13 1.53
C CYS D 834 48.94 -20.96 0.91
N GLY D 835 49.04 -22.29 1.02
CA GLY D 835 47.96 -23.13 0.56
C GLY D 835 46.65 -22.86 1.28
N ALA D 836 46.73 -22.57 2.58
CA ALA D 836 45.53 -22.32 3.36
C ALA D 836 44.80 -21.06 2.89
N ILE D 837 45.54 -20.09 2.37
CA ILE D 837 44.91 -18.87 1.87
C ILE D 837 44.39 -19.08 0.47
N ALA D 838 45.16 -19.79 -0.36
CA ALA D 838 44.74 -20.00 -1.73
C ALA D 838 43.47 -20.82 -1.81
N VAL D 839 43.38 -21.91 -1.05
CA VAL D 839 42.24 -22.81 -1.18
C VAL D 839 40.98 -22.15 -0.63
N TYR D 840 41.14 -21.09 0.15
CA TYR D 840 39.99 -20.38 0.68
C TYR D 840 39.51 -19.33 -0.31
N PHE D 841 40.43 -18.53 -0.84
CA PHE D 841 40.01 -17.46 -1.74
C PHE D 841 39.57 -18.01 -3.10
N TYR D 842 40.07 -19.18 -3.51
CA TYR D 842 39.57 -19.79 -4.74
C TYR D 842 38.06 -20.02 -4.66
N TRP D 843 37.61 -20.73 -3.63
CA TRP D 843 36.20 -21.03 -3.51
C TRP D 843 35.38 -19.83 -3.13
N MET D 844 35.98 -18.79 -2.53
CA MET D 844 35.21 -17.59 -2.29
C MET D 844 35.04 -16.78 -3.57
N ASN D 845 36.01 -16.86 -4.48
CA ASN D 845 35.91 -16.11 -5.73
C ASN D 845 35.03 -16.83 -6.74
N PHE D 846 34.84 -18.14 -6.57
CA PHE D 846 33.97 -18.88 -7.47
C PHE D 846 32.53 -18.35 -7.47
N LEU D 847 32.10 -17.72 -6.38
CA LEU D 847 30.73 -17.20 -6.34
C LEU D 847 30.54 -16.06 -7.32
N LEU D 848 31.58 -15.26 -7.56
CA LEU D 848 31.45 -14.18 -8.52
C LEU D 848 31.30 -14.70 -9.93
N TYR D 849 31.82 -15.89 -10.22
CA TYR D 849 31.52 -16.54 -11.49
C TYR D 849 30.10 -17.06 -11.51
N LEU D 850 29.64 -17.65 -10.41
CA LEU D 850 28.28 -18.18 -10.39
C LEU D 850 27.22 -17.09 -10.51
N GLN D 851 27.53 -15.85 -10.15
CA GLN D 851 26.47 -14.85 -10.12
C GLN D 851 25.94 -14.46 -11.49
N ARG D 852 26.47 -15.06 -12.57
CA ARG D 852 25.96 -14.72 -13.90
C ARG D 852 24.68 -15.47 -14.22
N PHE D 853 24.65 -16.76 -13.91
CA PHE D 853 23.51 -17.59 -14.26
C PHE D 853 22.26 -17.13 -13.52
N GLU D 854 21.10 -17.37 -14.14
CA GLU D 854 19.90 -16.68 -13.69
C GLU D 854 19.21 -17.42 -12.55
N ASN D 855 19.31 -18.75 -12.53
CA ASN D 855 18.64 -19.50 -11.48
C ASN D 855 19.27 -19.31 -10.13
N CYS D 856 20.51 -18.82 -10.06
CA CYS D 856 21.23 -18.70 -8.81
C CYS D 856 22.04 -17.42 -8.68
N GLY D 857 21.63 -16.33 -9.32
CA GLY D 857 22.37 -15.09 -9.21
C GLY D 857 21.69 -14.03 -8.41
N ILE D 858 20.46 -14.27 -7.95
CA ILE D 858 19.79 -13.31 -7.09
C ILE D 858 20.25 -13.48 -5.65
N PHE D 859 20.69 -14.68 -5.28
CA PHE D 859 21.20 -14.90 -3.94
C PHE D 859 22.52 -14.18 -3.73
N ILE D 860 23.34 -14.05 -4.77
CA ILE D 860 24.58 -13.30 -4.62
C ILE D 860 24.28 -11.82 -4.45
N VAL D 861 23.24 -11.32 -5.11
CA VAL D 861 22.84 -9.93 -4.92
C VAL D 861 22.39 -9.69 -3.49
N MET D 862 21.56 -10.60 -2.97
CA MET D 862 21.11 -10.48 -1.58
C MET D 862 22.29 -10.55 -0.62
N LEU D 863 23.20 -11.50 -0.83
CA LEU D 863 24.37 -11.64 0.03
C LEU D 863 25.19 -10.36 0.04
N GLU D 864 25.42 -9.78 -1.13
CA GLU D 864 26.19 -8.54 -1.20
C GLU D 864 25.49 -7.40 -0.48
N VAL D 865 24.18 -7.25 -0.66
CA VAL D 865 23.47 -6.16 0.00
C VAL D 865 23.58 -6.29 1.51
N ILE D 866 23.33 -7.49 2.02
CA ILE D 866 23.37 -7.70 3.47
C ILE D 866 24.77 -7.47 4.01
N LEU D 867 25.78 -7.90 3.25
CA LEU D 867 27.15 -7.73 3.72
C LEU D 867 27.56 -6.27 3.75
N LYS D 868 27.15 -5.49 2.75
CA LYS D 868 27.45 -4.06 2.78
C LYS D 868 26.77 -3.38 3.95
N THR D 869 25.50 -3.70 4.18
CA THR D 869 24.80 -3.08 5.30
C THR D 869 25.46 -3.44 6.62
N LEU D 870 25.96 -4.67 6.75
CA LEU D 870 26.63 -5.05 7.98
C LEU D 870 27.96 -4.32 8.14
N LEU D 871 28.70 -4.15 7.05
CA LEU D 871 30.00 -3.49 7.16
C LEU D 871 29.87 -2.00 7.38
N ARG D 872 28.75 -1.39 7.01
CA ARG D 872 28.61 0.04 7.27
C ARG D 872 28.32 0.35 8.73
N SER D 873 28.00 -0.64 9.54
CA SER D 873 27.68 -0.40 10.95
C SER D 873 28.78 -0.81 11.89
N THR D 874 29.85 -1.44 11.41
CA THR D 874 30.96 -1.76 12.30
C THR D 874 31.67 -0.52 12.78
N VAL D 875 31.65 0.55 11.98
CA VAL D 875 32.23 1.82 12.41
C VAL D 875 31.56 2.35 13.66
N VAL D 876 30.38 1.85 13.99
CA VAL D 876 29.67 2.22 15.19
C VAL D 876 29.75 1.13 16.24
N PHE D 877 29.23 -0.04 15.93
CA PHE D 877 29.09 -1.11 16.90
C PHE D 877 30.36 -1.90 17.10
N ILE D 878 31.51 -1.26 16.91
CA ILE D 878 32.78 -1.80 17.40
C ILE D 878 33.23 -1.10 18.67
N PHE D 879 32.48 -0.10 19.13
CA PHE D 879 32.79 0.54 20.39
C PHE D 879 32.01 -0.09 21.54
N LEU D 880 30.86 -0.71 21.24
CA LEU D 880 30.24 -1.58 22.23
C LEU D 880 31.18 -2.71 22.61
N LEU D 881 31.81 -3.34 21.63
CA LEU D 881 32.76 -4.40 21.90
C LEU D 881 33.93 -3.89 22.72
N LEU D 882 34.43 -2.70 22.41
CA LEU D 882 35.53 -2.15 23.18
C LEU D 882 35.13 -1.92 24.64
N ALA D 883 33.96 -1.31 24.84
CA ALA D 883 33.48 -1.06 26.21
C ALA D 883 33.40 -2.35 27.00
N PHE D 884 32.67 -3.33 26.48
CA PHE D 884 32.45 -4.56 27.23
C PHE D 884 33.74 -5.36 27.38
N GLY D 885 34.58 -5.40 26.34
CA GLY D 885 35.80 -6.16 26.44
C GLY D 885 36.79 -5.58 27.43
N LEU D 886 36.93 -4.25 27.44
CA LEU D 886 37.85 -3.64 28.37
C LEU D 886 37.32 -3.66 29.79
N SER D 887 36.00 -3.74 29.99
CA SER D 887 35.53 -3.89 31.36
C SER D 887 35.65 -5.33 31.83
N PHE D 888 35.37 -6.30 30.97
CA PHE D 888 35.58 -7.70 31.33
C PHE D 888 37.04 -8.02 31.55
N TYR D 889 37.95 -7.31 30.89
CA TYR D 889 39.37 -7.55 31.12
C TYR D 889 39.77 -7.16 32.54
N ILE D 890 39.08 -6.20 33.13
CA ILE D 890 39.38 -5.78 34.50
C ILE D 890 38.64 -6.64 35.51
N LEU D 891 37.38 -6.95 35.24
CA LEU D 891 36.57 -7.65 36.23
C LEU D 891 36.95 -9.12 36.34
N LEU D 892 37.26 -9.77 35.23
CA LEU D 892 37.52 -11.20 35.20
C LEU D 892 38.95 -11.48 34.76
N ASN D 893 39.92 -10.79 35.36
CA ASN D 893 41.27 -10.83 34.83
C ASN D 893 42.00 -12.10 35.21
N LEU D 894 41.57 -12.79 36.26
CA LEU D 894 42.29 -13.98 36.72
C LEU D 894 41.96 -15.22 35.90
N GLN D 895 41.06 -15.14 34.94
CA GLN D 895 40.66 -16.27 34.13
C GLN D 895 41.37 -16.22 32.79
N ASP D 896 41.66 -17.39 32.23
CA ASP D 896 42.45 -17.45 30.99
C ASP D 896 41.77 -16.79 29.80
N PRO D 897 40.47 -16.94 29.57
CA PRO D 897 39.87 -16.28 28.41
C PRO D 897 39.96 -14.77 28.44
N PHE D 898 40.16 -14.16 29.61
CA PHE D 898 40.18 -12.71 29.75
C PHE D 898 41.53 -12.22 30.29
N SER D 899 42.61 -12.93 29.98
CA SER D 899 43.89 -12.61 30.59
C SER D 899 44.71 -11.61 29.80
N SER D 900 44.14 -11.01 28.77
CA SER D 900 44.84 -10.06 27.91
C SER D 900 43.82 -9.21 27.21
N PRO D 901 44.14 -7.96 26.88
CA PRO D 901 43.14 -7.09 26.23
C PRO D 901 42.61 -7.64 24.93
N LEU D 902 43.49 -8.17 24.09
CA LEU D 902 43.05 -8.65 22.78
C LEU D 902 42.26 -9.95 22.91
N LEU D 903 42.72 -10.87 23.75
CA LEU D 903 41.96 -12.09 23.99
C LEU D 903 40.59 -11.77 24.59
N SER D 904 40.55 -10.75 25.45
CA SER D 904 39.29 -10.37 26.06
C SER D 904 38.35 -9.72 25.06
N ILE D 905 38.89 -9.06 24.05
CA ILE D 905 38.02 -8.50 23.02
C ILE D 905 37.53 -9.59 22.07
N ILE D 906 38.34 -10.62 21.83
CA ILE D 906 37.88 -11.70 20.95
C ILE D 906 36.85 -12.58 21.65
N GLN D 907 37.01 -12.84 22.94
CA GLN D 907 36.02 -13.62 23.67
C GLN D 907 34.68 -12.90 23.70
N THR D 908 34.70 -11.57 23.85
CA THR D 908 33.46 -10.82 23.85
C THR D 908 32.79 -10.85 22.48
N PHE D 909 33.59 -10.87 21.42
CA PHE D 909 33.03 -11.01 20.08
C PHE D 909 32.40 -12.38 19.91
N SER D 910 32.99 -13.41 20.51
CA SER D 910 32.42 -14.75 20.38
C SER D 910 31.16 -14.91 21.20
N MET D 911 31.04 -14.20 22.33
CA MET D 911 29.85 -14.27 23.16
C MET D 911 28.65 -13.55 22.56
N MET D 912 28.79 -13.02 21.36
CA MET D 912 27.74 -12.21 20.76
C MET D 912 26.54 -13.01 20.31
N LEU D 913 26.69 -14.32 20.10
CA LEU D 913 25.61 -15.14 19.58
C LEU D 913 24.83 -15.85 20.67
N GLY D 914 25.24 -15.73 21.93
CA GLY D 914 24.50 -16.35 23.01
C GLY D 914 25.31 -17.35 23.80
N ASP D 915 26.56 -17.57 23.38
CA ASP D 915 27.44 -18.52 24.06
C ASP D 915 28.21 -17.77 25.13
N ILE D 916 27.57 -17.56 26.27
CA ILE D 916 28.09 -16.67 27.30
C ILE D 916 28.96 -17.38 28.34
N ASN D 917 28.79 -18.69 28.51
CA ASN D 917 29.50 -19.45 29.54
C ASN D 917 29.17 -18.92 30.93
N TYR D 918 27.88 -18.91 31.27
CA TYR D 918 27.48 -18.39 32.56
C TYR D 918 28.02 -19.25 33.70
N ARG D 919 27.90 -20.57 33.58
CA ARG D 919 28.27 -21.42 34.70
C ARG D 919 29.78 -21.50 34.86
N GLU D 920 30.53 -21.39 33.78
CA GLU D 920 31.97 -21.61 33.86
C GLU D 920 32.73 -20.35 34.23
N SER D 921 32.22 -19.18 33.85
CA SER D 921 32.93 -17.92 34.07
C SER D 921 32.37 -17.10 35.21
N PHE D 922 31.11 -17.28 35.60
CA PHE D 922 30.49 -16.44 36.60
C PHE D 922 30.04 -17.20 37.84
N LEU D 923 29.23 -18.26 37.68
CA LEU D 923 28.65 -18.92 38.83
C LEU D 923 29.70 -19.71 39.61
N GLU D 924 30.42 -20.59 38.93
CA GLU D 924 31.38 -21.44 39.63
C GLU D 924 32.55 -20.69 40.24
N PRO D 925 33.13 -19.67 39.60
CA PRO D 925 34.13 -18.86 40.33
C PRO D 925 33.53 -18.15 41.52
N TYR D 926 32.26 -17.76 41.44
CA TYR D 926 31.64 -17.04 42.53
C TYR D 926 31.42 -17.94 43.74
N LEU D 927 31.02 -19.19 43.51
CA LEU D 927 30.85 -20.09 44.63
C LEU D 927 32.15 -20.58 45.22
N ARG D 928 33.28 -20.27 44.60
CA ARG D 928 34.59 -20.58 45.15
C ARG D 928 35.27 -19.36 45.75
N ASN D 929 34.60 -18.22 45.82
CA ASN D 929 35.18 -16.98 46.30
C ASN D 929 36.38 -16.58 45.46
N GLU D 930 36.22 -16.59 44.14
CA GLU D 930 37.30 -16.25 43.22
C GLU D 930 36.96 -15.07 42.33
N LEU D 931 35.82 -14.43 42.54
CA LEU D 931 35.48 -13.20 41.85
C LEU D 931 35.94 -12.03 42.70
N ALA D 932 36.71 -11.13 42.10
CA ALA D 932 37.21 -9.97 42.85
C ALA D 932 36.12 -8.93 43.06
N HIS D 933 35.22 -8.80 42.09
CA HIS D 933 34.13 -7.82 42.14
C HIS D 933 32.83 -8.52 41.81
N PRO D 934 32.19 -9.18 42.78
CA PRO D 934 31.02 -10.00 42.46
C PRO D 934 29.83 -9.21 41.94
N VAL D 935 29.45 -8.13 42.61
CA VAL D 935 28.25 -7.39 42.23
C VAL D 935 28.43 -6.76 40.86
N LEU D 936 29.59 -6.14 40.62
CA LEU D 936 29.85 -5.57 39.32
C LEU D 936 29.92 -6.63 38.23
N SER D 937 30.51 -7.78 38.54
CA SER D 937 30.60 -8.84 37.55
C SER D 937 29.24 -9.38 37.16
N PHE D 938 28.30 -9.47 38.11
CA PHE D 938 26.96 -9.92 37.76
C PHE D 938 26.11 -8.83 37.14
N ALA D 939 26.39 -7.55 37.41
CA ALA D 939 25.68 -6.48 36.72
C ALA D 939 26.13 -6.34 35.27
N GLN D 940 27.42 -6.47 35.01
CA GLN D 940 27.93 -6.48 33.65
C GLN D 940 27.36 -7.62 32.82
N LEU D 941 27.19 -8.80 33.39
CA LEU D 941 26.57 -9.91 32.69
C LEU D 941 25.17 -9.56 32.21
N VAL D 942 24.35 -8.99 33.09
CA VAL D 942 22.98 -8.63 32.72
C VAL D 942 22.97 -7.53 31.66
N SER D 943 23.77 -6.48 31.83
CA SER D 943 23.78 -5.43 30.83
C SER D 943 24.30 -5.92 29.49
N PHE D 944 25.29 -6.80 29.48
CA PHE D 944 25.78 -7.37 28.23
C PHE D 944 24.71 -8.21 27.56
N THR D 945 24.07 -9.11 28.31
CA THR D 945 23.02 -9.95 27.74
C THR D 945 21.92 -9.12 27.14
N ILE D 946 21.56 -8.01 27.78
CA ILE D 946 20.50 -7.17 27.23
C ILE D 946 20.99 -6.45 25.98
N PHE D 947 22.21 -5.93 26.01
CA PHE D 947 22.65 -5.02 24.96
C PHE D 947 23.04 -5.73 23.68
N VAL D 948 23.76 -6.84 23.78
CA VAL D 948 24.42 -7.38 22.59
C VAL D 948 23.68 -8.60 22.03
N PRO D 949 23.49 -9.71 22.75
CA PRO D 949 22.81 -10.85 22.14
C PRO D 949 21.34 -10.62 21.86
N ILE D 950 20.73 -9.57 22.40
CA ILE D 950 19.31 -9.30 22.20
C ILE D 950 19.09 -8.08 21.32
N VAL D 951 19.57 -6.91 21.76
CA VAL D 951 19.26 -5.68 21.04
C VAL D 951 20.01 -5.62 19.71
N LEU D 952 21.32 -5.85 19.75
CA LEU D 952 22.13 -5.69 18.54
C LEU D 952 21.77 -6.73 17.49
N MET D 953 21.58 -7.97 17.90
CA MET D 953 21.23 -9.01 16.95
C MET D 953 19.85 -8.80 16.36
N ASN D 954 18.89 -8.33 17.14
CA ASN D 954 17.58 -8.04 16.58
C ASN D 954 17.63 -6.86 15.63
N LEU D 955 18.49 -5.88 15.91
CA LEU D 955 18.71 -4.79 14.98
C LEU D 955 19.23 -5.31 13.65
N LEU D 956 20.22 -6.20 13.69
CA LEU D 956 20.75 -6.76 12.45
C LEU D 956 19.70 -7.57 11.71
N ILE D 957 18.88 -8.33 12.42
CA ILE D 957 17.84 -9.14 11.77
C ILE D 957 16.82 -8.24 11.08
N GLY D 958 16.41 -7.17 11.75
CA GLY D 958 15.46 -6.25 11.13
C GLY D 958 16.02 -5.58 9.88
N LEU D 959 17.29 -5.17 9.94
CA LEU D 959 17.92 -4.60 8.76
C LEU D 959 17.93 -5.60 7.61
N ALA D 960 18.27 -6.85 7.89
CA ALA D 960 18.31 -7.86 6.83
C ALA D 960 16.94 -8.10 6.23
N VAL D 961 15.90 -8.15 7.07
CA VAL D 961 14.56 -8.36 6.56
C VAL D 961 14.17 -7.22 5.61
N GLY D 962 14.47 -5.98 6.00
CA GLY D 962 14.18 -4.86 5.13
C GLY D 962 14.93 -4.92 3.81
N ASP D 963 16.23 -5.22 3.86
CA ASP D 963 17.02 -5.28 2.64
C ASP D 963 16.52 -6.35 1.69
N ILE D 964 16.18 -7.51 2.23
CA ILE D 964 15.73 -8.60 1.36
C ILE D 964 14.36 -8.29 0.77
N ALA D 965 13.47 -7.65 1.52
CA ALA D 965 12.21 -7.24 0.94
C ALA D 965 12.44 -6.26 -0.21
N GLU D 966 13.34 -5.31 -0.02
CA GLU D 966 13.61 -4.34 -1.07
C GLU D 966 14.19 -4.99 -2.31
N VAL D 967 15.04 -6.01 -2.13
CA VAL D 967 15.60 -6.69 -3.30
C VAL D 967 14.55 -7.51 -4.00
N GLN D 968 13.67 -8.18 -3.24
CA GLN D 968 12.62 -8.98 -3.85
C GLN D 968 11.58 -8.14 -4.57
N LYS D 969 11.43 -6.87 -4.21
CA LYS D 969 10.43 -6.04 -4.88
C LYS D 969 10.73 -5.89 -6.37
N HIS D 970 12.00 -5.90 -6.74
CA HIS D 970 12.42 -5.73 -8.12
C HIS D 970 13.14 -6.95 -8.68
N ALA D 971 12.66 -8.15 -8.36
CA ALA D 971 13.42 -9.35 -8.70
C ALA D 971 13.38 -9.64 -10.18
N SER D 972 12.19 -9.61 -10.78
CA SER D 972 12.05 -10.04 -12.16
C SER D 972 12.75 -9.09 -13.12
N LEU D 973 12.56 -7.78 -12.93
CA LEU D 973 13.20 -6.81 -13.81
C LEU D 973 14.72 -6.89 -13.71
N LYS D 974 15.24 -7.00 -12.50
CA LYS D 974 16.69 -7.10 -12.32
C LYS D 974 17.23 -8.38 -12.95
N ARG D 975 16.50 -9.49 -12.78
CA ARG D 975 16.92 -10.76 -13.36
C ARG D 975 17.01 -10.65 -14.87
N ILE D 976 16.02 -10.03 -15.51
CA ILE D 976 16.05 -9.93 -16.97
C ILE D 976 17.13 -8.95 -17.41
N ALA D 977 17.30 -7.85 -16.68
CA ALA D 977 18.29 -6.85 -17.06
C ALA D 977 19.70 -7.42 -17.00
N MET D 978 19.95 -8.34 -16.07
CA MET D 978 21.25 -8.97 -16.02
C MET D 978 21.57 -9.70 -17.31
N GLN D 979 20.62 -10.49 -17.82
CA GLN D 979 20.83 -11.22 -19.06
C GLN D 979 20.99 -10.28 -20.24
N VAL D 980 20.16 -9.24 -20.31
CA VAL D 980 20.25 -8.30 -21.41
C VAL D 980 21.63 -7.65 -21.43
N GLU D 981 22.12 -7.26 -20.26
CA GLU D 981 23.42 -6.60 -20.20
C GLU D 981 24.55 -7.57 -20.53
N LEU D 982 24.42 -8.83 -20.08
CA LEU D 982 25.39 -9.85 -20.45
C LEU D 982 25.54 -9.93 -21.96
N HIS D 983 24.44 -10.15 -22.66
CA HIS D 983 24.53 -10.32 -24.11
C HIS D 983 24.93 -9.04 -24.81
N THR D 984 24.48 -7.88 -24.32
CA THR D 984 24.91 -6.62 -24.92
C THR D 984 26.42 -6.47 -24.85
N SER D 985 27.01 -6.75 -23.68
CA SER D 985 28.46 -6.66 -23.56
C SER D 985 29.16 -7.67 -24.46
N LEU D 986 28.60 -8.87 -24.57
CA LEU D 986 29.22 -9.87 -25.43
C LEU D 986 29.19 -9.46 -26.89
N GLU D 987 28.18 -8.71 -27.32
CA GLU D 987 28.08 -8.34 -28.73
C GLU D 987 29.15 -7.33 -29.13
N LYS D 988 29.55 -6.46 -28.20
CA LYS D 988 30.51 -5.42 -28.55
C LYS D 988 31.93 -5.94 -28.68
N LYS D 989 32.15 -7.24 -28.59
CA LYS D 989 33.50 -7.79 -28.67
C LYS D 989 33.66 -8.91 -29.68
N LEU D 990 32.57 -9.50 -30.16
CA LEU D 990 32.67 -10.55 -31.15
C LEU D 990 32.89 -9.95 -32.53
N PRO D 991 33.48 -10.72 -33.45
CA PRO D 991 33.67 -10.22 -34.82
C PRO D 991 32.36 -10.17 -35.60
N LEU D 992 32.34 -9.29 -36.60
CA LEU D 992 31.11 -9.04 -37.35
C LEU D 992 30.62 -10.28 -38.08
N TRP D 993 31.51 -10.94 -38.81
CA TRP D 993 31.11 -12.09 -39.60
C TRP D 993 30.54 -13.19 -38.72
N PHE D 994 31.06 -13.34 -37.51
CA PHE D 994 30.57 -14.38 -36.62
C PHE D 994 29.14 -14.10 -36.18
N LEU D 995 28.86 -12.84 -35.83
CA LEU D 995 27.49 -12.46 -35.49
C LEU D 995 26.57 -12.67 -36.68
N ARG D 996 27.03 -12.36 -37.88
CA ARG D 996 26.25 -12.66 -39.07
C ARG D 996 25.95 -14.15 -39.18
N LYS D 997 26.95 -14.98 -38.89
CA LYS D 997 26.81 -16.41 -39.10
C LYS D 997 25.85 -17.04 -38.09
N VAL D 998 25.93 -16.66 -36.82
CA VAL D 998 25.15 -17.35 -35.80
C VAL D 998 23.79 -16.74 -35.53
N ASP D 999 23.53 -15.52 -36.00
CA ASP D 999 22.26 -14.86 -35.74
C ASP D 999 21.13 -15.54 -36.53
N GLN D 1000 19.93 -15.48 -35.97
CA GLN D 1000 18.74 -16.02 -36.62
C GLN D 1000 17.67 -14.95 -36.73
N LYS D 1001 16.67 -15.23 -37.57
CA LYS D 1001 15.57 -14.30 -37.80
C LYS D 1001 14.24 -14.80 -37.27
N SER D 1002 14.13 -16.09 -36.95
CA SER D 1002 12.89 -16.66 -36.46
C SER D 1002 13.21 -17.98 -35.79
N THR D 1003 12.19 -18.56 -35.16
CA THR D 1003 12.38 -19.83 -34.48
C THR D 1003 11.07 -20.60 -34.53
N ILE D 1004 11.19 -21.92 -34.47
CA ILE D 1004 10.05 -22.83 -34.55
C ILE D 1004 10.07 -23.69 -33.30
N VAL D 1005 8.91 -23.87 -32.67
CA VAL D 1005 8.79 -24.60 -31.41
C VAL D 1005 7.65 -25.59 -31.52
N TYR D 1006 7.93 -26.85 -31.21
CA TYR D 1006 6.90 -27.87 -31.07
C TYR D 1006 6.66 -28.11 -29.59
N PRO D 1007 5.50 -27.74 -29.04
CA PRO D 1007 5.29 -27.92 -27.61
C PRO D 1007 5.28 -29.38 -27.17
N ASN D 1008 4.78 -30.28 -28.02
CA ASN D 1008 4.64 -31.68 -27.63
C ASN D 1008 5.99 -32.38 -27.52
N LYS D 1009 6.82 -32.24 -28.55
CA LYS D 1009 8.13 -32.88 -28.58
C LYS D 1009 8.98 -32.42 -27.40
N PRO D 1010 9.91 -33.25 -26.92
CA PRO D 1010 10.79 -32.91 -25.78
C PRO D 1010 11.61 -31.64 -26.02
N LYS D 1038 0.46 0.24 -9.64
CA LYS D 1038 0.90 0.74 -10.94
C LYS D 1038 -0.27 0.80 -11.93
N SER D 1039 -1.37 0.15 -11.57
CA SER D 1039 -2.56 0.22 -12.42
C SER D 1039 -3.42 1.44 -12.05
N LEU D 1040 -3.56 1.71 -10.76
CA LEU D 1040 -4.38 2.83 -10.32
C LEU D 1040 -3.85 4.15 -10.88
N GLU D 1041 -2.53 4.31 -10.90
CA GLU D 1041 -1.96 5.53 -11.45
C GLU D 1041 -2.30 5.68 -12.93
N MET D 1042 -2.22 4.57 -13.69
CA MET D 1042 -2.56 4.63 -15.09
C MET D 1042 -4.03 4.98 -15.30
N GLU D 1043 -4.91 4.40 -14.48
CA GLU D 1043 -6.33 4.70 -14.59
C GLU D 1043 -6.61 6.18 -14.33
N ILE D 1044 -6.04 6.71 -13.25
CA ILE D 1044 -6.32 8.11 -12.95
C ILE D 1044 -5.70 9.04 -13.98
N LEU D 1045 -4.59 8.62 -14.60
CA LEU D 1045 -4.02 9.41 -15.69
C LEU D 1045 -4.95 9.46 -16.88
N LYS D 1046 -5.47 8.30 -17.28
CA LYS D 1046 -6.39 8.26 -18.41
C LYS D 1046 -7.62 9.11 -18.14
N GLN D 1047 -8.17 9.02 -16.92
CA GLN D 1047 -9.37 9.81 -16.66
C GLN D 1047 -9.05 11.29 -16.51
N LYS D 1048 -7.83 11.64 -16.14
CA LYS D 1048 -7.43 13.05 -16.20
C LYS D 1048 -7.46 13.57 -17.63
N TYR D 1049 -6.93 12.79 -18.57
CA TYR D 1049 -6.99 13.20 -19.97
C TYR D 1049 -8.43 13.37 -20.43
N ARG D 1050 -9.29 12.42 -20.05
CA ARG D 1050 -10.70 12.53 -20.43
C ARG D 1050 -11.32 13.80 -19.87
N LEU D 1051 -11.01 14.13 -18.61
CA LEU D 1051 -11.57 15.33 -18.00
C LEU D 1051 -11.11 16.59 -18.72
N LYS D 1052 -9.86 16.61 -19.15
CA LYS D 1052 -9.39 17.79 -19.89
C LYS D 1052 -10.12 17.95 -21.21
N ASP D 1053 -10.33 16.86 -21.93
CA ASP D 1053 -11.10 16.95 -23.17
C ASP D 1053 -12.53 17.45 -22.89
N LEU D 1054 -13.12 16.98 -21.80
CA LEU D 1054 -14.46 17.44 -21.43
C LEU D 1054 -14.48 18.95 -21.22
N THR D 1055 -13.49 19.47 -20.48
CA THR D 1055 -13.42 20.91 -20.24
C THR D 1055 -13.32 21.69 -21.54
N PHE D 1056 -12.47 21.23 -22.46
CA PHE D 1056 -12.32 21.92 -23.74
C PHE D 1056 -13.65 22.00 -24.48
N LEU D 1057 -14.35 20.87 -24.57
CA LEU D 1057 -15.63 20.87 -25.29
C LEU D 1057 -16.63 21.79 -24.63
N LEU D 1058 -16.69 21.78 -23.29
CA LEU D 1058 -17.66 22.62 -22.60
C LEU D 1058 -17.39 24.10 -22.86
N GLU D 1059 -16.12 24.49 -22.96
CA GLU D 1059 -15.82 25.89 -23.22
C GLU D 1059 -16.25 26.30 -24.62
N LYS D 1060 -15.99 25.45 -25.62
CA LYS D 1060 -16.51 25.74 -26.95
C LYS D 1060 -18.01 25.93 -26.94
N GLN D 1061 -18.72 25.05 -26.23
CA GLN D 1061 -20.17 25.13 -26.18
C GLN D 1061 -20.63 26.45 -25.54
N HIS D 1062 -19.95 26.87 -24.48
CA HIS D 1062 -20.30 28.13 -23.83
C HIS D 1062 -20.18 29.29 -24.79
N GLU D 1063 -19.12 29.31 -25.58
CA GLU D 1063 -18.96 30.37 -26.58
C GLU D 1063 -20.12 30.37 -27.56
N LEU D 1064 -20.52 29.19 -28.03
CA LEU D 1064 -21.64 29.12 -28.98
C LEU D 1064 -22.93 29.69 -28.36
N ILE D 1065 -23.17 29.40 -27.09
CA ILE D 1065 -24.40 29.87 -26.45
C ILE D 1065 -24.40 31.38 -26.33
N LYS D 1066 -23.25 31.96 -25.97
CA LYS D 1066 -23.18 33.42 -25.92
C LYS D 1066 -23.44 34.03 -27.30
N LEU D 1067 -22.96 33.39 -28.35
CA LEU D 1067 -23.26 33.88 -29.70
C LEU D 1067 -24.76 33.85 -29.97
N ILE D 1068 -25.43 32.75 -29.60
CA ILE D 1068 -26.87 32.67 -29.77
C ILE D 1068 -27.55 33.87 -29.11
N ILE D 1069 -27.20 34.14 -27.85
CA ILE D 1069 -27.87 35.23 -27.14
C ILE D 1069 -27.61 36.55 -27.83
N GLN D 1070 -26.41 36.76 -28.37
CA GLN D 1070 -26.15 38.06 -28.94
C GLN D 1070 -26.66 38.20 -30.38
N LYS D 1071 -27.17 37.14 -30.99
CA LYS D 1071 -27.72 37.24 -32.34
C LYS D 1071 -29.24 37.10 -32.43
N MET D 1072 -29.91 36.61 -31.40
CA MET D 1072 -31.30 36.22 -31.51
C MET D 1072 -32.22 37.41 -31.75
N GLU D 1073 -33.49 37.12 -31.97
CA GLU D 1073 -34.53 38.13 -32.12
C GLU D 1073 -35.28 38.28 -30.81
N ILE D 1074 -35.53 39.52 -30.40
CA ILE D 1074 -36.27 39.82 -29.18
C ILE D 1074 -37.25 40.93 -29.53
N ILE D 1075 -38.54 40.64 -29.42
CA ILE D 1075 -39.56 41.60 -29.84
C ILE D 1075 -40.65 41.73 -28.78
N SER D 1076 -41.31 40.62 -28.45
CA SER D 1076 -42.42 40.68 -27.51
C SER D 1076 -41.91 40.75 -26.08
N GLU D 1077 -40.76 40.15 -25.79
CA GLU D 1077 -40.22 40.13 -24.45
C GLU D 1077 -39.20 41.23 -24.20
N THR D 1078 -39.31 42.36 -24.89
CA THR D 1078 -38.38 43.45 -24.65
C THR D 1078 -38.85 44.29 -23.47
N GLU D 1079 -37.92 45.00 -22.86
CA GLU D 1079 -38.21 45.77 -21.67
C GLU D 1079 -38.52 47.24 -22.00
#